data_7MGY
#
_entry.id   7MGY
#
_cell.length_a   112.784
_cell.length_b   112.784
_cell.length_c   310.198
_cell.angle_alpha   90.000
_cell.angle_beta   90.000
_cell.angle_gamma   90.000
#
_symmetry.space_group_name_H-M   'P 41 21 2'
#
loop_
_entity.id
_entity.type
_entity.pdbx_description
1 polymer 'Alpha-1,4-glucan:maltose-1-phosphate maltosyltransferase 1'
2 non-polymer '(1R,4S,5S,6R)-4-amino-5,6-dihydroxy-2-(hydroxymethyl)cyclohex-2-en-1-yl alpha-D-glucopyranoside'
3 non-polymer 'TRIETHYLENE GLYCOL'
4 non-polymer DI(HYDROXYETHYL)ETHER
5 water water
#
_entity_poly.entity_id   1
_entity_poly.type   'polypeptide(L)'
_entity_poly.pdbx_seq_one_letter_code
;MPATHHSSATSAERPTVVGRIPVLDVRPVVQRGRRPAKAVTGESFEVSATVFREGHDAVGANVVLRDPRGRPGPWTPMRE
LAPGTDRWGATVTAGETGTWSYTVEAWGDPVTTWRHHARIKIPAGLDTDLVLEEGARLYERAAADVPGREDRRELLAAVD
ALRDESRPAASRLAAALTPQVDAVLARHPLRDLVTSSDPLPLLVERERALYGAWYEFFPRSEGTPHTPHGTFRTAARRLP
AIAAMGFDVVYLPPIHPIGTTHRKGRNNTLSATGDDVGSPWAIGSPEGGHDSIHPALGTLDDFDHFVTEAGKLGLEIALD
FALQCSPDHPWVHKHPEWFHHRPDGTIAHAENPPKKYQDIYPIAFDADPDGLATETVRILRHWMDHGVRIFRVDNPHTKP
VAFWERVIADINGTDPDVIFLAEAFTRPAMMATLAQIGFQQSYTYFTWRNTKQELTEYLTELSGEAASYMRPNFFANTPD
ILHAYLQHGGRPAFEVRAVLAATLSPTWGIYSGYELCENTPLREGSEEYLDSEKYQLKPRDWTRAAREGTTIAPLVTRLN
TIRRENPALRQLRDLHFHPTDKEEVIAYSKRQGSNTVLVVVNLDPRHTQEATVSLDMPQLGLDWHESVPVRDELTGETYH
WGRANYVRLEPGRTPAHVCTVLRPSHPQIGGSHTTALHHHHHH
;
_entity_poly.pdbx_strand_id   A,B
#
loop_
_chem_comp.id
_chem_comp.type
_chem_comp.name
_chem_comp.formula
PEG non-polymer DI(HYDROXYETHYL)ETHER 'C4 H10 O3'
PGE non-polymer 'TRIETHYLENE GLYCOL' 'C6 H14 O4'
ZD1 non-polymer '(1R,4S,5S,6R)-4-amino-5,6-dihydroxy-2-(hydroxymethyl)cyclohex-2-en-1-yl alpha-D-glucopyranoside' 'C13 H23 N O9'
#
# COMPACT_ATOMS: atom_id res chain seq x y z
N PRO A 15 11.07 -22.21 -12.71
CA PRO A 15 11.69 -21.12 -11.94
C PRO A 15 10.73 -20.46 -10.93
N THR A 16 11.24 -20.10 -9.76
CA THR A 16 10.44 -19.55 -8.68
C THR A 16 10.45 -18.02 -8.73
N VAL A 17 9.35 -17.42 -8.30
CA VAL A 17 9.32 -15.95 -8.20
C VAL A 17 10.25 -15.49 -7.09
N VAL A 18 10.25 -16.18 -5.93
CA VAL A 18 11.08 -15.78 -4.80
C VAL A 18 12.45 -16.44 -4.93
N GLY A 19 13.50 -15.68 -4.62
CA GLY A 19 14.85 -16.20 -4.69
C GLY A 19 15.28 -16.86 -3.40
N ARG A 20 16.57 -17.23 -3.35
CA ARG A 20 17.09 -18.06 -2.26
C ARG A 20 17.00 -17.33 -0.91
N ILE A 21 17.40 -16.06 -0.88
CA ILE A 21 17.19 -15.17 0.25
C ILE A 21 16.13 -14.17 -0.18
N PRO A 22 14.90 -14.25 0.34
CA PRO A 22 13.82 -13.39 -0.14
C PRO A 22 14.16 -11.90 -0.12
N VAL A 23 13.96 -11.25 -1.27
CA VAL A 23 14.05 -9.80 -1.40
CA VAL A 23 14.05 -9.80 -1.40
C VAL A 23 12.73 -9.35 -2.03
N LEU A 24 11.89 -8.70 -1.24
CA LEU A 24 10.50 -8.45 -1.63
C LEU A 24 10.12 -6.98 -1.53
N ASP A 25 9.14 -6.59 -2.33
CA ASP A 25 8.51 -5.27 -2.28
C ASP A 25 9.54 -4.15 -2.13
N VAL A 26 10.42 -4.03 -3.13
CA VAL A 26 11.40 -2.95 -3.11
C VAL A 26 10.70 -1.63 -3.41
N ARG A 27 11.05 -0.61 -2.64
CA ARG A 27 10.51 0.73 -2.77
C ARG A 27 11.68 1.71 -2.81
N PRO A 28 11.49 2.88 -3.44
CA PRO A 28 10.22 3.35 -4.00
C PRO A 28 9.83 2.65 -5.29
N VAL A 29 8.52 2.61 -5.54
CA VAL A 29 8.00 2.04 -6.78
C VAL A 29 6.80 2.87 -7.21
N VAL A 30 6.67 3.07 -8.52
CA VAL A 30 5.60 3.87 -9.09
C VAL A 30 4.89 3.04 -10.14
N GLN A 31 3.59 2.83 -9.97
CA GLN A 31 2.77 2.07 -10.93
C GLN A 31 3.39 0.70 -11.21
N ARG A 32 3.77 0.03 -10.13
CA ARG A 32 4.34 -1.32 -10.13
C ARG A 32 5.61 -1.42 -10.96
N GLY A 33 6.30 -0.31 -11.16
CA GLY A 33 7.54 -0.30 -11.89
C GLY A 33 7.42 0.14 -13.33
N ARG A 34 6.21 0.47 -13.80
CA ARG A 34 6.05 0.90 -15.18
C ARG A 34 6.32 2.39 -15.37
N ARG A 35 6.49 3.16 -14.30
CA ARG A 35 6.94 4.54 -14.38
C ARG A 35 8.11 4.71 -13.43
N PRO A 36 9.02 5.64 -13.70
CA PRO A 36 10.18 5.80 -12.82
C PRO A 36 9.85 6.54 -11.54
N ALA A 37 10.50 6.13 -10.46
CA ALA A 37 10.62 6.98 -9.29
C ALA A 37 11.50 8.17 -9.65
N LYS A 38 11.39 9.23 -8.86
CA LYS A 38 12.02 10.50 -9.19
C LYS A 38 13.09 10.87 -8.19
N ALA A 39 14.10 11.61 -8.67
CA ALA A 39 15.03 12.30 -7.79
C ALA A 39 15.65 13.43 -8.60
N VAL A 40 16.45 14.26 -7.94
CA VAL A 40 17.27 15.23 -8.65
C VAL A 40 18.73 15.01 -8.27
N THR A 41 19.62 15.53 -9.09
CA THR A 41 21.05 15.47 -8.82
C THR A 41 21.35 15.94 -7.40
N GLY A 42 22.09 15.11 -6.66
CA GLY A 42 22.49 15.42 -5.31
C GLY A 42 21.44 15.16 -4.28
N GLU A 43 20.25 14.67 -4.65
CA GLU A 43 19.20 14.38 -3.69
C GLU A 43 19.37 12.97 -3.12
N SER A 44 19.30 12.85 -1.81
CA SER A 44 19.31 11.56 -1.12
C SER A 44 17.89 11.05 -0.91
N PHE A 45 17.72 9.72 -0.94
CA PHE A 45 16.45 9.10 -0.58
C PHE A 45 16.70 7.65 -0.20
N GLU A 46 15.73 7.07 0.51
CA GLU A 46 15.86 5.73 1.05
C GLU A 46 15.28 4.67 0.10
N VAL A 47 16.09 3.65 -0.21
CA VAL A 47 15.63 2.46 -0.93
C VAL A 47 15.40 1.40 0.13
N SER A 48 14.23 0.77 0.11
CA SER A 48 13.86 -0.20 1.14
C SER A 48 13.34 -1.47 0.51
N ALA A 49 13.31 -2.53 1.30
CA ALA A 49 12.89 -3.84 0.83
C ALA A 49 12.53 -4.68 2.04
N THR A 50 11.76 -5.73 1.79
CA THR A 50 11.50 -6.74 2.81
C THR A 50 12.45 -7.91 2.56
N VAL A 51 13.30 -8.18 3.55
CA VAL A 51 14.39 -9.15 3.43
C VAL A 51 14.38 -10.02 4.68
N PHE A 52 14.49 -11.33 4.50
CA PHE A 52 14.59 -12.27 5.59
C PHE A 52 15.06 -13.60 5.02
N ARG A 53 15.33 -14.56 5.90
CA ARG A 53 15.63 -15.91 5.47
C ARG A 53 14.96 -16.88 6.42
N GLU A 54 14.99 -18.16 6.03
CA GLU A 54 14.54 -19.25 6.87
C GLU A 54 15.60 -19.53 7.94
N GLY A 55 15.16 -19.98 9.10
CA GLY A 55 16.09 -20.17 10.20
C GLY A 55 16.41 -18.86 10.89
N HIS A 56 17.42 -18.91 11.75
CA HIS A 56 17.73 -17.77 12.61
C HIS A 56 19.13 -17.20 12.42
N ASP A 57 19.87 -17.62 11.39
CA ASP A 57 21.14 -16.96 11.10
C ASP A 57 20.90 -15.58 10.49
N ALA A 58 21.95 -14.75 10.53
CA ALA A 58 21.84 -13.36 10.16
C ALA A 58 21.82 -13.19 8.63
N VAL A 59 21.07 -12.20 8.17
CA VAL A 59 21.10 -11.81 6.77
C VAL A 59 21.74 -10.43 6.65
N GLY A 60 22.27 -10.15 5.47
CA GLY A 60 22.72 -8.80 5.14
C GLY A 60 22.06 -8.38 3.84
N ALA A 61 22.11 -7.09 3.55
CA ALA A 61 21.48 -6.57 2.35
C ALA A 61 22.19 -5.27 1.94
N ASN A 62 22.11 -4.95 0.65
CA ASN A 62 22.77 -3.76 0.11
C ASN A 62 22.02 -3.31 -1.13
N VAL A 63 22.08 -2.00 -1.38
CA VAL A 63 21.45 -1.39 -2.54
C VAL A 63 22.50 -1.18 -3.62
N VAL A 64 22.20 -1.60 -4.84
CA VAL A 64 23.07 -1.38 -5.97
C VAL A 64 22.37 -0.37 -6.87
N LEU A 65 22.87 0.88 -6.85
CA LEU A 65 22.38 1.96 -7.70
C LEU A 65 23.27 2.06 -8.93
N ARG A 66 22.68 1.93 -10.13
CA ARG A 66 23.42 1.99 -11.39
C ARG A 66 23.07 3.26 -12.18
N ASP A 67 24.09 3.89 -12.77
CA ASP A 67 23.90 5.15 -13.48
C ASP A 67 23.43 4.85 -14.90
N PRO A 68 23.22 5.88 -15.75
CA PRO A 68 22.72 5.60 -17.12
C PRO A 68 23.63 4.69 -17.92
N ARG A 69 24.93 4.62 -17.60
CA ARG A 69 25.83 3.69 -18.28
C ARG A 69 25.88 2.31 -17.61
N GLY A 70 25.08 2.08 -16.57
CA GLY A 70 25.10 0.81 -15.89
C GLY A 70 26.17 0.66 -14.85
N ARG A 71 26.85 1.72 -14.49
CA ARG A 71 27.94 1.62 -13.55
C ARG A 71 27.41 1.62 -12.12
N PRO A 72 27.82 0.66 -11.30
CA PRO A 72 27.26 0.56 -9.95
C PRO A 72 27.87 1.60 -9.04
N GLY A 73 27.09 2.02 -8.06
CA GLY A 73 27.54 2.99 -7.09
C GLY A 73 28.35 2.31 -6.01
N PRO A 74 28.68 3.04 -4.94
CA PRO A 74 29.46 2.45 -3.85
C PRO A 74 28.70 1.35 -3.12
N TRP A 75 29.47 0.56 -2.36
CA TRP A 75 28.91 -0.39 -1.40
C TRP A 75 27.97 0.36 -0.48
N THR A 76 26.72 -0.10 -0.41
CA THR A 76 25.65 0.63 0.26
C THR A 76 24.85 -0.38 1.08
N PRO A 77 25.38 -0.79 2.24
CA PRO A 77 24.69 -1.80 3.05
C PRO A 77 23.43 -1.23 3.69
N MET A 78 22.41 -2.06 3.75
CA MET A 78 21.18 -1.71 4.44
C MET A 78 21.17 -2.26 5.85
N ARG A 79 20.19 -1.78 6.62
CA ARG A 79 19.97 -2.20 7.99
C ARG A 79 18.48 -2.43 8.16
N GLU A 80 18.13 -3.33 9.09
CA GLU A 80 16.72 -3.50 9.43
C GLU A 80 16.22 -2.22 10.09
N LEU A 81 15.07 -1.71 9.62
CA LEU A 81 14.67 -0.37 10.02
C LEU A 81 13.96 -0.31 11.38
N ALA A 82 13.47 -1.43 11.88
CA ALA A 82 12.76 -1.51 13.14
C ALA A 82 12.75 -2.97 13.53
N PRO A 83 12.95 -3.31 14.82
CA PRO A 83 13.06 -4.73 15.20
C PRO A 83 11.83 -5.54 14.80
N GLY A 84 12.07 -6.76 14.33
CA GLY A 84 10.99 -7.68 14.03
C GLY A 84 10.13 -7.35 12.82
N THR A 85 10.48 -6.33 12.03
CA THR A 85 9.70 -5.98 10.85
C THR A 85 10.22 -6.59 9.56
N ASP A 86 11.48 -7.03 9.52
CA ASP A 86 12.11 -7.53 8.30
C ASP A 86 12.08 -6.52 7.17
N ARG A 87 11.91 -5.23 7.50
CA ARG A 87 11.97 -4.14 6.54
C ARG A 87 13.34 -3.49 6.64
N TRP A 88 14.08 -3.48 5.55
CA TRP A 88 15.46 -3.01 5.51
C TRP A 88 15.53 -1.75 4.66
N GLY A 89 16.50 -0.87 4.96
CA GLY A 89 16.65 0.36 4.18
C GLY A 89 18.09 0.82 4.10
N ALA A 90 18.36 1.64 3.09
CA ALA A 90 19.64 2.36 3.01
C ALA A 90 19.41 3.61 2.17
N THR A 91 20.22 4.64 2.45
CA THR A 91 20.09 5.91 1.76
C THR A 91 21.01 5.91 0.55
N VAL A 92 20.47 6.27 -0.61
CA VAL A 92 21.27 6.43 -1.82
C VAL A 92 21.23 7.89 -2.24
N THR A 93 22.18 8.28 -3.09
CA THR A 93 22.28 9.65 -3.56
C THR A 93 22.40 9.67 -5.07
N ALA A 94 21.50 10.41 -5.71
CA ALA A 94 21.47 10.49 -7.16
C ALA A 94 22.59 11.39 -7.66
N GLY A 95 23.17 11.01 -8.79
CA GLY A 95 24.23 11.82 -9.38
C GLY A 95 23.77 12.61 -10.60
N GLU A 96 24.46 12.40 -11.72
CA GLU A 96 24.12 13.07 -12.96
C GLU A 96 22.71 12.73 -13.43
N THR A 97 22.12 13.64 -14.20
CA THR A 97 20.78 13.45 -14.73
C THR A 97 20.75 12.27 -15.70
N GLY A 98 19.58 11.64 -15.80
CA GLY A 98 19.35 10.60 -16.77
C GLY A 98 18.53 9.51 -16.13
N THR A 99 18.43 8.38 -16.80
CA THR A 99 17.65 7.24 -16.31
C THR A 99 18.59 6.24 -15.63
N TRP A 100 18.42 6.09 -14.33
CA TRP A 100 19.18 5.19 -13.47
C TRP A 100 18.32 3.98 -13.14
N SER A 101 18.90 3.04 -12.39
CA SER A 101 18.15 1.89 -11.92
C SER A 101 18.71 1.49 -10.56
N TYR A 102 17.92 0.73 -9.80
CA TYR A 102 18.43 0.21 -8.54
C TYR A 102 17.86 -1.18 -8.29
N THR A 103 18.68 -2.00 -7.62
CA THR A 103 18.29 -3.31 -7.14
C THR A 103 18.68 -3.42 -5.67
N VAL A 104 18.07 -4.37 -4.98
CA VAL A 104 18.47 -4.76 -3.64
C VAL A 104 19.00 -6.19 -3.71
N GLU A 105 20.16 -6.41 -3.13
CA GLU A 105 20.75 -7.73 -3.00
C GLU A 105 20.68 -8.14 -1.53
N ALA A 106 20.31 -9.39 -1.30
CA ALA A 106 20.28 -9.94 0.05
C ALA A 106 21.10 -11.21 0.08
N TRP A 107 21.57 -11.55 1.27
CA TRP A 107 22.57 -12.59 1.38
C TRP A 107 22.61 -13.12 2.81
N GLY A 108 23.01 -14.38 2.93
CA GLY A 108 23.43 -14.91 4.21
C GLY A 108 24.71 -14.22 4.68
N ASP A 109 24.75 -13.89 5.96
CA ASP A 109 25.90 -13.21 6.57
C ASP A 109 26.62 -14.14 7.54
N PRO A 110 27.50 -15.02 7.05
CA PRO A 110 28.11 -16.01 7.96
C PRO A 110 29.08 -15.43 8.97
N VAL A 111 29.76 -14.33 8.65
CA VAL A 111 30.71 -13.76 9.59
C VAL A 111 29.97 -13.16 10.78
N THR A 112 28.89 -12.41 10.53
CA THR A 112 28.10 -11.88 11.64
C THR A 112 27.51 -13.01 12.48
N THR A 113 26.99 -14.04 11.82
CA THR A 113 26.39 -15.16 12.54
C THR A 113 27.41 -15.83 13.46
N TRP A 114 28.61 -16.07 12.95
CA TRP A 114 29.65 -16.74 13.74
C TRP A 114 30.14 -15.86 14.88
N ARG A 115 30.37 -14.57 14.61
CA ARG A 115 30.83 -13.66 15.66
C ARG A 115 29.82 -13.59 16.80
N HIS A 116 28.52 -13.55 16.49
CA HIS A 116 27.53 -13.56 17.56
C HIS A 116 27.62 -14.84 18.39
N HIS A 117 27.76 -15.98 17.74
CA HIS A 117 27.85 -17.26 18.46
C HIS A 117 29.12 -17.30 19.32
N ALA A 118 30.27 -16.92 18.72
CA ALA A 118 31.55 -17.01 19.42
C ALA A 118 31.61 -16.10 20.64
N ARG A 119 31.01 -14.92 20.55
CA ARG A 119 30.98 -13.99 21.69
C ARG A 119 30.23 -14.58 22.88
N ILE A 120 29.26 -15.44 22.64
CA ILE A 120 28.56 -16.09 23.74
C ILE A 120 29.28 -17.36 24.20
N LYS A 121 29.75 -18.17 23.25
CA LYS A 121 30.27 -19.49 23.59
C LYS A 121 31.66 -19.41 24.25
N ILE A 122 32.56 -18.62 23.68
CA ILE A 122 33.95 -18.64 24.14
C ILE A 122 34.08 -18.20 25.59
N PRO A 123 33.45 -17.10 26.05
CA PRO A 123 33.53 -16.76 27.49
C PRO A 123 32.99 -17.83 28.42
N ALA A 124 32.00 -18.61 28.01
CA ALA A 124 31.47 -19.70 28.81
C ALA A 124 32.25 -21.00 28.61
N GLY A 125 33.28 -20.97 27.78
CA GLY A 125 34.02 -22.19 27.49
C GLY A 125 33.18 -23.30 26.90
N LEU A 126 32.23 -22.97 26.03
CA LEU A 126 31.37 -23.97 25.40
C LEU A 126 31.81 -24.19 23.94
N ASP A 127 32.05 -25.47 23.58
CA ASP A 127 32.44 -25.84 22.21
C ASP A 127 33.61 -24.99 21.69
N THR A 128 34.56 -24.66 22.57
CA THR A 128 35.52 -23.62 22.21
C THR A 128 36.37 -24.01 21.01
N ASP A 129 36.94 -25.21 21.01
CA ASP A 129 37.77 -25.62 19.87
C ASP A 129 36.96 -25.66 18.59
N LEU A 130 35.76 -26.22 18.66
CA LEU A 130 34.89 -26.32 17.49
C LEU A 130 34.49 -24.94 16.98
N VAL A 131 34.09 -24.03 17.88
CA VAL A 131 33.65 -22.70 17.45
C VAL A 131 34.82 -21.91 16.87
N LEU A 132 36.00 -22.01 17.48
CA LEU A 132 37.16 -21.31 16.92
C LEU A 132 37.53 -21.88 15.55
N GLU A 133 37.46 -23.22 15.38
CA GLU A 133 37.78 -23.81 14.06
C GLU A 133 36.77 -23.38 13.01
N GLU A 134 35.49 -23.25 13.40
CA GLU A 134 34.48 -22.75 12.46
C GLU A 134 34.82 -21.35 11.97
N GLY A 135 35.29 -20.47 12.86
CA GLY A 135 35.74 -19.16 12.44
C GLY A 135 36.97 -19.21 11.54
N ALA A 136 37.92 -20.10 11.86
CA ALA A 136 39.15 -20.20 11.08
C ALA A 136 38.85 -20.56 9.63
N ARG A 137 38.04 -21.61 9.41
CA ARG A 137 37.81 -22.03 8.03
C ARG A 137 36.86 -21.06 7.32
N LEU A 138 36.04 -20.32 8.08
CA LEU A 138 35.19 -19.27 7.51
C LEU A 138 36.03 -18.10 6.97
N TYR A 139 36.97 -17.61 7.77
CA TYR A 139 37.86 -16.54 7.31
C TYR A 139 38.73 -17.02 6.15
N GLU A 140 39.06 -18.31 6.14
CA GLU A 140 39.73 -18.90 4.99
C GLU A 140 38.83 -18.82 3.75
N ARG A 141 37.53 -19.12 3.93
CA ARG A 141 36.56 -18.96 2.86
C ARG A 141 36.46 -17.51 2.39
N ALA A 142 36.43 -16.56 3.34
CA ALA A 142 36.38 -15.15 2.96
C ALA A 142 37.63 -14.73 2.19
N ALA A 143 38.80 -15.26 2.58
CA ALA A 143 40.04 -14.92 1.89
C ALA A 143 40.10 -15.42 0.45
N ALA A 144 39.28 -16.43 0.10
CA ALA A 144 39.41 -17.07 -1.20
C ALA A 144 39.16 -16.09 -2.32
N ASP A 145 38.32 -15.08 -2.06
CA ASP A 145 37.85 -14.12 -3.04
C ASP A 145 38.56 -12.79 -2.94
N VAL A 146 39.57 -12.68 -2.09
CA VAL A 146 40.26 -11.42 -1.86
C VAL A 146 41.41 -11.32 -2.87
N PRO A 147 41.42 -10.32 -3.76
CA PRO A 147 42.46 -10.28 -4.81
C PRO A 147 43.83 -9.83 -4.32
N GLY A 148 43.89 -8.99 -3.28
CA GLY A 148 45.14 -8.39 -2.85
C GLY A 148 45.92 -9.28 -1.91
N ARG A 149 47.21 -9.48 -2.22
CA ARG A 149 48.06 -10.39 -1.46
C ARG A 149 48.13 -9.99 0.01
N GLU A 150 48.22 -8.69 0.29
CA GLU A 150 48.35 -8.24 1.67
C GLU A 150 47.03 -8.36 2.44
N ASP A 151 45.89 -8.18 1.76
CA ASP A 151 44.62 -8.41 2.43
C ASP A 151 44.41 -9.88 2.75
N ARG A 152 44.72 -10.77 1.80
CA ARG A 152 44.72 -12.21 2.08
C ARG A 152 45.63 -12.54 3.26
N ARG A 153 46.84 -11.95 3.32
CA ARG A 153 47.74 -12.26 4.43
C ARG A 153 47.18 -11.76 5.76
N GLU A 154 46.40 -10.67 5.73
CA GLU A 154 45.73 -10.17 6.94
C GLU A 154 44.71 -11.17 7.47
N LEU A 155 43.83 -11.68 6.59
CA LEU A 155 42.84 -12.65 7.04
C LEU A 155 43.52 -13.94 7.45
N LEU A 156 44.53 -14.39 6.70
CA LEU A 156 45.22 -15.63 7.07
C LEU A 156 45.95 -15.49 8.40
N ALA A 157 46.37 -14.27 8.75
CA ALA A 157 46.90 -14.04 10.08
C ALA A 157 45.85 -14.33 11.14
N ALA A 158 44.61 -13.89 10.91
CA ALA A 158 43.53 -14.18 11.87
C ALA A 158 43.16 -15.65 11.85
N VAL A 159 43.17 -16.28 10.66
CA VAL A 159 43.01 -17.72 10.57
C VAL A 159 44.02 -18.42 11.47
N ASP A 160 45.29 -18.02 11.34
CA ASP A 160 46.34 -18.74 12.05
C ASP A 160 46.21 -18.53 13.55
N ALA A 161 45.79 -17.34 13.97
CA ALA A 161 45.60 -17.08 15.40
C ALA A 161 44.42 -17.85 15.96
N LEU A 162 43.34 -17.96 15.17
CA LEU A 162 42.18 -18.73 15.58
C LEU A 162 42.53 -20.18 15.82
N ARG A 163 43.44 -20.73 15.03
CA ARG A 163 43.86 -22.12 15.11
C ARG A 163 45.00 -22.35 16.07
N ASP A 164 45.52 -21.31 16.71
CA ASP A 164 46.70 -21.41 17.58
C ASP A 164 46.30 -21.97 18.93
N GLU A 165 46.40 -23.29 19.06
CA GLU A 165 46.01 -23.97 20.30
C GLU A 165 46.97 -23.71 21.46
N SER A 166 48.13 -23.08 21.20
CA SER A 166 49.07 -22.69 22.25
C SER A 166 48.83 -21.28 22.78
N ARG A 167 47.62 -20.77 22.62
CA ARG A 167 47.30 -19.39 22.93
C ARG A 167 45.96 -19.40 23.64
N PRO A 168 45.73 -18.48 24.59
CA PRO A 168 44.45 -18.49 25.31
C PRO A 168 43.27 -18.34 24.36
N ALA A 169 42.17 -19.05 24.67
CA ALA A 169 40.98 -19.03 23.82
C ALA A 169 40.48 -17.60 23.60
N ALA A 170 40.51 -16.75 24.63
CA ALA A 170 40.08 -15.36 24.45
C ALA A 170 40.95 -14.64 23.43
N SER A 171 42.25 -14.93 23.43
CA SER A 171 43.15 -14.26 22.49
C SER A 171 42.96 -14.79 21.07
N ARG A 172 42.71 -16.09 20.94
CA ARG A 172 42.42 -16.66 19.63
C ARG A 172 41.21 -15.98 19.01
N LEU A 173 40.15 -15.81 19.80
CA LEU A 173 38.96 -15.12 19.33
C LEU A 173 39.27 -13.66 19.00
N ALA A 174 39.91 -12.95 19.95
CA ALA A 174 40.16 -11.52 19.77
C ALA A 174 40.89 -11.24 18.46
N ALA A 175 41.80 -12.14 18.06
CA ALA A 175 42.54 -11.94 16.83
C ALA A 175 41.63 -11.90 15.60
N ALA A 176 40.44 -12.48 15.70
CA ALA A 176 39.52 -12.43 14.57
C ALA A 176 38.71 -11.15 14.53
N LEU A 177 38.80 -10.30 15.56
CA LEU A 177 37.90 -9.16 15.69
C LEU A 177 38.63 -7.81 15.65
N THR A 178 39.83 -7.77 15.05
CA THR A 178 40.61 -6.52 15.05
C THR A 178 40.13 -5.57 13.96
N PRO A 179 40.39 -4.27 14.13
CA PRO A 179 40.12 -3.33 13.03
C PRO A 179 40.78 -3.71 11.71
N GLN A 180 42.00 -4.26 11.76
CA GLN A 180 42.68 -4.66 10.53
C GLN A 180 41.90 -5.74 9.79
N VAL A 181 41.25 -6.65 10.54
CA VAL A 181 40.41 -7.67 9.93
C VAL A 181 39.14 -7.04 9.36
N ASP A 182 38.43 -6.24 10.18
CA ASP A 182 37.20 -5.58 9.74
C ASP A 182 37.39 -4.81 8.44
N ALA A 183 38.52 -4.10 8.34
CA ALA A 183 38.81 -3.32 7.14
C ALA A 183 38.85 -4.20 5.90
N VAL A 184 39.48 -5.37 5.99
CA VAL A 184 39.56 -6.26 4.83
C VAL A 184 38.15 -6.73 4.45
N LEU A 185 37.33 -7.06 5.46
CA LEU A 185 35.99 -7.59 5.20
C LEU A 185 34.99 -6.51 4.78
N ALA A 186 35.22 -5.25 5.16
CA ALA A 186 34.34 -4.19 4.65
C ALA A 186 34.51 -3.99 3.15
N ARG A 187 35.69 -4.30 2.62
CA ARG A 187 36.00 -4.17 1.20
C ARG A 187 35.79 -5.47 0.43
N HIS A 188 35.65 -6.59 1.13
CA HIS A 188 35.37 -7.88 0.52
C HIS A 188 34.49 -8.71 1.46
N PRO A 189 33.27 -8.26 1.77
CA PRO A 189 32.43 -9.03 2.70
C PRO A 189 32.08 -10.39 2.12
N LEU A 190 31.95 -11.37 3.02
CA LEU A 190 31.61 -12.74 2.61
C LEU A 190 30.08 -12.82 2.61
N ARG A 191 29.51 -12.81 1.42
CA ARG A 191 28.07 -12.84 1.22
C ARG A 191 27.71 -14.19 0.65
N ASP A 192 26.86 -14.94 1.33
CA ASP A 192 26.42 -16.24 0.86
C ASP A 192 25.03 -16.16 0.23
N LEU A 193 24.82 -16.95 -0.82
CA LEU A 193 23.49 -17.14 -1.38
C LEU A 193 22.91 -15.82 -1.88
N VAL A 194 23.79 -14.98 -2.46
CA VAL A 194 23.39 -13.64 -2.87
C VAL A 194 22.21 -13.72 -3.82
N THR A 195 21.16 -12.96 -3.50
CA THR A 195 19.90 -12.94 -4.24
C THR A 195 19.54 -11.49 -4.56
N SER A 196 19.13 -11.22 -5.80
CA SER A 196 18.88 -9.84 -6.22
C SER A 196 17.42 -9.65 -6.62
N SER A 197 16.89 -8.46 -6.35
CA SER A 197 15.64 -8.03 -6.96
C SER A 197 15.86 -7.70 -8.44
N ASP A 198 14.76 -7.65 -9.18
CA ASP A 198 14.81 -7.13 -10.54
C ASP A 198 14.91 -5.60 -10.53
N PRO A 199 15.61 -5.00 -11.48
CA PRO A 199 15.85 -3.55 -11.45
C PRO A 199 14.56 -2.73 -11.47
N LEU A 200 14.58 -1.59 -10.72
CA LEU A 200 13.54 -0.57 -10.77
C LEU A 200 14.10 0.73 -11.36
N PRO A 201 13.30 1.49 -12.09
CA PRO A 201 13.81 2.70 -12.75
C PRO A 201 13.77 3.95 -11.88
N LEU A 202 14.77 4.79 -12.09
CA LEU A 202 14.86 6.08 -11.40
C LEU A 202 15.17 7.16 -12.43
N LEU A 203 14.35 8.19 -12.48
CA LEU A 203 14.58 9.34 -13.37
C LEU A 203 15.22 10.44 -12.54
N VAL A 204 16.48 10.76 -12.83
CA VAL A 204 17.18 11.84 -12.16
C VAL A 204 17.14 13.08 -13.04
N GLU A 205 16.68 14.18 -12.49
CA GLU A 205 16.50 15.43 -13.22
C GLU A 205 17.32 16.53 -12.57
N ARG A 206 17.35 17.69 -13.22
CA ARG A 206 18.19 18.78 -12.74
C ARG A 206 17.63 19.34 -11.44
N GLU A 207 18.52 19.97 -10.66
CA GLU A 207 18.19 20.49 -9.32
C GLU A 207 16.94 21.37 -9.31
N ARG A 208 16.77 22.20 -10.33
CA ARG A 208 15.63 23.13 -10.38
C ARG A 208 14.29 22.41 -10.38
N ALA A 209 14.24 21.14 -10.81
CA ALA A 209 12.99 20.40 -10.76
C ALA A 209 12.50 20.30 -9.32
N LEU A 210 13.43 20.16 -8.37
CA LEU A 210 13.07 20.06 -6.95
C LEU A 210 13.16 21.38 -6.20
N TYR A 211 14.12 22.25 -6.55
CA TYR A 211 14.53 23.37 -5.71
C TYR A 211 14.47 24.67 -6.49
N GLY A 212 13.79 25.67 -5.93
CA GLY A 212 13.76 26.99 -6.56
C GLY A 212 12.70 27.90 -6.00
N ALA A 213 12.93 29.22 -6.08
CA ALA A 213 11.95 30.23 -5.66
C ALA A 213 11.33 30.90 -6.89
N TRP A 214 10.00 30.91 -6.96
CA TRP A 214 9.26 31.34 -8.14
C TRP A 214 8.51 32.63 -7.86
N TYR A 215 8.45 33.52 -8.86
CA TYR A 215 7.72 34.79 -8.76
C TYR A 215 6.88 34.97 -10.01
N GLU A 216 5.57 35.14 -9.83
CA GLU A 216 4.64 35.32 -10.93
C GLU A 216 4.25 36.79 -11.05
N PHE A 217 4.34 37.36 -12.26
CA PHE A 217 3.77 38.68 -12.46
C PHE A 217 3.26 38.82 -13.89
N PHE A 218 2.40 39.84 -14.09
CA PHE A 218 1.78 40.14 -15.38
C PHE A 218 2.57 41.24 -16.07
N PRO A 219 3.30 40.96 -17.14
CA PRO A 219 4.02 42.05 -17.82
C PRO A 219 3.13 43.24 -18.19
N ARG A 220 1.88 42.98 -18.61
CA ARG A 220 1.05 44.08 -19.06
C ARG A 220 0.77 45.09 -17.94
N SER A 221 0.89 44.70 -16.67
CA SER A 221 0.62 45.67 -15.60
C SER A 221 1.76 46.64 -15.37
N GLU A 222 2.94 46.39 -15.95
CA GLU A 222 4.11 47.22 -15.70
C GLU A 222 4.32 48.17 -16.88
N GLY A 223 3.39 49.11 -17.00
CA GLY A 223 3.32 50.11 -18.06
C GLY A 223 3.77 51.48 -17.59
N THR A 224 3.30 52.52 -18.28
CA THR A 224 3.63 53.91 -18.01
C THR A 224 2.36 54.74 -18.04
N PRO A 225 2.38 55.95 -17.46
CA PRO A 225 1.19 56.80 -17.55
C PRO A 225 0.74 57.05 -18.98
N HIS A 226 1.68 57.21 -19.92
CA HIS A 226 1.28 57.44 -21.31
C HIS A 226 0.77 56.16 -21.97
N THR A 227 1.34 55.00 -21.61
CA THR A 227 0.97 53.71 -22.19
C THR A 227 0.76 52.72 -21.05
N PRO A 228 -0.46 52.64 -20.53
CA PRO A 228 -0.71 51.81 -19.35
C PRO A 228 -0.38 50.35 -19.58
N HIS A 229 -0.62 49.83 -20.78
CA HIS A 229 -0.34 48.43 -21.05
C HIS A 229 1.17 48.24 -21.15
N GLY A 230 1.74 47.51 -20.21
CA GLY A 230 3.16 47.24 -20.25
C GLY A 230 3.58 46.51 -21.51
N THR A 231 4.85 46.62 -21.83
CA THR A 231 5.46 45.85 -22.89
C THR A 231 6.53 44.94 -22.27
N PHE A 232 7.11 44.05 -23.08
CA PHE A 232 8.24 43.30 -22.56
C PHE A 232 9.39 44.22 -22.23
N ARG A 233 9.52 45.33 -22.95
CA ARG A 233 10.59 46.28 -22.69
C ARG A 233 10.38 47.03 -21.38
N THR A 234 9.13 47.45 -21.09
CA THR A 234 8.90 48.09 -19.80
C THR A 234 8.87 47.08 -18.66
N ALA A 235 8.22 45.92 -18.85
CA ALA A 235 8.16 44.91 -17.79
C ALA A 235 9.54 44.42 -17.38
N ALA A 236 10.52 44.46 -18.30
CA ALA A 236 11.88 44.06 -17.95
C ALA A 236 12.43 44.87 -16.79
N ARG A 237 11.86 46.04 -16.52
CA ARG A 237 12.34 46.86 -15.41
C ARG A 237 12.00 46.25 -14.05
N ARG A 238 11.07 45.30 -14.00
CA ARG A 238 10.78 44.59 -12.76
C ARG A 238 11.83 43.56 -12.43
N LEU A 239 12.61 43.11 -13.41
CA LEU A 239 13.49 41.97 -13.20
C LEU A 239 14.56 42.23 -12.14
N PRO A 240 15.21 43.39 -12.06
CA PRO A 240 16.18 43.60 -10.96
C PRO A 240 15.58 43.38 -9.58
N ALA A 241 14.38 43.90 -9.34
CA ALA A 241 13.76 43.75 -8.03
C ALA A 241 13.46 42.29 -7.73
N ILE A 242 12.99 41.55 -8.75
CA ILE A 242 12.66 40.13 -8.58
C ILE A 242 13.93 39.35 -8.26
N ALA A 243 15.02 39.63 -8.98
CA ALA A 243 16.26 38.92 -8.71
C ALA A 243 16.82 39.30 -7.35
N ALA A 244 16.66 40.57 -6.96
CA ALA A 244 17.14 41.02 -5.66
C ALA A 244 16.33 40.42 -4.51
N MET A 245 15.08 40.01 -4.75
CA MET A 245 14.39 39.26 -3.71
C MET A 245 14.84 37.81 -3.64
N GLY A 246 15.77 37.39 -4.50
CA GLY A 246 16.30 36.02 -4.41
C GLY A 246 15.47 34.96 -5.09
N PHE A 247 14.63 35.33 -6.05
CA PHE A 247 13.90 34.34 -6.83
C PHE A 247 14.77 33.78 -7.96
N ASP A 248 14.41 32.58 -8.42
CA ASP A 248 15.12 31.88 -9.50
C ASP A 248 14.30 31.76 -10.77
N VAL A 249 12.97 31.80 -10.67
CA VAL A 249 12.07 31.56 -11.79
C VAL A 249 11.04 32.67 -11.82
N VAL A 250 10.85 33.24 -13.00
CA VAL A 250 9.76 34.18 -13.28
C VAL A 250 8.69 33.44 -14.08
N TYR A 251 7.49 33.32 -13.50
CA TYR A 251 6.38 32.68 -14.18
C TYR A 251 5.48 33.78 -14.75
N LEU A 252 5.30 33.76 -16.09
CA LEU A 252 4.45 34.73 -16.79
C LEU A 252 3.12 34.09 -17.16
N PRO A 253 1.96 34.72 -16.89
CA PRO A 253 0.70 34.28 -17.52
C PRO A 253 0.81 34.34 -19.03
N PRO A 254 -0.12 33.76 -19.78
CA PRO A 254 0.02 33.70 -21.25
C PRO A 254 0.36 35.05 -21.89
N ILE A 255 1.27 35.01 -22.85
CA ILE A 255 1.83 36.22 -23.47
C ILE A 255 1.32 36.39 -24.91
N HIS A 256 0.24 35.72 -25.26
CA HIS A 256 -0.24 35.65 -26.63
C HIS A 256 -1.34 36.69 -26.87
N PRO A 257 -1.79 36.86 -28.13
CA PRO A 257 -2.98 37.67 -28.35
C PRO A 257 -4.18 37.12 -27.58
N ILE A 258 -5.10 38.02 -27.25
CA ILE A 258 -6.27 37.71 -26.44
C ILE A 258 -7.53 37.98 -27.23
N GLY A 259 -8.49 37.04 -27.19
CA GLY A 259 -9.68 37.15 -28.00
C GLY A 259 -10.52 38.36 -27.62
N THR A 260 -11.41 38.74 -28.54
CA THR A 260 -12.37 39.81 -28.26
C THR A 260 -13.79 39.30 -28.10
N THR A 261 -14.16 38.22 -28.81
CA THR A 261 -15.47 37.61 -28.66
C THR A 261 -15.65 37.03 -27.26
N HIS A 262 -16.66 37.51 -26.53
CA HIS A 262 -16.95 37.07 -25.16
C HIS A 262 -15.81 37.41 -24.21
N ARG A 263 -15.01 38.41 -24.53
CA ARG A 263 -13.96 38.84 -23.60
C ARG A 263 -14.59 39.26 -22.27
N LYS A 264 -13.96 38.84 -21.18
CA LYS A 264 -14.49 39.17 -19.87
C LYS A 264 -14.07 40.58 -19.47
N GLY A 265 -14.92 41.22 -18.68
CA GLY A 265 -14.62 42.53 -18.14
C GLY A 265 -13.99 42.45 -16.76
N ARG A 266 -13.82 43.62 -16.15
CA ARG A 266 -13.25 43.68 -14.80
C ARG A 266 -14.08 42.86 -13.82
N ASN A 267 -13.38 42.28 -12.84
CA ASN A 267 -13.97 41.48 -11.77
C ASN A 267 -14.78 40.31 -12.31
N ASN A 268 -14.28 39.70 -13.39
CA ASN A 268 -14.87 38.48 -13.93
C ASN A 268 -16.32 38.73 -14.37
N THR A 269 -16.58 39.93 -14.91
CA THR A 269 -17.89 40.19 -15.51
C THR A 269 -17.89 39.74 -16.96
N LEU A 270 -19.09 39.53 -17.51
CA LEU A 270 -19.15 38.79 -18.76
C LEU A 270 -18.92 39.64 -19.99
N SER A 271 -19.02 40.97 -19.88
CA SER A 271 -18.94 41.85 -21.04
C SER A 271 -17.84 42.87 -20.81
N ALA A 272 -16.75 42.74 -21.57
CA ALA A 272 -15.72 43.77 -21.56
C ALA A 272 -16.26 45.02 -22.22
N THR A 273 -15.85 46.18 -21.71
CA THR A 273 -16.27 47.45 -22.29
C THR A 273 -15.06 48.30 -22.58
N GLY A 274 -14.94 48.75 -23.81
CA GLY A 274 -13.99 49.78 -24.17
C GLY A 274 -12.56 49.33 -24.16
N ASP A 275 -11.84 49.74 -23.13
CA ASP A 275 -10.40 49.49 -23.01
C ASP A 275 -10.08 48.23 -22.23
N ASP A 276 -11.09 47.43 -21.87
CA ASP A 276 -10.84 46.24 -21.05
C ASP A 276 -9.88 45.29 -21.75
N VAL A 277 -8.90 44.78 -20.99
CA VAL A 277 -7.81 44.00 -21.56
C VAL A 277 -8.11 42.51 -21.67
N GLY A 278 -9.13 42.03 -20.97
CA GLY A 278 -9.49 40.62 -21.02
C GLY A 278 -8.56 39.78 -20.15
N SER A 279 -8.87 38.48 -20.10
CA SER A 279 -8.02 37.49 -19.44
C SER A 279 -6.94 36.99 -20.40
N PRO A 280 -5.68 36.92 -19.96
CA PRO A 280 -4.63 36.38 -20.83
C PRO A 280 -4.86 34.93 -21.21
N TRP A 281 -5.65 34.19 -20.42
CA TRP A 281 -5.90 32.78 -20.72
C TRP A 281 -6.88 32.59 -21.88
N ALA A 282 -7.48 33.68 -22.37
CA ALA A 282 -8.39 33.61 -23.52
C ALA A 282 -7.56 33.79 -24.79
N ILE A 283 -6.80 32.75 -25.11
CA ILE A 283 -5.70 32.86 -26.05
C ILE A 283 -6.22 32.83 -27.49
N GLY A 284 -5.74 33.75 -28.31
CA GLY A 284 -5.91 33.66 -29.75
C GLY A 284 -6.79 34.75 -30.35
N SER A 285 -6.36 35.24 -31.50
CA SER A 285 -7.08 36.24 -32.26
C SER A 285 -6.60 36.13 -33.70
N PRO A 286 -7.16 36.86 -34.66
CA PRO A 286 -6.53 36.91 -35.98
C PRO A 286 -5.08 37.35 -35.93
N GLU A 287 -4.63 37.98 -34.84
CA GLU A 287 -3.23 38.39 -34.75
C GLU A 287 -2.31 37.22 -34.40
N GLY A 288 -2.85 36.05 -34.08
CA GLY A 288 -1.98 34.94 -33.77
C GLY A 288 -2.47 34.10 -32.61
N GLY A 289 -1.91 32.90 -32.47
CA GLY A 289 -2.30 32.00 -31.41
C GLY A 289 -1.17 31.76 -30.43
N HIS A 290 -1.02 30.50 -30.02
CA HIS A 290 -0.16 30.10 -28.92
C HIS A 290 1.33 30.28 -29.23
N ASP A 291 1.70 30.47 -30.49
CA ASP A 291 3.09 30.70 -30.87
C ASP A 291 3.37 32.17 -31.18
N SER A 292 2.47 33.07 -30.78
CA SER A 292 2.57 34.48 -31.12
C SER A 292 2.63 35.33 -29.86
N ILE A 293 3.10 36.56 -30.03
CA ILE A 293 3.15 37.54 -28.94
C ILE A 293 1.97 38.49 -29.06
N HIS A 294 1.32 38.78 -27.94
CA HIS A 294 0.31 39.84 -27.88
C HIS A 294 0.88 41.14 -28.46
N PRO A 295 0.20 41.78 -29.43
CA PRO A 295 0.75 43.01 -30.02
C PRO A 295 1.07 44.09 -29.01
N ALA A 296 0.29 44.21 -27.93
CA ALA A 296 0.60 45.25 -26.95
C ALA A 296 1.81 44.92 -26.08
N LEU A 297 2.26 43.67 -26.10
CA LEU A 297 3.48 43.34 -25.36
C LEU A 297 4.73 43.58 -26.20
N GLY A 298 4.60 43.61 -27.53
CA GLY A 298 5.73 43.83 -28.40
C GLY A 298 5.88 42.70 -29.41
N THR A 299 7.12 42.39 -29.73
CA THR A 299 7.43 41.38 -30.73
C THR A 299 8.19 40.22 -30.10
N LEU A 300 8.39 39.18 -30.92
CA LEU A 300 9.25 38.09 -30.53
C LEU A 300 10.64 38.58 -30.14
N ASP A 301 11.18 39.58 -30.87
CA ASP A 301 12.47 40.16 -30.51
C ASP A 301 12.43 40.82 -29.15
N ASP A 302 11.33 41.50 -28.83
CA ASP A 302 11.19 42.08 -27.49
C ASP A 302 11.17 40.99 -26.44
N PHE A 303 10.50 39.87 -26.75
CA PHE A 303 10.48 38.76 -25.79
C PHE A 303 11.88 38.22 -25.58
N ASP A 304 12.65 38.06 -26.68
CA ASP A 304 14.04 37.63 -26.59
C ASP A 304 14.84 38.56 -25.69
N HIS A 305 14.61 39.88 -25.82
CA HIS A 305 15.30 40.84 -24.96
C HIS A 305 14.96 40.57 -23.50
N PHE A 306 13.68 40.34 -23.21
CA PHE A 306 13.23 40.05 -21.85
C PHE A 306 13.93 38.82 -21.30
N VAL A 307 13.92 37.71 -22.06
CA VAL A 307 14.58 36.48 -21.65
C VAL A 307 16.06 36.71 -21.41
N THR A 308 16.72 37.43 -22.31
CA THR A 308 18.15 37.70 -22.15
C THR A 308 18.42 38.50 -20.88
N GLU A 309 17.65 39.56 -20.66
CA GLU A 309 17.86 40.38 -19.46
C GLU A 309 17.57 39.59 -18.20
N ALA A 310 16.53 38.74 -18.24
CA ALA A 310 16.26 37.85 -17.11
C ALA A 310 17.45 36.95 -16.84
N GLY A 311 18.00 36.34 -17.89
CA GLY A 311 19.08 35.38 -17.69
C GLY A 311 20.32 36.02 -17.12
N LYS A 312 20.63 37.26 -17.56
CA LYS A 312 21.75 38.01 -17.00
C LYS A 312 21.61 38.22 -15.50
N LEU A 313 20.38 38.22 -14.98
CA LEU A 313 20.16 38.39 -13.55
C LEU A 313 20.01 37.07 -12.81
N GLY A 314 20.25 35.95 -13.49
CA GLY A 314 20.06 34.66 -12.88
C GLY A 314 18.64 34.19 -12.80
N LEU A 315 17.76 34.71 -13.65
CA LEU A 315 16.35 34.35 -13.65
C LEU A 315 16.03 33.49 -14.86
N GLU A 316 15.34 32.38 -14.62
CA GLU A 316 14.78 31.54 -15.67
C GLU A 316 13.32 31.93 -15.90
N ILE A 317 12.87 31.85 -17.15
CA ILE A 317 11.48 32.15 -17.50
C ILE A 317 10.70 30.85 -17.55
N ALA A 318 9.55 30.82 -16.86
CA ALA A 318 8.51 29.80 -17.03
C ALA A 318 7.32 30.44 -17.73
N LEU A 319 6.92 29.89 -18.88
CA LEU A 319 5.73 30.37 -19.56
C LEU A 319 4.52 29.51 -19.23
N ASP A 320 3.36 30.12 -19.25
CA ASP A 320 2.12 29.41 -19.00
C ASP A 320 1.71 28.69 -20.29
N PHE A 321 1.32 27.41 -20.19
CA PHE A 321 0.82 26.67 -21.34
C PHE A 321 -0.62 26.26 -21.06
N ALA A 322 -1.54 26.87 -21.79
CA ALA A 322 -2.97 26.75 -21.55
C ALA A 322 -3.61 26.23 -22.84
N LEU A 323 -3.85 24.92 -22.92
CA LEU A 323 -4.33 24.30 -24.15
C LEU A 323 -5.85 24.48 -24.25
N GLN A 324 -6.24 25.62 -24.84
CA GLN A 324 -7.62 26.12 -24.97
C GLN A 324 -7.56 27.32 -25.92
N CYS A 325 -8.73 27.82 -26.33
CA CYS A 325 -8.84 28.84 -27.38
C CYS A 325 -9.92 29.86 -27.04
N SER A 326 -9.62 31.14 -27.26
CA SER A 326 -10.73 32.10 -27.44
C SER A 326 -11.49 31.76 -28.71
N PRO A 327 -12.73 32.25 -28.85
CA PRO A 327 -13.48 31.99 -30.08
C PRO A 327 -12.86 32.61 -31.33
N ASP A 328 -11.87 33.50 -31.18
CA ASP A 328 -11.21 34.16 -32.30
C ASP A 328 -9.88 33.51 -32.67
N HIS A 329 -9.47 32.48 -31.95
CA HIS A 329 -8.23 31.77 -32.29
C HIS A 329 -8.36 31.14 -33.68
N PRO A 330 -7.32 31.22 -34.51
CA PRO A 330 -7.37 30.57 -35.83
C PRO A 330 -7.73 29.09 -35.82
N TRP A 331 -7.40 28.35 -34.74
CA TRP A 331 -7.74 26.93 -34.71
C TRP A 331 -9.23 26.70 -34.84
N VAL A 332 -10.06 27.65 -34.40
CA VAL A 332 -11.50 27.40 -34.35
C VAL A 332 -12.05 27.09 -35.74
N HIS A 333 -11.52 27.74 -36.77
CA HIS A 333 -11.96 27.41 -38.11
C HIS A 333 -10.95 26.57 -38.88
N LYS A 334 -9.65 26.64 -38.56
CA LYS A 334 -8.70 25.74 -39.21
C LYS A 334 -8.84 24.31 -38.73
N HIS A 335 -9.08 24.09 -37.45
CA HIS A 335 -9.14 22.73 -36.88
C HIS A 335 -10.42 22.54 -36.07
N PRO A 336 -11.59 22.63 -36.71
CA PRO A 336 -12.84 22.48 -35.94
C PRO A 336 -12.89 21.19 -35.15
N GLU A 337 -12.21 20.13 -35.63
CA GLU A 337 -12.25 18.83 -34.96
C GLU A 337 -11.44 18.81 -33.66
N TRP A 338 -10.78 19.91 -33.29
CA TRP A 338 -10.15 20.02 -31.98
C TRP A 338 -11.12 20.56 -30.93
N PHE A 339 -12.43 20.61 -31.21
CA PHE A 339 -13.42 21.07 -30.26
C PHE A 339 -14.65 20.17 -30.35
N HIS A 340 -15.42 20.12 -29.27
CA HIS A 340 -16.73 19.47 -29.28
C HIS A 340 -17.78 20.47 -29.76
N HIS A 341 -18.61 20.05 -30.71
CA HIS A 341 -19.68 20.87 -31.26
C HIS A 341 -21.05 20.30 -30.93
N ARG A 342 -22.00 21.22 -30.71
CA ARG A 342 -23.40 20.86 -30.56
C ARG A 342 -24.03 20.77 -31.94
N PRO A 343 -25.29 20.32 -32.04
CA PRO A 343 -25.85 20.03 -33.38
C PRO A 343 -26.04 21.27 -34.25
N ASP A 344 -26.04 22.48 -33.70
CA ASP A 344 -26.00 23.68 -34.52
C ASP A 344 -24.58 24.10 -34.83
N GLY A 345 -23.60 23.25 -34.54
CA GLY A 345 -22.23 23.56 -34.85
C GLY A 345 -21.53 24.50 -33.87
N THR A 346 -22.24 25.02 -32.87
CA THR A 346 -21.58 25.90 -31.91
C THR A 346 -20.81 25.09 -30.88
N ILE A 347 -19.80 25.73 -30.29
CA ILE A 347 -18.95 25.11 -29.26
C ILE A 347 -19.33 25.72 -27.92
N ALA A 348 -19.70 24.88 -26.95
CA ALA A 348 -19.99 25.37 -25.60
C ALA A 348 -18.72 25.92 -24.94
N HIS A 349 -18.85 27.01 -24.17
CA HIS A 349 -17.68 27.56 -23.49
C HIS A 349 -17.21 26.59 -22.39
N ALA A 350 -15.93 26.71 -22.04
CA ALA A 350 -15.33 25.80 -21.09
C ALA A 350 -15.85 26.09 -19.68
N GLU A 351 -15.80 25.06 -18.83
CA GLU A 351 -16.27 25.16 -17.46
C GLU A 351 -15.36 24.34 -16.57
N ASN A 352 -15.40 24.68 -15.27
CA ASN A 352 -14.67 23.95 -14.25
C ASN A 352 -15.46 24.12 -12.95
N PRO A 353 -16.59 23.41 -12.82
CA PRO A 353 -17.60 23.76 -11.81
C PRO A 353 -16.98 23.91 -10.43
N PRO A 354 -17.37 24.94 -9.67
CA PRO A 354 -18.47 25.86 -10.00
C PRO A 354 -18.11 27.01 -10.93
N LYS A 355 -16.90 27.04 -11.46
CA LYS A 355 -16.48 28.18 -12.25
C LYS A 355 -16.76 27.97 -13.73
N LYS A 356 -16.96 29.09 -14.42
CA LYS A 356 -17.30 29.13 -15.83
C LYS A 356 -16.32 30.01 -16.58
N TYR A 357 -15.94 29.57 -17.77
CA TYR A 357 -14.95 30.27 -18.59
C TYR A 357 -15.61 30.69 -19.90
N GLN A 358 -16.54 31.65 -19.82
CA GLN A 358 -17.33 32.07 -20.97
C GLN A 358 -16.49 32.57 -22.13
N ASP A 359 -15.25 33.00 -21.87
CA ASP A 359 -14.39 33.60 -22.88
C ASP A 359 -13.55 32.58 -23.67
N ILE A 360 -13.67 31.28 -23.38
CA ILE A 360 -12.85 30.28 -24.05
C ILE A 360 -13.65 29.04 -24.43
N TYR A 361 -13.13 28.29 -25.41
CA TYR A 361 -13.51 26.93 -25.77
C TYR A 361 -12.50 25.94 -25.26
N PRO A 362 -12.96 24.81 -24.69
CA PRO A 362 -12.03 23.74 -24.34
C PRO A 362 -11.70 22.90 -25.56
N ILE A 363 -10.51 22.32 -25.53
CA ILE A 363 -10.06 21.46 -26.63
C ILE A 363 -10.64 20.06 -26.45
N ALA A 364 -10.98 19.42 -27.56
CA ALA A 364 -11.47 18.05 -27.59
C ALA A 364 -10.39 17.17 -28.19
N PHE A 365 -10.18 15.97 -27.62
CA PHE A 365 -8.97 15.20 -27.95
C PHE A 365 -9.24 13.91 -28.72
N ASP A 366 -10.48 13.58 -29.00
CA ASP A 366 -10.78 12.24 -29.51
C ASP A 366 -11.00 12.20 -31.02
N ALA A 367 -11.05 13.35 -31.71
CA ALA A 367 -11.08 13.34 -33.17
C ALA A 367 -9.69 13.26 -33.77
N ASP A 368 -8.73 14.04 -33.26
CA ASP A 368 -7.40 14.15 -33.86
C ASP A 368 -6.33 14.24 -32.78
N PRO A 369 -6.14 13.18 -31.98
CA PRO A 369 -5.11 13.24 -30.93
C PRO A 369 -3.70 13.38 -31.48
N ASP A 370 -3.41 12.82 -32.65
CA ASP A 370 -2.07 12.95 -33.20
C ASP A 370 -1.80 14.38 -33.63
N GLY A 371 -2.77 15.03 -34.27
CA GLY A 371 -2.57 16.40 -34.69
C GLY A 371 -2.36 17.32 -33.50
N LEU A 372 -3.10 17.08 -32.42
CA LEU A 372 -2.99 17.92 -31.23
C LEU A 372 -1.64 17.71 -30.53
N ALA A 373 -1.15 16.47 -30.47
CA ALA A 373 0.16 16.23 -29.88
C ALA A 373 1.24 16.90 -30.72
N THR A 374 1.17 16.74 -32.04
CA THR A 374 2.15 17.35 -32.92
C THR A 374 2.19 18.87 -32.77
N GLU A 375 1.02 19.48 -32.75
CA GLU A 375 0.97 20.93 -32.66
C GLU A 375 1.41 21.40 -31.27
N THR A 376 1.04 20.64 -30.22
CA THR A 376 1.45 21.01 -28.87
C THR A 376 2.97 20.98 -28.73
N VAL A 377 3.62 19.92 -29.21
CA VAL A 377 5.07 19.87 -29.01
C VAL A 377 5.77 20.85 -29.94
N ARG A 378 5.14 21.19 -31.08
CA ARG A 378 5.65 22.26 -31.92
C ARG A 378 5.59 23.61 -31.20
N ILE A 379 4.48 23.91 -30.54
CA ILE A 379 4.41 25.16 -29.79
C ILE A 379 5.46 25.17 -28.68
N LEU A 380 5.58 24.05 -27.95
CA LEU A 380 6.53 24.04 -26.84
C LEU A 380 7.95 24.21 -27.34
N ARG A 381 8.29 23.55 -28.45
CA ARG A 381 9.65 23.68 -28.98
C ARG A 381 9.92 25.08 -29.52
N HIS A 382 8.88 25.78 -29.99
CA HIS A 382 9.07 27.17 -30.37
C HIS A 382 9.52 28.03 -29.17
N TRP A 383 8.84 27.91 -28.03
CA TRP A 383 9.25 28.72 -26.87
C TRP A 383 10.58 28.21 -26.28
N MET A 384 10.81 26.89 -26.31
CA MET A 384 12.11 26.31 -25.97
C MET A 384 13.26 26.88 -26.81
N ASP A 385 13.04 27.07 -28.11
CA ASP A 385 14.05 27.72 -28.94
C ASP A 385 14.29 29.17 -28.57
N HIS A 386 13.33 29.82 -27.91
CA HIS A 386 13.55 31.15 -27.38
C HIS A 386 13.89 31.13 -25.90
N GLY A 387 14.49 30.04 -25.42
CA GLY A 387 15.07 30.00 -24.09
C GLY A 387 14.14 29.69 -22.94
N VAL A 388 12.90 29.28 -23.21
CA VAL A 388 11.98 28.88 -22.16
C VAL A 388 12.16 27.38 -21.92
N ARG A 389 12.67 27.02 -20.74
CA ARG A 389 12.91 25.62 -20.39
C ARG A 389 11.98 25.13 -19.28
N ILE A 390 10.98 25.93 -18.92
CA ILE A 390 10.02 25.58 -17.88
C ILE A 390 8.63 25.99 -18.35
N PHE A 391 7.65 25.10 -18.18
CA PHE A 391 6.26 25.40 -18.53
C PHE A 391 5.35 25.14 -17.35
N ARG A 392 4.54 26.14 -17.04
CA ARG A 392 3.46 26.01 -16.07
C ARG A 392 2.22 25.65 -16.86
N VAL A 393 1.71 24.44 -16.66
CA VAL A 393 0.62 23.91 -17.48
C VAL A 393 -0.70 24.18 -16.78
N ASP A 394 -1.53 25.00 -17.42
CA ASP A 394 -2.79 25.47 -16.84
C ASP A 394 -3.85 24.36 -16.90
N ASN A 395 -4.55 24.15 -15.78
CA ASN A 395 -5.63 23.16 -15.68
C ASN A 395 -5.30 21.87 -16.42
N PRO A 396 -4.19 21.20 -16.14
CA PRO A 396 -3.91 19.96 -16.88
C PRO A 396 -4.99 18.89 -16.72
N HIS A 397 -5.72 18.86 -15.60
CA HIS A 397 -6.71 17.81 -15.35
C HIS A 397 -7.97 17.92 -16.22
N THR A 398 -8.09 18.94 -17.09
CA THR A 398 -9.19 18.94 -18.06
C THR A 398 -8.74 18.47 -19.42
N LYS A 399 -7.50 17.99 -19.54
CA LYS A 399 -6.98 17.38 -20.75
C LYS A 399 -6.56 15.96 -20.40
N PRO A 400 -6.55 15.02 -21.35
CA PRO A 400 -6.32 13.61 -20.99
C PRO A 400 -4.96 13.37 -20.34
N VAL A 401 -4.98 12.54 -19.28
CA VAL A 401 -3.75 12.18 -18.59
C VAL A 401 -2.72 11.62 -19.56
N ALA A 402 -3.14 10.69 -20.42
CA ALA A 402 -2.21 10.09 -21.37
C ALA A 402 -1.77 11.08 -22.45
N PHE A 403 -2.52 12.15 -22.66
CA PHE A 403 -2.03 13.19 -23.56
C PHE A 403 -0.77 13.83 -22.97
N TRP A 404 -0.82 14.22 -21.71
CA TRP A 404 0.37 14.80 -21.07
C TRP A 404 1.50 13.78 -21.01
N GLU A 405 1.18 12.52 -20.70
CA GLU A 405 2.22 11.50 -20.70
C GLU A 405 2.98 11.50 -22.02
N ARG A 406 2.25 11.58 -23.14
CA ARG A 406 2.89 11.52 -24.44
C ARG A 406 3.68 12.79 -24.74
N VAL A 407 3.07 13.95 -24.46
CA VAL A 407 3.71 15.23 -24.76
C VAL A 407 4.99 15.37 -23.93
N ILE A 408 4.92 15.05 -22.64
CA ILE A 408 6.10 15.21 -21.78
C ILE A 408 7.20 14.24 -22.19
N ALA A 409 6.83 13.01 -22.54
CA ALA A 409 7.88 12.10 -22.98
C ALA A 409 8.51 12.56 -24.30
N ASP A 410 7.71 13.13 -25.21
CA ASP A 410 8.25 13.65 -26.47
C ASP A 410 9.24 14.78 -26.20
N ILE A 411 8.82 15.79 -25.45
CA ILE A 411 9.68 16.94 -25.18
C ILE A 411 10.93 16.52 -24.41
N ASN A 412 10.75 15.77 -23.31
CA ASN A 412 11.92 15.40 -22.52
C ASN A 412 12.81 14.40 -23.26
N GLY A 413 12.27 13.70 -24.27
CA GLY A 413 13.09 12.78 -25.02
C GLY A 413 14.20 13.49 -25.78
N THR A 414 13.90 14.68 -26.31
CA THR A 414 14.95 15.49 -26.94
C THR A 414 15.60 16.48 -25.99
N ASP A 415 14.86 16.94 -24.99
CA ASP A 415 15.29 18.04 -24.10
C ASP A 415 14.94 17.67 -22.67
N PRO A 416 15.73 16.79 -22.05
CA PRO A 416 15.37 16.32 -20.70
C PRO A 416 15.39 17.40 -19.63
N ASP A 417 15.94 18.58 -19.92
CA ASP A 417 16.00 19.63 -18.91
C ASP A 417 14.68 20.36 -18.73
N VAL A 418 13.72 20.22 -19.67
CA VAL A 418 12.50 21.01 -19.61
C VAL A 418 11.67 20.58 -18.39
N ILE A 419 11.22 21.55 -17.61
CA ILE A 419 10.44 21.29 -16.39
C ILE A 419 8.99 21.65 -16.65
N PHE A 420 8.09 20.72 -16.33
CA PHE A 420 6.64 20.93 -16.43
C PHE A 420 6.02 20.99 -15.04
N LEU A 421 5.24 22.01 -14.78
CA LEU A 421 4.54 22.20 -13.51
C LEU A 421 3.03 22.07 -13.74
N ALA A 422 2.39 21.16 -13.00
CA ALA A 422 0.98 20.86 -13.15
C ALA A 422 0.15 21.72 -12.19
N GLU A 423 -0.66 22.63 -12.75
CA GLU A 423 -1.62 23.40 -11.94
C GLU A 423 -2.93 22.61 -11.81
N ALA A 424 -2.86 21.50 -11.09
CA ALA A 424 -4.04 20.65 -10.93
C ALA A 424 -4.52 20.72 -9.47
N PHE A 425 -5.46 21.63 -9.21
CA PHE A 425 -6.15 21.70 -7.92
C PHE A 425 -7.40 20.85 -8.07
N THR A 426 -7.27 19.57 -7.74
CA THR A 426 -8.41 18.70 -7.98
C THR A 426 -8.38 17.54 -7.00
N ARG A 427 -8.97 16.42 -7.35
CA ARG A 427 -9.01 15.30 -6.42
C ARG A 427 -7.65 14.60 -6.36
N PRO A 428 -7.37 13.85 -5.28
CA PRO A 428 -6.02 13.30 -5.09
C PRO A 428 -5.53 12.34 -6.17
N ALA A 429 -6.40 11.45 -6.66
CA ALA A 429 -5.94 10.47 -7.65
C ALA A 429 -5.39 11.17 -8.91
N MET A 430 -6.11 12.16 -9.43
CA MET A 430 -5.64 12.85 -10.64
C MET A 430 -4.35 13.62 -10.38
N MET A 431 -4.26 14.27 -9.22
CA MET A 431 -3.07 15.01 -8.83
C MET A 431 -1.86 14.07 -8.76
N ALA A 432 -2.05 12.91 -8.13
CA ALA A 432 -0.96 11.93 -8.04
C ALA A 432 -0.61 11.37 -9.41
N THR A 433 -1.61 11.03 -10.21
CA THR A 433 -1.36 10.40 -11.50
C THR A 433 -0.61 11.34 -12.45
N LEU A 434 -0.97 12.61 -12.48
CA LEU A 434 -0.26 13.57 -13.34
C LEU A 434 1.22 13.66 -13.00
N ALA A 435 1.56 13.75 -11.71
CA ALA A 435 2.96 13.67 -11.30
C ALA A 435 3.60 12.37 -11.77
N GLN A 436 2.91 11.25 -11.57
CA GLN A 436 3.48 9.95 -11.89
C GLN A 436 3.73 9.77 -13.38
N ILE A 437 2.94 10.40 -14.26
CA ILE A 437 3.17 10.20 -15.69
C ILE A 437 4.19 11.17 -16.26
N GLY A 438 4.77 12.03 -15.43
CA GLY A 438 5.91 12.81 -15.88
C GLY A 438 6.00 14.26 -15.47
N PHE A 439 4.96 14.85 -14.87
CA PHE A 439 5.08 16.26 -14.47
C PHE A 439 6.17 16.40 -13.42
N GLN A 440 7.16 17.25 -13.71
CA GLN A 440 8.29 17.44 -12.79
C GLN A 440 7.84 18.02 -11.46
N GLN A 441 6.85 18.91 -11.48
CA GLN A 441 6.37 19.61 -10.29
C GLN A 441 4.86 19.64 -10.33
N SER A 442 4.27 19.81 -9.13
CA SER A 442 2.83 19.88 -8.96
C SER A 442 2.49 21.06 -8.05
N TYR A 443 1.43 21.79 -8.40
CA TYR A 443 0.79 22.58 -7.37
C TYR A 443 0.14 21.64 -6.36
N THR A 444 -0.15 22.17 -5.17
CA THR A 444 -0.53 21.35 -4.03
C THR A 444 -1.73 21.97 -3.29
N TYR A 445 -2.16 21.30 -2.21
CA TYR A 445 -3.21 21.82 -1.33
C TYR A 445 -2.69 22.86 -0.32
N PHE A 446 -1.47 23.38 -0.51
CA PHE A 446 -0.81 24.17 0.53
C PHE A 446 -1.67 25.32 1.05
N THR A 447 -2.26 26.11 0.15
CA THR A 447 -3.02 27.29 0.56
C THR A 447 -4.17 26.93 1.48
N TRP A 448 -4.68 25.69 1.42
CA TRP A 448 -5.78 25.26 2.27
C TRP A 448 -5.31 24.40 3.44
N ARG A 449 -4.03 24.53 3.80
CA ARG A 449 -3.50 23.83 4.97
C ARG A 449 -2.90 24.90 5.87
N ASN A 450 -3.64 25.28 6.91
CA ASN A 450 -3.34 26.47 7.71
C ASN A 450 -3.25 26.25 9.21
N THR A 451 -3.88 25.22 9.76
CA THR A 451 -3.69 24.87 11.16
C THR A 451 -2.48 23.95 11.32
N LYS A 452 -2.02 23.80 12.56
CA LYS A 452 -0.88 22.93 12.81
C LYS A 452 -1.16 21.50 12.38
N GLN A 453 -2.34 20.98 12.71
CA GLN A 453 -2.68 19.62 12.32
C GLN A 453 -2.69 19.49 10.80
N GLU A 454 -3.29 20.47 10.12
CA GLU A 454 -3.35 20.48 8.66
C GLU A 454 -1.96 20.46 8.03
N LEU A 455 -1.09 21.35 8.49
CA LEU A 455 0.26 21.44 7.92
C LEU A 455 1.06 20.18 8.22
N THR A 456 0.93 19.65 9.44
CA THR A 456 1.71 18.49 9.83
C THR A 456 1.30 17.26 9.03
N GLU A 457 -0.01 17.02 8.91
CA GLU A 457 -0.47 15.86 8.15
C GLU A 457 -0.09 15.99 6.68
N TYR A 458 -0.27 17.17 6.09
CA TYR A 458 -0.04 17.28 4.66
C TYR A 458 1.44 17.20 4.33
N LEU A 459 2.28 17.88 5.11
CA LEU A 459 3.71 17.80 4.84
C LEU A 459 4.27 16.40 5.13
N THR A 460 3.69 15.69 6.11
CA THR A 460 4.05 14.28 6.31
C THR A 460 3.75 13.46 5.05
N GLU A 461 2.59 13.69 4.44
CA GLU A 461 2.27 13.05 3.17
C GLU A 461 3.27 13.44 2.08
N LEU A 462 3.48 14.76 1.88
CA LEU A 462 4.30 15.21 0.75
C LEU A 462 5.77 14.80 0.91
N SER A 463 6.28 14.78 2.14
CA SER A 463 7.66 14.39 2.34
C SER A 463 7.84 12.89 2.46
N GLY A 464 6.75 12.12 2.46
CA GLY A 464 6.79 10.67 2.60
C GLY A 464 6.74 9.95 1.27
N GLU A 465 5.77 9.05 1.08
CA GLU A 465 5.78 8.26 -0.15
C GLU A 465 5.49 9.10 -1.39
N ALA A 466 4.75 10.21 -1.25
CA ALA A 466 4.48 11.05 -2.41
C ALA A 466 5.76 11.55 -3.06
N ALA A 467 6.84 11.67 -2.28
CA ALA A 467 8.07 12.27 -2.79
C ALA A 467 8.78 11.38 -3.80
N SER A 468 8.42 10.10 -3.90
N SER A 468 8.41 10.09 -3.87
CA SER A 468 8.98 9.26 -4.95
CA SER A 468 8.93 9.23 -4.92
C SER A 468 8.41 9.58 -6.33
C SER A 468 8.50 9.72 -6.30
N TYR A 469 7.33 10.37 -6.40
CA TYR A 469 6.80 10.74 -7.70
C TYR A 469 6.38 12.20 -7.80
N MET A 470 6.38 12.99 -6.73
CA MET A 470 5.92 14.34 -6.98
C MET A 470 6.79 15.34 -6.22
N ARG A 471 6.97 16.49 -6.85
CA ARG A 471 7.73 17.59 -6.28
C ARG A 471 6.80 18.78 -6.07
N PRO A 472 6.58 19.22 -4.84
CA PRO A 472 5.62 20.30 -4.59
C PRO A 472 6.18 21.68 -4.88
N ASN A 473 5.33 22.55 -5.46
CA ASN A 473 5.62 23.97 -5.57
C ASN A 473 4.62 24.71 -4.69
N PHE A 474 5.08 25.22 -3.54
CA PHE A 474 4.23 25.92 -2.56
C PHE A 474 4.09 27.39 -2.92
N PHE A 475 3.16 27.70 -3.83
CA PHE A 475 2.72 29.08 -4.03
C PHE A 475 1.84 29.48 -2.84
N ALA A 476 2.28 30.46 -2.06
CA ALA A 476 1.50 30.89 -0.91
C ALA A 476 0.24 31.63 -1.33
N ASN A 477 0.22 32.14 -2.56
CA ASN A 477 -0.99 32.67 -3.19
C ASN A 477 -0.87 32.42 -4.68
N THR A 478 -2.01 32.52 -5.38
CA THR A 478 -1.98 32.60 -6.85
C THR A 478 -3.03 33.63 -7.24
N PRO A 479 -3.11 34.06 -8.51
CA PRO A 479 -4.17 35.03 -8.86
C PRO A 479 -5.58 34.54 -8.56
N ASP A 480 -5.76 33.22 -8.37
CA ASP A 480 -7.05 32.62 -8.10
C ASP A 480 -7.25 32.26 -6.63
N ILE A 481 -6.22 32.42 -5.80
CA ILE A 481 -6.33 31.94 -4.43
C ILE A 481 -5.81 32.98 -3.44
N LEU A 482 -6.71 33.73 -2.86
CA LEU A 482 -6.43 34.58 -1.71
C LEU A 482 -7.15 33.94 -0.53
N HIS A 483 -6.42 33.23 0.31
CA HIS A 483 -7.07 32.44 1.34
C HIS A 483 -7.57 33.34 2.47
N ALA A 484 -8.68 32.92 3.08
CA ALA A 484 -9.23 33.60 4.24
C ALA A 484 -8.19 33.83 5.33
N TYR A 485 -7.20 32.91 5.48
CA TYR A 485 -6.14 33.11 6.46
C TYR A 485 -5.42 34.44 6.22
N LEU A 486 -5.15 34.74 4.96
CA LEU A 486 -4.51 36.02 4.63
C LEU A 486 -5.50 37.17 4.72
N GLN A 487 -6.75 36.94 4.31
CA GLN A 487 -7.76 38.00 4.36
C GLN A 487 -7.96 38.49 5.78
N HIS A 488 -8.05 37.56 6.73
CA HIS A 488 -8.34 37.97 8.10
C HIS A 488 -7.09 38.31 8.88
N GLY A 489 -5.95 37.75 8.52
CA GLY A 489 -4.73 37.91 9.31
C GLY A 489 -3.89 39.12 8.95
N GLY A 490 -4.10 39.70 7.77
CA GLY A 490 -3.30 40.83 7.31
C GLY A 490 -1.82 40.48 7.20
N ARG A 491 -0.98 41.51 7.36
CA ARG A 491 0.46 41.33 7.15
C ARG A 491 1.08 40.24 8.02
N PRO A 492 0.80 40.13 9.32
CA PRO A 492 1.36 39.00 10.08
C PRO A 492 1.05 37.65 9.46
N ALA A 493 -0.10 37.51 8.79
CA ALA A 493 -0.44 36.27 8.12
C ALA A 493 0.42 36.05 6.88
N PHE A 494 0.66 37.12 6.11
CA PHE A 494 1.56 37.02 4.96
C PHE A 494 2.96 36.63 5.39
N GLU A 495 3.41 37.14 6.54
CA GLU A 495 4.73 36.78 7.04
C GLU A 495 4.78 35.30 7.41
N VAL A 496 3.73 34.80 8.07
CA VAL A 496 3.70 33.40 8.49
C VAL A 496 3.73 32.47 7.28
N ARG A 497 2.85 32.74 6.29
CA ARG A 497 2.75 31.83 5.15
C ARG A 497 4.02 31.84 4.32
N ALA A 498 4.75 32.97 4.30
CA ALA A 498 6.02 33.01 3.58
C ALA A 498 7.07 32.15 4.26
N VAL A 499 7.20 32.28 5.58
CA VAL A 499 8.12 31.43 6.34
C VAL A 499 7.78 29.96 6.12
N LEU A 500 6.50 29.62 6.27
CA LEU A 500 6.08 28.23 6.09
C LEU A 500 6.40 27.71 4.68
N ALA A 501 6.00 28.45 3.64
CA ALA A 501 6.18 27.94 2.29
C ALA A 501 7.66 27.79 1.95
N ALA A 502 8.46 28.80 2.34
CA ALA A 502 9.90 28.85 2.06
C ALA A 502 10.66 27.74 2.80
N THR A 503 10.22 27.37 4.00
CA THR A 503 10.99 26.39 4.78
C THR A 503 10.44 24.97 4.72
N LEU A 504 9.19 24.78 4.30
CA LEU A 504 8.64 23.44 4.23
C LEU A 504 8.80 22.79 2.86
N SER A 505 8.95 23.58 1.80
CA SER A 505 9.16 22.98 0.49
C SER A 505 10.42 23.56 -0.14
N PRO A 506 11.23 22.74 -0.82
CA PRO A 506 12.37 23.31 -1.55
C PRO A 506 11.96 24.14 -2.76
N THR A 507 10.71 24.08 -3.20
CA THR A 507 10.21 25.00 -4.22
C THR A 507 9.01 25.76 -3.66
N TRP A 508 9.08 27.09 -3.71
CA TRP A 508 7.97 27.91 -3.27
C TRP A 508 7.83 29.09 -4.22
N GLY A 509 6.76 29.85 -4.04
CA GLY A 509 6.46 30.91 -4.98
C GLY A 509 5.45 31.87 -4.39
N ILE A 510 5.42 33.06 -4.97
CA ILE A 510 4.39 34.03 -4.68
C ILE A 510 3.96 34.66 -5.99
N TYR A 511 2.75 35.19 -5.98
CA TYR A 511 2.25 35.96 -7.11
C TYR A 511 2.30 37.45 -6.73
N SER A 512 2.83 38.27 -7.63
CA SER A 512 3.06 39.70 -7.42
C SER A 512 1.91 40.37 -6.69
N GLY A 513 2.24 41.14 -5.65
CA GLY A 513 1.27 41.75 -4.76
C GLY A 513 1.18 41.04 -3.43
N TYR A 514 1.54 39.76 -3.39
CA TYR A 514 1.72 39.06 -2.12
C TYR A 514 2.61 39.89 -1.18
N GLU A 515 3.72 40.40 -1.71
CA GLU A 515 4.66 41.07 -0.83
C GLU A 515 4.14 42.43 -0.35
N LEU A 516 3.12 42.97 -1.02
CA LEU A 516 2.40 44.16 -0.60
C LEU A 516 1.26 43.84 0.35
N CYS A 517 1.11 42.56 0.70
CA CYS A 517 0.01 42.06 1.55
C CYS A 517 -1.35 42.45 1.01
N GLU A 518 -1.49 42.51 -0.32
CA GLU A 518 -2.80 42.67 -0.94
C GLU A 518 -3.72 41.55 -0.50
N ASN A 519 -4.84 41.90 0.15
CA ASN A 519 -5.69 40.87 0.76
C ASN A 519 -7.17 41.25 0.75
N THR A 520 -7.61 42.08 -0.19
CA THR A 520 -9.03 42.43 -0.28
C THR A 520 -9.75 41.44 -1.18
N PRO A 521 -10.67 40.65 -0.67
CA PRO A 521 -11.34 39.65 -1.50
C PRO A 521 -12.45 40.27 -2.32
N LEU A 522 -12.84 39.53 -3.36
CA LEU A 522 -13.97 39.97 -4.18
C LEU A 522 -15.21 40.17 -3.33
N ARG A 523 -15.46 39.26 -2.40
CA ARG A 523 -16.56 39.36 -1.46
C ARG A 523 -16.25 38.42 -0.30
N GLU A 524 -16.89 38.66 0.83
CA GLU A 524 -16.88 37.72 1.95
C GLU A 524 -17.07 36.29 1.46
N GLY A 525 -16.18 35.39 1.88
CA GLY A 525 -16.31 33.99 1.55
C GLY A 525 -15.80 33.58 0.19
N SER A 526 -15.19 34.50 -0.53
CA SER A 526 -14.57 34.25 -1.82
C SER A 526 -13.05 34.13 -1.63
N GLU A 527 -12.39 33.40 -2.55
CA GLU A 527 -10.93 33.40 -2.59
C GLU A 527 -10.39 34.16 -3.79
N GLU A 528 -11.27 34.82 -4.54
CA GLU A 528 -10.84 35.75 -5.58
C GLU A 528 -10.40 37.07 -4.96
N TYR A 529 -9.46 37.73 -5.64
CA TYR A 529 -9.08 39.11 -5.35
C TYR A 529 -10.14 40.07 -5.88
N LEU A 530 -10.45 41.12 -5.11
CA LEU A 530 -11.16 42.25 -5.68
C LEU A 530 -10.33 42.90 -6.78
N ASP A 531 -10.99 43.33 -7.84
CA ASP A 531 -10.33 43.98 -8.98
C ASP A 531 -9.17 43.13 -9.48
N SER A 532 -9.46 41.83 -9.68
CA SER A 532 -8.40 40.87 -9.99
C SER A 532 -7.62 41.27 -11.23
N GLU A 533 -6.30 41.11 -11.12
CA GLU A 533 -5.37 41.41 -12.20
C GLU A 533 -5.60 40.52 -13.43
N LYS A 534 -6.32 39.41 -13.25
CA LYS A 534 -6.66 38.55 -14.38
C LYS A 534 -7.50 39.30 -15.41
N TYR A 535 -8.21 40.35 -15.00
CA TYR A 535 -9.14 41.07 -15.87
C TYR A 535 -8.81 42.55 -16.04
N GLN A 536 -7.73 43.05 -15.44
CA GLN A 536 -7.44 44.47 -15.58
C GLN A 536 -5.96 44.71 -15.33
N LEU A 537 -5.45 45.77 -15.94
CA LEU A 537 -4.13 46.27 -15.58
C LEU A 537 -4.13 46.66 -14.10
N LYS A 538 -3.06 46.31 -13.39
CA LYS A 538 -2.88 46.67 -11.98
C LYS A 538 -1.53 47.36 -11.81
N PRO A 539 -1.46 48.67 -12.08
CA PRO A 539 -0.23 49.41 -11.82
C PRO A 539 0.01 49.45 -10.32
N ARG A 540 1.24 49.14 -9.92
CA ARG A 540 1.63 49.17 -8.52
C ARG A 540 2.85 50.05 -8.40
N ASP A 541 2.86 50.91 -7.38
CA ASP A 541 3.97 51.83 -7.15
C ASP A 541 4.95 51.11 -6.24
N TRP A 542 5.80 50.30 -6.86
CA TRP A 542 6.72 49.46 -6.09
C TRP A 542 7.70 50.30 -5.27
N THR A 543 8.23 51.36 -5.87
CA THR A 543 9.22 52.20 -5.18
C THR A 543 8.61 52.85 -3.94
N ARG A 544 7.38 53.33 -4.05
CA ARG A 544 6.71 53.96 -2.92
C ARG A 544 6.39 52.95 -1.82
N ALA A 545 5.91 51.75 -2.18
CA ALA A 545 5.66 50.74 -1.14
C ALA A 545 6.92 50.45 -0.33
N ALA A 546 8.09 50.45 -0.97
CA ALA A 546 9.31 50.15 -0.24
C ALA A 546 9.72 51.31 0.66
N ARG A 547 9.57 52.56 0.16
CA ARG A 547 9.80 53.74 1.01
C ARG A 547 8.87 53.75 2.22
N GLU A 548 7.61 53.38 2.03
CA GLU A 548 6.63 53.39 3.13
C GLU A 548 6.66 52.13 3.98
N GLY A 549 7.52 51.16 3.64
CA GLY A 549 7.68 49.95 4.43
C GLY A 549 6.45 49.08 4.51
N THR A 550 5.55 49.17 3.53
CA THR A 550 4.37 48.33 3.54
C THR A 550 4.56 47.05 2.74
N THR A 551 5.81 46.70 2.41
CA THR A 551 6.13 45.48 1.69
C THR A 551 6.93 44.53 2.59
N ILE A 552 6.69 43.24 2.43
CA ILE A 552 7.49 42.23 3.11
C ILE A 552 8.58 41.68 2.19
N ALA A 553 8.89 42.40 1.10
CA ALA A 553 10.06 42.06 0.29
C ALA A 553 11.33 41.83 1.09
N PRO A 554 11.61 42.57 2.19
CA PRO A 554 12.81 42.22 2.98
C PRO A 554 12.74 40.82 3.58
N LEU A 555 11.57 40.42 4.10
CA LEU A 555 11.44 39.06 4.64
C LEU A 555 11.57 38.02 3.54
N VAL A 556 10.90 38.26 2.40
CA VAL A 556 11.01 37.34 1.27
C VAL A 556 12.47 37.19 0.86
N THR A 557 13.19 38.32 0.75
CA THR A 557 14.61 38.31 0.40
C THR A 557 15.42 37.52 1.41
N ARG A 558 15.17 37.75 2.71
N ARG A 558 15.18 37.76 2.70
CA ARG A 558 15.92 37.04 3.74
CA ARG A 558 15.92 37.04 3.74
C ARG A 558 15.64 35.54 3.68
C ARG A 558 15.65 35.54 3.66
N LEU A 559 14.38 35.15 3.46
CA LEU A 559 14.06 33.73 3.39
C LEU A 559 14.77 33.07 2.22
N ASN A 560 14.82 33.75 1.07
CA ASN A 560 15.50 33.16 -0.08
C ASN A 560 17.00 33.05 0.16
N THR A 561 17.59 34.03 0.85
CA THR A 561 19.00 33.92 1.21
C THR A 561 19.23 32.75 2.16
N ILE A 562 18.38 32.59 3.17
CA ILE A 562 18.52 31.48 4.10
C ILE A 562 18.48 30.15 3.35
N ARG A 563 17.52 30.00 2.43
CA ARG A 563 17.44 28.80 1.61
C ARG A 563 18.74 28.59 0.80
N ARG A 564 19.28 29.68 0.23
CA ARG A 564 20.48 29.56 -0.58
C ARG A 564 21.72 29.23 0.25
N GLU A 565 21.68 29.50 1.55
CA GLU A 565 22.83 29.25 2.41
C GLU A 565 22.75 27.93 3.18
N ASN A 566 21.60 27.25 3.14
CA ASN A 566 21.34 26.10 4.01
C ASN A 566 20.81 24.93 3.20
N PRO A 567 21.67 23.96 2.85
CA PRO A 567 21.26 22.83 2.02
C PRO A 567 20.07 22.08 2.57
N ALA A 568 19.83 22.10 3.88
CA ALA A 568 18.68 21.43 4.44
C ALA A 568 17.38 21.94 3.85
N LEU A 569 17.33 23.21 3.45
CA LEU A 569 16.11 23.78 2.91
C LEU A 569 15.97 23.54 1.42
N ARG A 570 16.97 22.95 0.77
CA ARG A 570 16.92 22.69 -0.65
C ARG A 570 16.54 21.25 -0.96
N GLN A 571 16.02 20.54 0.03
CA GLN A 571 15.52 19.19 -0.19
C GLN A 571 14.18 19.07 0.49
N LEU A 572 13.51 17.96 0.25
CA LEU A 572 12.12 17.77 0.66
C LEU A 572 11.94 16.68 1.70
N ARG A 573 12.59 15.52 1.51
CA ARG A 573 12.18 14.30 2.20
C ARG A 573 12.58 14.28 3.67
N ASP A 574 13.66 14.95 4.04
CA ASP A 574 14.10 14.95 5.43
C ASP A 574 13.42 16.11 6.14
N LEU A 575 12.47 15.78 7.00
CA LEU A 575 11.61 16.76 7.65
C LEU A 575 11.03 16.08 8.87
N HIS A 576 11.15 16.71 10.04
CA HIS A 576 10.61 16.12 11.26
C HIS A 576 9.89 17.19 12.07
N PHE A 577 8.70 16.86 12.56
CA PHE A 577 7.91 17.77 13.39
C PHE A 577 8.16 17.44 14.86
N HIS A 578 8.46 18.48 15.65
CA HIS A 578 8.76 18.42 17.08
C HIS A 578 7.59 18.93 17.89
N PRO A 579 7.22 18.24 18.97
CA PRO A 579 6.04 18.65 19.74
C PRO A 579 6.26 19.94 20.50
N THR A 580 5.21 20.75 20.52
CA THR A 580 5.08 21.93 21.37
C THR A 580 3.79 21.79 22.16
N ASP A 581 3.60 22.66 23.14
CA ASP A 581 2.45 22.55 24.02
C ASP A 581 1.40 23.63 23.77
N LYS A 582 1.45 24.31 22.61
CA LYS A 582 0.37 25.21 22.18
C LYS A 582 -0.05 24.86 20.75
N GLU A 583 -1.36 24.76 20.54
CA GLU A 583 -1.86 24.35 19.23
C GLU A 583 -1.44 25.31 18.13
N GLU A 584 -1.24 26.58 18.45
CA GLU A 584 -0.92 27.58 17.43
C GLU A 584 0.56 27.68 17.12
N VAL A 585 1.40 26.88 17.78
CA VAL A 585 2.84 26.96 17.58
C VAL A 585 3.31 25.63 17.04
N ILE A 586 3.85 25.65 15.82
CA ILE A 586 4.37 24.46 15.16
C ILE A 586 5.89 24.55 15.16
N ALA A 587 6.54 23.38 15.13
CA ALA A 587 8.00 23.30 15.15
C ALA A 587 8.45 22.11 14.29
N TYR A 588 9.53 22.30 13.54
CA TYR A 588 10.01 21.25 12.65
C TYR A 588 11.48 21.47 12.33
N SER A 589 12.15 20.40 11.93
CA SER A 589 13.55 20.52 11.51
C SER A 589 13.76 19.80 10.19
N LYS A 590 14.76 20.26 9.44
CA LYS A 590 15.20 19.63 8.20
C LYS A 590 16.72 19.56 8.21
N ARG A 591 17.25 18.46 7.67
CA ARG A 591 18.67 18.19 7.69
C ARG A 591 19.14 17.73 6.34
N GLN A 592 20.33 18.17 5.95
CA GLN A 592 21.02 17.70 4.75
C GLN A 592 22.50 17.67 5.12
N GLY A 593 23.07 16.47 5.22
CA GLY A 593 24.43 16.36 5.73
C GLY A 593 24.53 17.00 7.10
N SER A 594 25.56 17.81 7.28
CA SER A 594 25.81 18.45 8.57
C SER A 594 25.02 19.74 8.78
N ASN A 595 24.19 20.14 7.81
CA ASN A 595 23.36 21.34 7.94
C ASN A 595 22.03 20.95 8.58
N THR A 596 21.66 21.65 9.65
CA THR A 596 20.37 21.44 10.30
C THR A 596 19.66 22.78 10.45
N VAL A 597 18.40 22.83 10.03
CA VAL A 597 17.58 24.02 10.18
C VAL A 597 16.40 23.66 11.07
N LEU A 598 16.18 24.48 12.08
CA LEU A 598 15.10 24.29 13.05
C LEU A 598 14.19 25.51 12.98
N VAL A 599 12.90 25.29 12.75
CA VAL A 599 11.93 26.36 12.54
C VAL A 599 10.82 26.24 13.56
N VAL A 600 10.46 27.35 14.19
CA VAL A 600 9.32 27.45 15.10
C VAL A 600 8.43 28.57 14.61
N VAL A 601 7.15 28.29 14.38
CA VAL A 601 6.25 29.28 13.78
C VAL A 601 5.03 29.46 14.65
N ASN A 602 4.65 30.72 14.87
CA ASN A 602 3.38 31.03 15.51
C ASN A 602 2.34 31.21 14.40
N LEU A 603 1.45 30.22 14.27
CA LEU A 603 0.40 30.27 13.24
C LEU A 603 -0.68 31.29 13.56
N ASP A 604 -0.72 31.81 14.78
CA ASP A 604 -1.70 32.82 15.17
C ASP A 604 -1.24 34.18 14.67
N PRO A 605 -1.98 34.79 13.73
CA PRO A 605 -1.56 36.11 13.22
C PRO A 605 -2.01 37.28 14.08
N ARG A 606 -2.80 37.04 15.14
CA ARG A 606 -3.38 38.10 15.94
C ARG A 606 -2.81 38.21 17.35
N HIS A 607 -2.44 37.11 17.98
CA HIS A 607 -2.04 37.13 19.37
C HIS A 607 -0.64 36.55 19.54
N THR A 608 0.13 37.19 20.43
CA THR A 608 1.39 36.60 20.88
C THR A 608 1.15 35.21 21.47
N GLN A 609 2.08 34.30 21.22
CA GLN A 609 1.95 32.93 21.70
C GLN A 609 3.23 32.53 22.40
N GLU A 610 3.08 31.98 23.61
CA GLU A 610 4.15 31.41 24.41
C GLU A 610 4.06 29.90 24.31
N ALA A 611 5.20 29.23 24.13
CA ALA A 611 5.14 27.77 24.05
C ALA A 611 6.44 27.18 24.54
N THR A 612 6.38 25.94 25.01
CA THR A 612 7.56 25.13 25.24
C THR A 612 7.71 24.16 24.09
N VAL A 613 8.86 24.23 23.42
CA VAL A 613 9.15 23.34 22.31
C VAL A 613 10.01 22.20 22.84
N SER A 614 9.53 20.97 22.74
CA SER A 614 10.26 19.81 23.23
C SER A 614 10.86 19.07 22.04
N LEU A 615 12.17 19.25 21.84
CA LEU A 615 12.82 18.70 20.66
C LEU A 615 13.09 17.21 20.80
N ASP A 616 12.79 16.45 19.74
CA ASP A 616 13.22 15.06 19.62
C ASP A 616 14.70 15.06 19.23
N MET A 617 15.55 15.17 20.24
CA MET A 617 16.99 15.28 20.03
C MET A 617 17.60 14.23 19.11
N PRO A 618 17.25 12.94 19.19
CA PRO A 618 17.85 11.98 18.23
C PRO A 618 17.56 12.34 16.78
N GLN A 619 16.36 12.87 16.50
CA GLN A 619 16.03 13.30 15.14
C GLN A 619 16.85 14.51 14.71
N LEU A 620 17.50 15.18 15.66
CA LEU A 620 18.44 16.25 15.36
C LEU A 620 19.87 15.74 15.24
N GLY A 621 20.11 14.47 15.51
CA GLY A 621 21.47 13.95 15.58
C GLY A 621 22.14 14.13 16.93
N LEU A 622 21.38 14.43 17.97
CA LEU A 622 21.92 14.79 19.27
C LEU A 622 21.43 13.82 20.33
N ASP A 623 22.16 13.76 21.43
CA ASP A 623 21.68 13.06 22.61
C ASP A 623 20.85 14.00 23.46
N TRP A 624 20.05 13.43 24.38
CA TRP A 624 19.06 14.23 25.09
C TRP A 624 19.66 15.28 26.00
N HIS A 625 20.90 15.09 26.47
CA HIS A 625 21.58 16.03 27.37
C HIS A 625 22.35 17.12 26.62
N GLU A 626 22.47 17.04 25.31
CA GLU A 626 23.34 17.98 24.63
C GLU A 626 22.72 19.37 24.51
N SER A 627 23.55 20.30 24.09
CA SER A 627 23.18 21.68 23.81
C SER A 627 22.77 21.81 22.35
N VAL A 628 21.84 22.73 22.10
CA VAL A 628 21.49 23.07 20.72
C VAL A 628 21.78 24.55 20.52
N PRO A 629 23.05 24.94 20.33
CA PRO A 629 23.34 26.35 20.00
C PRO A 629 22.79 26.67 18.62
N VAL A 630 21.94 27.68 18.52
CA VAL A 630 21.29 28.02 17.26
C VAL A 630 21.43 29.52 17.00
N ARG A 631 21.44 29.88 15.73
CA ARG A 631 21.33 31.29 15.33
C ARG A 631 20.01 31.45 14.59
N ASP A 632 19.17 32.36 15.07
CA ASP A 632 17.94 32.72 14.38
C ASP A 632 18.30 33.57 13.17
N GLU A 633 18.22 32.98 11.98
CA GLU A 633 18.63 33.70 10.78
C GLU A 633 17.72 34.86 10.42
N LEU A 634 16.55 34.97 11.05
CA LEU A 634 15.74 36.15 10.77
C LEU A 634 16.25 37.37 11.52
N THR A 635 16.94 37.19 12.63
CA THR A 635 17.34 38.31 13.47
C THR A 635 18.83 38.38 13.76
N GLY A 636 19.59 37.32 13.49
CA GLY A 636 20.96 37.21 13.91
C GLY A 636 21.16 36.91 15.39
N GLU A 637 20.08 36.85 16.16
CA GLU A 637 20.12 36.45 17.56
C GLU A 637 20.71 35.06 17.70
N THR A 638 21.41 34.81 18.82
CA THR A 638 21.92 33.50 19.17
C THR A 638 21.19 32.97 20.40
N TYR A 639 20.86 31.68 20.40
CA TYR A 639 20.25 31.04 21.55
C TYR A 639 21.04 29.79 21.92
N HIS A 640 20.98 29.45 23.20
CA HIS A 640 21.53 28.22 23.72
C HIS A 640 20.30 27.36 24.05
N TRP A 641 19.90 26.53 23.10
CA TRP A 641 18.71 25.72 23.28
C TRP A 641 19.08 24.34 23.79
N GLY A 642 18.06 23.62 24.25
CA GLY A 642 18.23 22.25 24.67
C GLY A 642 17.04 21.41 24.26
N ARG A 643 16.81 20.32 24.98
CA ARG A 643 15.70 19.43 24.73
C ARG A 643 14.34 20.09 24.94
N ALA A 644 14.27 21.17 25.74
CA ALA A 644 13.00 21.82 26.03
C ALA A 644 13.22 23.32 26.09
N ASN A 645 12.58 24.08 25.19
CA ASN A 645 12.87 25.50 25.02
C ASN A 645 11.60 26.32 25.04
N TYR A 646 11.60 27.37 25.84
CA TYR A 646 10.49 28.31 25.88
C TYR A 646 10.66 29.31 24.73
N VAL A 647 9.58 29.56 23.99
CA VAL A 647 9.60 30.53 22.92
C VAL A 647 8.47 31.50 23.17
N ARG A 648 8.62 32.72 22.66
CA ARG A 648 7.56 33.71 22.72
C ARG A 648 7.57 34.46 21.39
N LEU A 649 6.50 34.36 20.62
CA LEU A 649 6.45 34.91 19.27
C LEU A 649 5.30 35.91 19.14
N GLU A 650 5.63 37.12 18.66
CA GLU A 650 4.72 38.25 18.66
C GLU A 650 4.36 38.61 17.21
N PRO A 651 3.10 38.52 16.81
CA PRO A 651 2.76 38.81 15.41
C PRO A 651 3.14 40.23 15.03
N GLY A 652 3.64 40.39 13.81
CA GLY A 652 4.15 41.66 13.35
C GLY A 652 5.59 41.93 13.73
N ARG A 653 6.12 41.25 14.74
CA ARG A 653 7.50 41.42 15.16
C ARG A 653 8.32 40.16 14.89
N THR A 654 7.90 39.02 15.45
CA THR A 654 8.60 37.75 15.30
C THR A 654 7.57 36.70 14.89
N PRO A 655 7.31 36.55 13.58
CA PRO A 655 6.39 35.49 13.13
C PRO A 655 6.91 34.09 13.44
N ALA A 656 8.24 33.93 13.50
CA ALA A 656 8.88 32.63 13.54
C ALA A 656 10.31 32.80 14.02
N HIS A 657 10.90 31.69 14.48
CA HIS A 657 12.36 31.53 14.53
C HIS A 657 12.75 30.61 13.37
N VAL A 658 13.70 31.05 12.55
CA VAL A 658 14.26 30.19 11.52
C VAL A 658 15.73 30.00 11.85
N CYS A 659 16.06 28.91 12.52
CA CYS A 659 17.36 28.75 13.15
C CYS A 659 18.23 27.75 12.40
N THR A 660 19.50 28.07 12.30
CA THR A 660 20.50 27.08 11.94
C THR A 660 21.18 26.58 13.19
N VAL A 661 21.43 25.27 13.25
CA VAL A 661 22.16 24.69 14.36
C VAL A 661 23.64 24.93 14.12
N LEU A 662 24.31 25.51 15.12
CA LEU A 662 25.74 25.75 15.01
C LEU A 662 26.50 24.51 15.47
N ARG A 663 27.67 24.32 14.88
CA ARG A 663 28.44 23.09 15.09
C ARG A 663 29.64 23.30 16.01
N PRO B 15 3.84 5.01 -26.93
CA PRO B 15 3.11 4.06 -26.09
C PRO B 15 3.04 4.55 -24.64
N THR B 16 1.84 4.84 -24.14
CA THR B 16 1.71 5.40 -22.81
C THR B 16 1.34 4.30 -21.83
N VAL B 17 1.72 4.50 -20.57
CA VAL B 17 1.31 3.56 -19.52
C VAL B 17 -0.17 3.73 -19.21
N VAL B 18 -0.64 4.98 -19.07
CA VAL B 18 -2.05 5.27 -18.83
C VAL B 18 -2.79 5.22 -20.15
N GLY B 19 -4.01 4.67 -20.14
CA GLY B 19 -4.86 4.63 -21.33
C GLY B 19 -5.79 5.83 -21.40
N ARG B 20 -6.74 5.76 -22.35
CA ARG B 20 -7.61 6.89 -22.62
C ARG B 20 -8.41 7.31 -21.39
N ILE B 21 -9.03 6.35 -20.72
CA ILE B 21 -9.66 6.54 -19.42
C ILE B 21 -8.78 5.84 -18.38
N PRO B 22 -8.18 6.59 -17.41
CA PRO B 22 -7.36 5.94 -16.38
C PRO B 22 -8.04 4.82 -15.61
N VAL B 23 -7.44 3.63 -15.63
CA VAL B 23 -7.81 2.57 -14.71
C VAL B 23 -6.50 2.08 -14.09
N LEU B 24 -6.34 2.33 -12.80
CA LEU B 24 -5.07 2.22 -12.10
C LEU B 24 -5.21 1.36 -10.85
N ASP B 25 -4.11 0.73 -10.48
CA ASP B 25 -3.97 0.01 -9.21
C ASP B 25 -5.13 -0.97 -8.99
N VAL B 26 -5.31 -1.88 -9.95
CA VAL B 26 -6.36 -2.88 -9.81
C VAL B 26 -6.02 -3.82 -8.67
N ARG B 27 -7.01 -4.14 -7.84
CA ARG B 27 -6.83 -5.10 -6.77
C ARG B 27 -7.95 -6.13 -6.83
N PRO B 28 -7.73 -7.35 -6.31
CA PRO B 28 -6.51 -7.78 -5.60
C PRO B 28 -5.31 -7.94 -6.52
N VAL B 29 -4.13 -7.86 -5.91
CA VAL B 29 -2.86 -8.02 -6.59
C VAL B 29 -1.88 -8.64 -5.60
N VAL B 30 -1.06 -9.57 -6.08
CA VAL B 30 -0.08 -10.26 -5.24
C VAL B 30 1.28 -10.13 -5.91
N GLN B 31 2.24 -9.55 -5.18
CA GLN B 31 3.60 -9.35 -5.67
C GLN B 31 3.60 -8.71 -7.06
N ARG B 32 2.81 -7.63 -7.18
CA ARG B 32 2.73 -6.80 -8.37
C ARG B 32 2.25 -7.57 -9.59
N GLY B 33 1.53 -8.67 -9.39
CA GLY B 33 1.04 -9.45 -10.49
C GLY B 33 1.87 -10.67 -10.83
N ARG B 34 2.96 -10.90 -10.11
CA ARG B 34 3.80 -12.07 -10.39
C ARG B 34 3.29 -13.33 -9.72
N ARG B 35 2.34 -13.24 -8.79
CA ARG B 35 1.74 -14.44 -8.24
C ARG B 35 0.22 -14.30 -8.34
N PRO B 36 -0.49 -15.42 -8.42
CA PRO B 36 -1.96 -15.34 -8.53
C PRO B 36 -2.60 -14.89 -7.23
N ALA B 37 -3.65 -14.09 -7.34
CA ALA B 37 -4.58 -13.97 -6.24
C ALA B 37 -5.38 -15.25 -6.09
N LYS B 38 -6.00 -15.43 -4.92
CA LYS B 38 -6.62 -16.69 -4.54
C LYS B 38 -8.14 -16.58 -4.53
N ALA B 39 -8.80 -17.67 -4.94
CA ALA B 39 -10.22 -17.85 -4.64
C ALA B 39 -10.51 -19.34 -4.65
N VAL B 40 -11.73 -19.71 -4.27
CA VAL B 40 -12.22 -21.06 -4.47
C VAL B 40 -13.52 -20.98 -5.25
N THR B 41 -13.91 -22.10 -5.85
CA THR B 41 -15.20 -22.23 -6.53
C THR B 41 -16.35 -21.68 -5.69
N GLY B 42 -17.16 -20.81 -6.29
CA GLY B 42 -18.32 -20.25 -5.63
C GLY B 42 -18.04 -19.12 -4.65
N GLU B 43 -16.78 -18.70 -4.51
CA GLU B 43 -16.42 -17.62 -3.60
C GLU B 43 -16.56 -16.27 -4.29
N SER B 44 -17.25 -15.32 -3.63
CA SER B 44 -17.37 -13.96 -4.10
C SER B 44 -16.32 -13.08 -3.43
N PHE B 45 -15.66 -12.23 -4.23
CA PHE B 45 -14.71 -11.27 -3.68
C PHE B 45 -14.76 -10.00 -4.52
N GLU B 46 -14.23 -8.92 -3.94
CA GLU B 46 -14.31 -7.61 -4.57
C GLU B 46 -13.08 -7.37 -5.43
N VAL B 47 -13.30 -6.97 -6.67
CA VAL B 47 -12.26 -6.42 -7.55
C VAL B 47 -12.40 -4.91 -7.55
N SER B 48 -11.30 -4.18 -7.40
CA SER B 48 -11.37 -2.74 -7.27
C SER B 48 -10.31 -2.09 -8.15
N ALA B 49 -10.49 -0.78 -8.39
CA ALA B 49 -9.58 -0.03 -9.22
C ALA B 49 -9.77 1.45 -8.93
N THR B 50 -8.76 2.23 -9.30
CA THR B 50 -8.89 3.66 -9.30
C THR B 50 -9.26 4.08 -10.72
N VAL B 51 -10.41 4.74 -10.87
CA VAL B 51 -10.98 5.04 -12.16
C VAL B 51 -11.47 6.50 -12.14
N PHE B 52 -11.06 7.27 -13.14
CA PHE B 52 -11.46 8.67 -13.25
C PHE B 52 -11.12 9.11 -14.66
N ARG B 53 -11.56 10.31 -15.02
CA ARG B 53 -11.20 10.86 -16.31
C ARG B 53 -10.94 12.35 -16.15
N GLU B 54 -10.38 12.93 -17.21
CA GLU B 54 -10.18 14.37 -17.28
C GLU B 54 -11.53 15.06 -17.48
N GLY B 55 -11.64 16.27 -16.94
CA GLY B 55 -12.88 17.01 -17.08
C GLY B 55 -13.91 16.57 -16.05
N HIS B 56 -15.17 16.94 -16.29
CA HIS B 56 -16.21 16.71 -15.30
CA HIS B 56 -16.22 16.73 -15.31
C HIS B 56 -17.28 15.74 -15.76
N ASP B 57 -17.15 15.14 -16.94
CA ASP B 57 -18.12 14.15 -17.38
C ASP B 57 -17.97 12.84 -16.61
N ALA B 58 -19.06 12.06 -16.60
CA ALA B 58 -19.19 10.86 -15.80
C ALA B 58 -18.41 9.69 -16.40
N VAL B 59 -17.93 8.80 -15.52
CA VAL B 59 -17.26 7.56 -15.93
C VAL B 59 -18.04 6.39 -15.39
N GLY B 60 -17.89 5.26 -16.07
CA GLY B 60 -18.37 3.99 -15.58
C GLY B 60 -17.25 2.97 -15.66
N ALA B 61 -17.44 1.85 -14.95
CA ALA B 61 -16.45 0.78 -15.01
C ALA B 61 -17.12 -0.57 -14.75
N ASN B 62 -16.42 -1.64 -15.14
CA ASN B 62 -16.96 -3.00 -14.99
C ASN B 62 -15.79 -3.97 -14.94
N VAL B 63 -16.04 -5.13 -14.35
CA VAL B 63 -15.03 -6.17 -14.14
C VAL B 63 -15.29 -7.29 -15.13
N VAL B 64 -14.26 -7.67 -15.87
CA VAL B 64 -14.33 -8.76 -16.83
C VAL B 64 -13.51 -9.90 -16.26
N LEU B 65 -14.19 -10.93 -15.80
CA LEU B 65 -13.55 -12.12 -15.26
C LEU B 65 -13.56 -13.21 -16.33
N ARG B 66 -12.39 -13.76 -16.64
CA ARG B 66 -12.25 -14.75 -17.70
C ARG B 66 -11.79 -16.09 -17.14
N ASP B 67 -12.44 -17.16 -17.59
CA ASP B 67 -12.18 -18.50 -17.07
C ASP B 67 -10.93 -19.07 -17.77
N PRO B 68 -10.49 -20.29 -17.40
CA PRO B 68 -9.24 -20.80 -17.99
C PRO B 68 -9.24 -20.90 -19.51
N ARG B 69 -10.41 -20.96 -20.14
CA ARG B 69 -10.50 -20.98 -21.60
C ARG B 69 -10.66 -19.59 -22.20
N GLY B 70 -10.60 -18.53 -21.39
CA GLY B 70 -10.78 -17.18 -21.90
C GLY B 70 -12.21 -16.71 -21.98
N ARG B 71 -13.17 -17.50 -21.48
CA ARG B 71 -14.58 -17.18 -21.58
C ARG B 71 -14.95 -16.11 -20.56
N PRO B 72 -15.52 -14.98 -20.97
CA PRO B 72 -15.84 -13.92 -20.01
C PRO B 72 -17.09 -14.21 -19.20
N GLY B 73 -17.10 -13.68 -17.99
CA GLY B 73 -18.25 -13.78 -17.13
C GLY B 73 -19.32 -12.75 -17.47
N PRO B 74 -20.30 -12.61 -16.59
CA PRO B 74 -21.44 -11.72 -16.87
C PRO B 74 -21.05 -10.25 -16.77
N TRP B 75 -21.96 -9.40 -17.28
CA TRP B 75 -21.81 -7.97 -17.08
C TRP B 75 -21.77 -7.67 -15.59
N THR B 76 -20.69 -7.02 -15.14
CA THR B 76 -20.45 -6.82 -13.72
C THR B 76 -20.06 -5.37 -13.55
N PRO B 77 -21.04 -4.46 -13.48
CA PRO B 77 -20.72 -3.03 -13.37
C PRO B 77 -20.23 -2.69 -11.97
N MET B 78 -19.42 -1.66 -11.92
CA MET B 78 -18.68 -1.25 -10.74
C MET B 78 -19.32 0.05 -10.24
N ARG B 79 -19.09 0.39 -8.97
CA ARG B 79 -19.60 1.62 -8.40
C ARG B 79 -18.49 2.30 -7.60
N GLU B 80 -18.55 3.64 -7.48
CA GLU B 80 -17.58 4.32 -6.65
C GLU B 80 -17.83 3.95 -5.19
N LEU B 81 -16.78 3.51 -4.50
CA LEU B 81 -16.96 2.92 -3.19
C LEU B 81 -17.20 3.97 -2.09
N ALA B 82 -16.66 5.17 -2.25
CA ALA B 82 -16.92 6.26 -1.32
C ALA B 82 -16.77 7.56 -2.11
N PRO B 83 -17.59 8.58 -1.81
CA PRO B 83 -17.58 9.79 -2.64
C PRO B 83 -16.20 10.45 -2.65
N GLY B 84 -15.80 10.95 -3.82
CA GLY B 84 -14.58 11.71 -3.94
C GLY B 84 -13.29 10.93 -3.90
N THR B 85 -13.36 9.59 -3.81
CA THR B 85 -12.16 8.79 -3.73
C THR B 85 -11.68 8.26 -5.09
N ASP B 86 -12.56 8.21 -6.09
CA ASP B 86 -12.27 7.61 -7.38
C ASP B 86 -11.86 6.14 -7.27
N ARG B 87 -12.20 5.50 -6.16
CA ARG B 87 -11.98 4.07 -6.00
C ARG B 87 -13.30 3.36 -6.27
N TRP B 88 -13.27 2.40 -7.20
CA TRP B 88 -14.45 1.70 -7.69
C TRP B 88 -14.31 0.21 -7.42
N GLY B 89 -15.45 -0.46 -7.24
CA GLY B 89 -15.40 -1.88 -6.94
C GLY B 89 -16.66 -2.59 -7.39
N ALA B 90 -16.52 -3.90 -7.56
CA ALA B 90 -17.63 -4.81 -7.79
C ALA B 90 -17.23 -6.21 -7.32
N THR B 91 -18.23 -6.99 -6.94
CA THR B 91 -18.05 -8.36 -6.50
C THR B 91 -18.09 -9.31 -7.70
N VAL B 92 -17.12 -10.21 -7.77
CA VAL B 92 -17.12 -11.24 -8.80
C VAL B 92 -17.12 -12.60 -8.11
N THR B 93 -17.49 -13.64 -8.86
CA THR B 93 -17.64 -14.98 -8.31
C THR B 93 -16.96 -15.99 -9.22
N ALA B 94 -16.06 -16.76 -8.63
CA ALA B 94 -15.29 -17.76 -9.35
C ALA B 94 -16.11 -19.03 -9.54
N GLY B 95 -16.02 -19.61 -10.74
CA GLY B 95 -16.67 -20.87 -11.01
C GLY B 95 -15.75 -22.06 -10.85
N GLU B 96 -15.45 -22.77 -11.94
CA GLU B 96 -14.63 -23.97 -11.89
C GLU B 96 -13.19 -23.66 -11.46
N THR B 97 -12.51 -24.69 -10.95
CA THR B 97 -11.10 -24.54 -10.59
C THR B 97 -10.24 -24.29 -11.83
N GLY B 98 -9.08 -23.67 -11.61
CA GLY B 98 -8.11 -23.45 -12.65
C GLY B 98 -7.55 -22.04 -12.57
N THR B 99 -6.75 -21.66 -13.56
CA THR B 99 -6.15 -20.32 -13.59
C THR B 99 -7.04 -19.41 -14.42
N TRP B 100 -7.63 -18.44 -13.76
CA TRP B 100 -8.50 -17.44 -14.33
C TRP B 100 -7.72 -16.14 -14.46
N SER B 101 -8.35 -15.14 -15.06
CA SER B 101 -7.78 -13.81 -15.10
C SER B 101 -8.91 -12.80 -15.03
N TYR B 102 -8.58 -11.57 -14.60
CA TYR B 102 -9.56 -10.50 -14.55
C TYR B 102 -8.93 -9.19 -14.99
N THR B 103 -9.77 -8.36 -15.61
CA THR B 103 -9.44 -6.98 -15.98
C THR B 103 -10.54 -6.06 -15.49
N VAL B 104 -10.21 -4.78 -15.40
CA VAL B 104 -11.17 -3.72 -15.17
C VAL B 104 -11.24 -2.89 -16.44
N GLU B 105 -12.46 -2.67 -16.92
CA GLU B 105 -12.71 -1.80 -18.04
C GLU B 105 -13.33 -0.52 -17.52
N ALA B 106 -12.86 0.61 -18.05
CA ALA B 106 -13.34 1.93 -17.66
C ALA B 106 -13.76 2.66 -18.91
N TRP B 107 -14.68 3.61 -18.76
CA TRP B 107 -15.30 4.17 -19.96
C TRP B 107 -16.00 5.47 -19.63
N GLY B 108 -16.07 6.35 -20.62
CA GLY B 108 -16.94 7.52 -20.50
C GLY B 108 -18.40 7.09 -20.50
N ASP B 109 -19.19 7.73 -19.64
CA ASP B 109 -20.61 7.39 -19.47
C ASP B 109 -21.45 8.54 -20.02
N PRO B 110 -21.70 8.58 -21.33
CA PRO B 110 -22.35 9.76 -21.91
C PRO B 110 -23.79 9.94 -21.48
N VAL B 111 -24.54 8.86 -21.23
CA VAL B 111 -25.95 9.01 -20.87
C VAL B 111 -26.10 9.62 -19.48
N THR B 112 -25.31 9.14 -18.51
CA THR B 112 -25.31 9.78 -17.21
C THR B 112 -24.91 11.23 -17.31
N THR B 113 -23.90 11.51 -18.15
CA THR B 113 -23.44 12.87 -18.34
C THR B 113 -24.54 13.74 -18.95
N TRP B 114 -25.18 13.26 -20.01
CA TRP B 114 -26.25 14.04 -20.64
C TRP B 114 -27.42 14.25 -19.70
N ARG B 115 -27.86 13.18 -19.02
CA ARG B 115 -28.97 13.32 -18.08
C ARG B 115 -28.69 14.37 -17.02
N HIS B 116 -27.47 14.40 -16.49
CA HIS B 116 -27.19 15.35 -15.44
C HIS B 116 -27.24 16.78 -15.97
N HIS B 117 -26.79 16.99 -17.20
CA HIS B 117 -26.82 18.34 -17.76
C HIS B 117 -28.21 18.72 -18.21
N ALA B 118 -29.00 17.75 -18.71
CA ALA B 118 -30.37 18.05 -19.15
C ALA B 118 -31.26 18.39 -17.97
N ARG B 119 -31.09 17.69 -16.84
CA ARG B 119 -31.91 17.93 -15.67
C ARG B 119 -31.76 19.35 -15.15
N ILE B 120 -30.60 19.97 -15.38
CA ILE B 120 -30.41 21.38 -15.03
C ILE B 120 -30.91 22.29 -16.14
N LYS B 121 -30.40 22.10 -17.36
CA LYS B 121 -30.57 23.09 -18.43
C LYS B 121 -32.01 23.19 -18.92
N ILE B 122 -32.77 22.09 -18.92
CA ILE B 122 -34.15 22.15 -19.39
C ILE B 122 -34.99 23.10 -18.54
N PRO B 123 -35.07 22.95 -17.20
CA PRO B 123 -35.84 23.92 -16.41
C PRO B 123 -35.33 25.34 -16.50
N ALA B 124 -34.01 25.52 -16.64
CA ALA B 124 -33.45 26.86 -16.81
C ALA B 124 -33.71 27.42 -18.20
N GLY B 125 -34.14 26.60 -19.14
CA GLY B 125 -34.37 27.08 -20.49
C GLY B 125 -33.12 27.44 -21.24
N LEU B 126 -31.99 26.78 -20.93
CA LEU B 126 -30.72 27.06 -21.62
C LEU B 126 -30.51 26.04 -22.73
N ASP B 127 -30.39 26.52 -23.97
CA ASP B 127 -30.07 25.69 -25.13
C ASP B 127 -30.97 24.45 -25.24
N THR B 128 -32.25 24.60 -24.88
CA THR B 128 -33.08 23.41 -24.73
C THR B 128 -33.24 22.65 -26.06
N ASP B 129 -33.23 23.33 -27.20
CA ASP B 129 -33.33 22.62 -28.47
C ASP B 129 -32.10 21.76 -28.72
N LEU B 130 -30.91 22.30 -28.44
CA LEU B 130 -29.66 21.54 -28.58
C LEU B 130 -29.62 20.37 -27.59
N VAL B 131 -30.02 20.63 -26.34
CA VAL B 131 -29.97 19.59 -25.31
C VAL B 131 -30.83 18.41 -25.70
N LEU B 132 -32.06 18.68 -26.13
CA LEU B 132 -32.95 17.58 -26.49
C LEU B 132 -32.45 16.84 -27.73
N GLU B 133 -31.90 17.55 -28.71
CA GLU B 133 -31.42 16.87 -29.92
C GLU B 133 -30.17 16.04 -29.64
N GLU B 134 -29.25 16.56 -28.82
CA GLU B 134 -28.12 15.76 -28.35
C GLU B 134 -28.61 14.51 -27.64
N GLY B 135 -29.60 14.65 -26.77
CA GLY B 135 -30.18 13.47 -26.14
C GLY B 135 -30.76 12.49 -27.15
N ALA B 136 -31.45 13.00 -28.17
CA ALA B 136 -32.03 12.11 -29.17
C ALA B 136 -30.94 11.34 -29.91
N ARG B 137 -29.90 12.03 -30.36
CA ARG B 137 -28.80 11.37 -31.06
C ARG B 137 -28.08 10.38 -30.17
N LEU B 138 -28.00 10.68 -28.87
CA LEU B 138 -27.29 9.81 -27.95
C LEU B 138 -28.09 8.51 -27.71
N TYR B 139 -29.40 8.62 -27.54
CA TYR B 139 -30.23 7.42 -27.34
C TYR B 139 -30.30 6.58 -28.60
N GLU B 140 -30.19 7.20 -29.78
CA GLU B 140 -30.07 6.45 -31.03
C GLU B 140 -28.78 5.64 -31.05
N ARG B 141 -27.68 6.28 -30.64
CA ARG B 141 -26.41 5.59 -30.56
C ARG B 141 -26.50 4.41 -29.59
N ALA B 142 -27.15 4.61 -28.44
CA ALA B 142 -27.34 3.50 -27.51
C ALA B 142 -28.15 2.38 -28.13
N ALA B 143 -29.21 2.71 -28.86
CA ALA B 143 -30.11 1.69 -29.39
C ALA B 143 -29.42 0.84 -30.46
N ALA B 144 -28.44 1.41 -31.15
CA ALA B 144 -27.77 0.69 -32.25
C ALA B 144 -27.10 -0.60 -31.76
N ASP B 145 -26.70 -0.64 -30.50
CA ASP B 145 -26.02 -1.79 -29.92
C ASP B 145 -26.95 -2.78 -29.23
N VAL B 146 -28.21 -2.43 -29.04
CA VAL B 146 -29.15 -3.27 -28.29
C VAL B 146 -29.76 -4.27 -29.27
N PRO B 147 -29.65 -5.58 -29.01
CA PRO B 147 -30.41 -6.55 -29.80
C PRO B 147 -31.72 -6.91 -29.11
N GLY B 148 -32.65 -7.49 -29.87
CA GLY B 148 -33.97 -7.73 -29.33
C GLY B 148 -34.89 -6.58 -29.66
N ARG B 149 -35.83 -6.82 -30.57
CA ARG B 149 -36.64 -5.74 -31.13
C ARG B 149 -37.30 -4.92 -30.03
N GLU B 150 -37.62 -5.54 -28.89
CA GLU B 150 -38.40 -4.84 -27.88
C GLU B 150 -37.58 -3.76 -27.17
N ASP B 151 -36.36 -4.11 -26.75
CA ASP B 151 -35.52 -3.14 -26.06
C ASP B 151 -35.12 -2.00 -26.99
N ARG B 152 -34.68 -2.33 -28.22
CA ARG B 152 -34.33 -1.29 -29.18
C ARG B 152 -35.52 -0.39 -29.47
N ARG B 153 -36.72 -0.98 -29.57
CA ARG B 153 -37.91 -0.17 -29.81
C ARG B 153 -38.16 0.81 -28.67
N GLU B 154 -38.00 0.34 -27.43
CA GLU B 154 -38.11 1.20 -26.26
C GLU B 154 -37.25 2.45 -26.38
N LEU B 155 -35.96 2.26 -26.65
CA LEU B 155 -35.07 3.41 -26.73
C LEU B 155 -35.45 4.32 -27.90
N LEU B 156 -35.80 3.74 -29.05
CA LEU B 156 -36.12 4.54 -30.23
C LEU B 156 -37.41 5.33 -30.04
N ALA B 157 -38.33 4.83 -29.20
CA ALA B 157 -39.51 5.62 -28.85
C ALA B 157 -39.13 6.81 -27.98
N ALA B 158 -38.16 6.64 -27.06
CA ALA B 158 -37.66 7.77 -26.30
C ALA B 158 -36.99 8.79 -27.22
N VAL B 159 -36.27 8.31 -28.26
CA VAL B 159 -35.67 9.20 -29.25
C VAL B 159 -36.76 10.07 -29.90
N ASP B 160 -37.85 9.44 -30.34
CA ASP B 160 -38.89 10.20 -31.05
C ASP B 160 -39.58 11.18 -30.11
N ALA B 161 -39.79 10.79 -28.86
CA ALA B 161 -40.37 11.72 -27.89
C ALA B 161 -39.46 12.91 -27.67
N LEU B 162 -38.14 12.67 -27.58
CA LEU B 162 -37.19 13.77 -27.43
C LEU B 162 -37.26 14.73 -28.60
N ARG B 163 -37.49 14.21 -29.80
CA ARG B 163 -37.53 15.03 -31.01
C ARG B 163 -38.89 15.69 -31.28
N ASP B 164 -39.92 15.36 -30.50
CA ASP B 164 -41.30 15.81 -30.75
C ASP B 164 -41.48 17.23 -30.25
N GLU B 165 -41.21 18.19 -31.12
CA GLU B 165 -41.32 19.60 -30.76
C GLU B 165 -42.77 20.06 -30.55
N SER B 166 -43.75 19.21 -30.80
CA SER B 166 -45.13 19.57 -30.48
C SER B 166 -45.47 19.30 -29.00
N ARG B 167 -44.50 18.90 -28.18
CA ARG B 167 -44.68 18.67 -26.76
C ARG B 167 -43.80 19.63 -25.97
N PRO B 168 -44.14 19.92 -24.70
CA PRO B 168 -43.29 20.81 -23.90
C PRO B 168 -41.90 20.23 -23.70
N ALA B 169 -40.90 21.11 -23.58
CA ALA B 169 -39.53 20.66 -23.36
C ALA B 169 -39.43 19.71 -22.17
N ALA B 170 -40.16 19.98 -21.09
CA ALA B 170 -40.07 19.09 -19.93
C ALA B 170 -40.68 17.73 -20.23
N SER B 171 -41.72 17.68 -21.06
CA SER B 171 -42.30 16.40 -21.45
C SER B 171 -41.34 15.60 -22.31
N ARG B 172 -40.70 16.27 -23.26
CA ARG B 172 -39.73 15.58 -24.11
C ARG B 172 -38.61 14.98 -23.27
N LEU B 173 -38.09 15.76 -22.32
CA LEU B 173 -37.03 15.27 -21.45
C LEU B 173 -37.51 14.09 -20.60
N ALA B 174 -38.62 14.27 -19.88
CA ALA B 174 -39.14 13.21 -19.02
C ALA B 174 -39.26 11.88 -19.74
N ALA B 175 -39.59 11.89 -21.04
CA ALA B 175 -39.74 10.63 -21.77
C ALA B 175 -38.43 9.86 -21.91
N ALA B 176 -37.28 10.53 -21.80
CA ALA B 176 -35.98 9.87 -21.82
C ALA B 176 -35.55 9.36 -20.44
N LEU B 177 -36.33 9.66 -19.39
CA LEU B 177 -35.92 9.36 -18.02
C LEU B 177 -36.88 8.39 -17.32
N THR B 178 -37.63 7.57 -18.08
CA THR B 178 -38.57 6.63 -17.48
C THR B 178 -37.86 5.38 -16.96
N PRO B 179 -38.45 4.70 -15.98
CA PRO B 179 -37.85 3.43 -15.54
C PRO B 179 -37.73 2.39 -16.64
N GLN B 180 -38.66 2.39 -17.60
CA GLN B 180 -38.58 1.46 -18.72
C GLN B 180 -37.31 1.69 -19.52
N VAL B 181 -36.90 2.96 -19.65
CA VAL B 181 -35.69 3.30 -20.40
C VAL B 181 -34.45 2.99 -19.58
N ASP B 182 -34.46 3.35 -18.29
CA ASP B 182 -33.38 2.96 -17.38
C ASP B 182 -33.10 1.47 -17.47
N ALA B 183 -34.15 0.67 -17.60
CA ALA B 183 -34.01 -0.79 -17.60
C ALA B 183 -33.20 -1.27 -18.80
N VAL B 184 -33.48 -0.73 -19.99
CA VAL B 184 -32.70 -1.11 -21.16
C VAL B 184 -31.25 -0.65 -21.00
N LEU B 185 -31.07 0.59 -20.53
CA LEU B 185 -29.73 1.15 -20.39
C LEU B 185 -28.92 0.44 -19.32
N ALA B 186 -29.60 -0.13 -18.32
CA ALA B 186 -28.89 -0.88 -17.28
C ALA B 186 -28.25 -2.13 -17.85
N ARG B 187 -28.98 -2.87 -18.69
CA ARG B 187 -28.43 -4.09 -19.25
C ARG B 187 -27.52 -3.82 -20.44
N HIS B 188 -27.75 -2.73 -21.18
CA HIS B 188 -27.03 -2.46 -22.43
C HIS B 188 -26.47 -1.04 -22.42
N PRO B 189 -25.59 -0.73 -21.47
CA PRO B 189 -25.12 0.64 -21.33
C PRO B 189 -24.24 1.06 -22.50
N LEU B 190 -24.23 2.36 -22.74
CA LEU B 190 -23.48 2.95 -23.83
C LEU B 190 -22.16 3.40 -23.24
N ARG B 191 -21.06 2.77 -23.68
CA ARG B 191 -19.74 3.00 -23.11
C ARG B 191 -18.83 3.64 -24.16
N ASP B 192 -18.29 4.80 -23.83
CA ASP B 192 -17.33 5.49 -24.70
C ASP B 192 -15.90 5.27 -24.25
N LEU B 193 -14.98 5.19 -25.22
CA LEU B 193 -13.54 5.24 -24.94
C LEU B 193 -13.11 4.10 -24.02
N VAL B 194 -13.67 2.90 -24.23
CA VAL B 194 -13.45 1.79 -23.31
C VAL B 194 -11.96 1.52 -23.19
N THR B 195 -11.50 1.41 -21.94
CA THR B 195 -10.09 1.27 -21.62
C THR B 195 -9.97 0.13 -20.63
N SER B 196 -9.06 -0.80 -20.88
CA SER B 196 -8.92 -2.00 -20.07
C SER B 196 -7.59 -1.97 -19.32
N SER B 197 -7.61 -2.43 -18.08
CA SER B 197 -6.36 -2.75 -17.39
C SER B 197 -5.72 -4.00 -18.04
N ASP B 198 -4.43 -4.20 -17.77
CA ASP B 198 -3.81 -5.46 -18.16
C ASP B 198 -4.33 -6.58 -17.24
N PRO B 199 -4.43 -7.82 -17.75
CA PRO B 199 -5.03 -8.90 -16.95
C PRO B 199 -4.18 -9.27 -15.75
N LEU B 200 -4.87 -9.66 -14.68
CA LEU B 200 -4.20 -10.15 -13.49
C LEU B 200 -4.65 -11.57 -13.23
N PRO B 201 -3.77 -12.41 -12.68
CA PRO B 201 -4.08 -13.84 -12.54
C PRO B 201 -4.83 -14.19 -11.26
N LEU B 202 -5.67 -15.20 -11.39
CA LEU B 202 -6.47 -15.66 -10.27
C LEU B 202 -6.43 -17.18 -10.25
N LEU B 203 -5.99 -17.75 -9.14
CA LEU B 203 -5.95 -19.20 -8.99
C LEU B 203 -7.18 -19.63 -8.21
N VAL B 204 -8.09 -20.35 -8.86
CA VAL B 204 -9.33 -20.81 -8.24
C VAL B 204 -9.15 -22.26 -7.83
N GLU B 205 -9.31 -22.56 -6.54
CA GLU B 205 -9.10 -23.91 -6.04
C GLU B 205 -10.41 -24.48 -5.51
N ARG B 206 -10.38 -25.74 -5.11
CA ARG B 206 -11.57 -26.41 -4.63
C ARG B 206 -12.00 -25.84 -3.29
N GLU B 207 -13.29 -26.06 -2.97
CA GLU B 207 -13.93 -25.36 -1.86
C GLU B 207 -13.23 -25.64 -0.54
N ARG B 208 -12.72 -26.87 -0.38
CA ARG B 208 -12.07 -27.29 0.88
C ARG B 208 -10.84 -26.44 1.21
N ALA B 209 -10.21 -25.82 0.20
CA ALA B 209 -9.08 -24.93 0.44
C ALA B 209 -9.50 -23.75 1.33
N LEU B 210 -10.73 -23.27 1.17
CA LEU B 210 -11.24 -22.18 2.00
C LEU B 210 -12.09 -22.65 3.18
N TYR B 211 -12.89 -23.72 2.99
CA TYR B 211 -13.95 -24.07 3.92
C TYR B 211 -13.80 -25.52 4.39
N GLY B 212 -13.82 -25.71 5.71
CA GLY B 212 -13.80 -27.05 6.26
C GLY B 212 -13.54 -27.03 7.74
N ALA B 213 -14.00 -28.05 8.47
CA ALA B 213 -13.73 -28.18 9.90
C ALA B 213 -12.72 -29.31 10.12
N TRP B 214 -11.68 -29.02 10.92
CA TRP B 214 -10.53 -29.92 11.10
C TRP B 214 -10.46 -30.48 12.50
N TYR B 215 -10.09 -31.76 12.62
CA TYR B 215 -9.91 -32.42 13.91
C TYR B 215 -8.59 -33.14 13.90
N GLU B 216 -7.74 -32.84 14.88
CA GLU B 216 -6.41 -33.45 14.99
C GLU B 216 -6.41 -34.43 16.14
N PHE B 217 -5.97 -35.67 15.87
CA PHE B 217 -5.78 -36.63 16.97
C PHE B 217 -4.59 -37.53 16.65
N PHE B 218 -4.06 -38.16 17.71
CA PHE B 218 -2.92 -39.09 17.63
C PHE B 218 -3.45 -40.51 17.55
N PRO B 219 -3.28 -41.23 16.44
CA PRO B 219 -3.75 -42.62 16.38
C PRO B 219 -3.23 -43.51 17.50
N ARG B 220 -1.97 -43.35 17.89
CA ARG B 220 -1.41 -44.22 18.94
C ARG B 220 -2.12 -44.05 20.27
N SER B 221 -2.75 -42.91 20.51
CA SER B 221 -3.43 -42.74 21.78
C SER B 221 -4.74 -43.52 21.83
N GLU B 222 -5.27 -43.92 20.68
CA GLU B 222 -6.59 -44.57 20.61
C GLU B 222 -6.40 -46.08 20.55
N GLY B 223 -5.94 -46.64 21.65
CA GLY B 223 -5.71 -48.07 21.74
C GLY B 223 -6.76 -48.74 22.60
N THR B 224 -6.39 -49.84 23.24
CA THR B 224 -7.29 -50.70 23.99
C THR B 224 -6.69 -50.94 25.37
N PRO B 225 -7.52 -51.40 26.34
CA PRO B 225 -6.96 -51.73 27.66
C PRO B 225 -5.79 -52.68 27.61
N HIS B 226 -5.85 -53.68 26.72
CA HIS B 226 -4.80 -54.67 26.64
C HIS B 226 -3.65 -54.26 25.74
N THR B 227 -3.87 -53.34 24.80
CA THR B 227 -2.80 -52.84 23.92
C THR B 227 -2.89 -51.33 23.92
N PRO B 228 -2.25 -50.66 24.88
CA PRO B 228 -2.38 -49.20 24.98
C PRO B 228 -1.95 -48.45 23.73
N HIS B 229 -0.94 -48.91 23.01
CA HIS B 229 -0.50 -48.19 21.82
C HIS B 229 -1.48 -48.50 20.69
N GLY B 230 -2.26 -47.49 20.29
CA GLY B 230 -3.23 -47.70 19.24
C GLY B 230 -2.58 -48.10 17.92
N THR B 231 -3.35 -48.81 17.11
CA THR B 231 -3.00 -49.15 15.74
C THR B 231 -3.91 -48.37 14.81
N PHE B 232 -3.66 -48.50 13.50
CA PHE B 232 -4.60 -47.88 12.57
C PHE B 232 -5.97 -48.51 12.65
N ARG B 233 -6.04 -49.82 12.95
CA ARG B 233 -7.34 -50.46 13.04
C ARG B 233 -8.10 -50.02 14.28
N THR B 234 -7.43 -49.83 15.41
CA THR B 234 -8.16 -49.32 16.57
C THR B 234 -8.45 -47.82 16.44
N ALA B 235 -7.52 -47.04 15.88
CA ALA B 235 -7.80 -45.63 15.68
C ALA B 235 -8.94 -45.40 14.71
N ALA B 236 -9.14 -46.30 13.75
CA ALA B 236 -10.26 -46.14 12.82
C ALA B 236 -11.59 -46.09 13.55
N ARG B 237 -11.69 -46.74 14.72
CA ARG B 237 -12.91 -46.72 15.52
C ARG B 237 -13.21 -45.36 16.10
N ARG B 238 -12.25 -44.43 16.11
CA ARG B 238 -12.50 -43.07 16.58
C ARG B 238 -13.12 -42.19 15.49
N LEU B 239 -13.02 -42.61 14.23
CA LEU B 239 -13.54 -41.79 13.14
C LEU B 239 -15.04 -41.55 13.20
N PRO B 240 -15.90 -42.52 13.54
CA PRO B 240 -17.34 -42.19 13.64
C PRO B 240 -17.66 -41.02 14.56
N ALA B 241 -17.06 -40.95 15.75
CA ALA B 241 -17.36 -39.81 16.63
C ALA B 241 -16.89 -38.49 16.02
N ILE B 242 -15.77 -38.51 15.31
CA ILE B 242 -15.26 -37.29 14.69
C ILE B 242 -16.21 -36.83 13.58
N ALA B 243 -16.64 -37.77 12.74
CA ALA B 243 -17.62 -37.45 11.70
C ALA B 243 -18.93 -36.97 12.32
N ALA B 244 -19.33 -37.56 13.44
CA ALA B 244 -20.55 -37.16 14.12
C ALA B 244 -20.47 -35.74 14.68
N MET B 245 -19.28 -35.26 15.06
CA MET B 245 -19.13 -33.86 15.44
C MET B 245 -19.14 -32.93 14.24
N GLY B 246 -19.27 -33.45 13.02
CA GLY B 246 -19.40 -32.59 11.87
C GLY B 246 -18.09 -32.13 11.26
N PHE B 247 -16.99 -32.83 11.53
CA PHE B 247 -15.71 -32.47 10.95
C PHE B 247 -15.57 -33.01 9.53
N ASP B 248 -14.73 -32.35 8.73
CA ASP B 248 -14.47 -32.74 7.35
C ASP B 248 -13.07 -33.29 7.12
N VAL B 249 -12.09 -32.86 7.92
CA VAL B 249 -10.68 -33.18 7.73
C VAL B 249 -10.16 -33.74 9.04
N VAL B 250 -9.42 -34.84 8.95
CA VAL B 250 -8.72 -35.43 10.08
C VAL B 250 -7.22 -35.23 9.86
N TYR B 251 -6.58 -34.45 10.75
CA TYR B 251 -5.15 -34.17 10.68
C TYR B 251 -4.43 -35.10 11.66
N LEU B 252 -3.55 -35.94 11.14
CA LEU B 252 -2.76 -36.83 11.96
C LEU B 252 -1.34 -36.30 12.09
N PRO B 253 -0.74 -36.31 13.29
CA PRO B 253 0.71 -36.14 13.42
C PRO B 253 1.45 -37.22 12.64
N PRO B 254 2.77 -37.10 12.48
CA PRO B 254 3.52 -38.07 11.66
C PRO B 254 3.27 -39.51 12.07
N ILE B 255 3.08 -40.36 11.05
CA ILE B 255 2.67 -41.75 11.21
C ILE B 255 3.82 -42.71 10.93
N HIS B 256 5.04 -42.21 10.93
CA HIS B 256 6.21 -42.96 10.51
C HIS B 256 6.96 -43.51 11.70
N PRO B 257 7.98 -44.37 11.48
CA PRO B 257 8.81 -44.80 12.61
C PRO B 257 9.44 -43.61 13.31
N ILE B 258 9.73 -43.79 14.60
CA ILE B 258 10.24 -42.74 15.47
C ILE B 258 11.64 -43.13 15.93
N GLY B 259 12.58 -42.18 15.86
CA GLY B 259 13.96 -42.46 16.27
C GLY B 259 14.07 -42.83 17.73
N THR B 260 15.19 -43.49 18.05
CA THR B 260 15.53 -43.80 19.43
C THR B 260 16.67 -42.96 19.98
N THR B 261 17.60 -42.52 19.13
CA THR B 261 18.70 -41.69 19.58
C THR B 261 18.18 -40.32 19.98
N HIS B 262 18.49 -39.91 21.20
CA HIS B 262 18.00 -38.64 21.76
C HIS B 262 16.47 -38.57 21.79
N ARG B 263 15.79 -39.72 21.80
CA ARG B 263 14.33 -39.70 21.95
C ARG B 263 13.94 -38.97 23.23
N LYS B 264 12.92 -38.12 23.12
CA LYS B 264 12.44 -37.37 24.27
C LYS B 264 11.52 -38.21 25.13
N GLY B 265 11.57 -37.96 26.44
CA GLY B 265 10.69 -38.61 27.39
C GLY B 265 9.46 -37.76 27.65
N ARG B 266 8.69 -38.18 28.66
N ARG B 266 8.70 -38.18 28.67
CA ARG B 266 7.45 -37.49 28.98
CA ARG B 266 7.46 -37.49 29.00
C ARG B 266 7.71 -36.04 29.39
C ARG B 266 7.71 -36.03 29.40
N ASN B 267 6.73 -35.18 29.12
CA ASN B 267 6.81 -33.75 29.45
C ASN B 267 8.04 -33.07 28.87
N ASN B 268 8.41 -33.44 27.63
CA ASN B 268 9.51 -32.79 26.93
C ASN B 268 10.84 -32.96 27.69
N THR B 269 11.03 -34.10 28.35
CA THR B 269 12.33 -34.35 28.98
C THR B 269 13.31 -34.93 27.96
N LEU B 270 14.60 -34.77 28.23
CA LEU B 270 15.60 -35.08 27.22
C LEU B 270 15.94 -36.55 27.10
N SER B 271 15.67 -37.40 28.09
CA SER B 271 15.96 -38.82 27.95
C SER B 271 14.71 -39.67 28.18
N ALA B 272 14.47 -40.58 27.25
CA ALA B 272 13.34 -41.48 27.32
C ALA B 272 13.71 -42.71 28.12
N THR B 273 12.75 -43.20 28.90
CA THR B 273 12.85 -44.53 29.49
C THR B 273 12.60 -45.57 28.41
N GLY B 274 12.48 -46.83 28.83
CA GLY B 274 12.37 -47.92 27.87
C GLY B 274 11.02 -48.08 27.21
N ASP B 275 9.93 -47.68 27.88
CA ASP B 275 8.61 -47.75 27.25
C ASP B 275 8.14 -46.43 26.65
N ASP B 276 8.88 -45.34 26.85
CA ASP B 276 8.48 -44.04 26.34
C ASP B 276 8.34 -44.07 24.82
N VAL B 277 7.30 -43.41 24.30
CA VAL B 277 7.02 -43.52 22.87
C VAL B 277 7.70 -42.47 22.03
N GLY B 278 8.22 -41.40 22.64
CA GLY B 278 8.85 -40.34 21.88
C GLY B 278 7.90 -39.44 21.10
N SER B 279 8.46 -38.40 20.51
CA SER B 279 7.68 -37.48 19.70
C SER B 279 7.50 -38.02 18.28
N PRO B 280 6.28 -38.02 17.73
CA PRO B 280 6.11 -38.46 16.32
C PRO B 280 6.91 -37.63 15.33
N TRP B 281 7.30 -36.40 15.69
CA TRP B 281 8.02 -35.57 14.75
C TRP B 281 9.49 -35.95 14.63
N ALA B 282 9.98 -36.84 15.49
CA ALA B 282 11.36 -37.33 15.39
C ALA B 282 11.39 -38.53 14.43
N ILE B 283 11.24 -38.20 13.14
CA ILE B 283 10.87 -39.18 12.12
C ILE B 283 12.09 -40.00 11.70
N GLY B 284 11.93 -41.31 11.67
CA GLY B 284 12.91 -42.15 10.97
C GLY B 284 13.71 -43.08 11.87
N SER B 285 13.95 -44.29 11.37
CA SER B 285 14.68 -45.32 12.10
C SER B 285 15.14 -46.39 11.11
N PRO B 286 15.87 -47.43 11.53
CA PRO B 286 16.13 -48.55 10.61
C PRO B 286 14.85 -49.15 10.04
N GLU B 287 13.72 -48.94 10.71
CA GLU B 287 12.42 -49.44 10.25
C GLU B 287 11.92 -48.68 9.03
N GLY B 288 12.39 -47.47 8.80
CA GLY B 288 12.01 -46.72 7.62
C GLY B 288 11.94 -45.23 7.91
N GLY B 289 11.63 -44.46 6.87
CA GLY B 289 11.51 -43.02 7.00
C GLY B 289 10.14 -42.46 6.67
N HIS B 290 10.10 -41.37 5.90
CA HIS B 290 8.89 -40.60 5.69
C HIS B 290 7.88 -41.32 4.81
N ASP B 291 8.29 -42.37 4.10
CA ASP B 291 7.40 -43.13 3.25
C ASP B 291 6.96 -44.45 3.90
N SER B 292 7.14 -44.56 5.21
CA SER B 292 6.92 -45.80 5.96
C SER B 292 5.98 -45.56 7.13
N ILE B 293 5.45 -46.67 7.66
CA ILE B 293 4.51 -46.66 8.78
C ILE B 293 5.23 -47.13 10.03
N HIS B 294 5.02 -46.42 11.14
CA HIS B 294 5.44 -46.87 12.45
C HIS B 294 4.96 -48.31 12.65
N PRO B 295 5.85 -49.26 12.97
CA PRO B 295 5.40 -50.65 13.11
C PRO B 295 4.30 -50.83 14.14
N ALA B 296 4.29 -50.05 15.23
CA ALA B 296 3.21 -50.26 16.19
C ALA B 296 1.86 -49.76 15.68
N LEU B 297 1.83 -48.92 14.62
CA LEU B 297 0.56 -48.55 14.01
C LEU B 297 0.07 -49.61 13.04
N GLY B 298 0.95 -50.52 12.61
CA GLY B 298 0.54 -51.52 11.67
C GLY B 298 1.24 -51.34 10.35
N THR B 299 0.57 -51.66 9.25
CA THR B 299 1.18 -51.63 7.94
C THR B 299 0.49 -50.62 7.03
N LEU B 300 1.04 -50.49 5.82
CA LEU B 300 0.44 -49.65 4.80
C LEU B 300 -0.98 -50.08 4.47
N ASP B 301 -1.23 -51.40 4.40
CA ASP B 301 -2.59 -51.88 4.20
C ASP B 301 -3.51 -51.45 5.34
N ASP B 302 -3.01 -51.46 6.57
CA ASP B 302 -3.81 -50.95 7.68
C ASP B 302 -4.10 -49.47 7.50
N PHE B 303 -3.11 -48.69 7.04
CA PHE B 303 -3.34 -47.28 6.77
C PHE B 303 -4.40 -47.10 5.70
N ASP B 304 -4.33 -47.90 4.63
CA ASP B 304 -5.35 -47.83 3.59
C ASP B 304 -6.75 -48.12 4.15
N HIS B 305 -6.86 -49.10 5.05
CA HIS B 305 -8.12 -49.35 5.76
C HIS B 305 -8.61 -48.08 6.46
N PHE B 306 -7.74 -47.45 7.25
CA PHE B 306 -8.08 -46.19 7.91
C PHE B 306 -8.58 -45.15 6.91
N VAL B 307 -7.86 -44.96 5.80
CA VAL B 307 -8.28 -43.99 4.80
C VAL B 307 -9.63 -44.36 4.22
N THR B 308 -9.84 -45.64 3.92
CA THR B 308 -11.12 -46.08 3.37
C THR B 308 -12.26 -45.79 4.34
N GLU B 309 -12.10 -46.19 5.60
CA GLU B 309 -13.14 -45.94 6.60
C GLU B 309 -13.40 -44.46 6.77
N ALA B 310 -12.34 -43.64 6.76
CA ALA B 310 -12.52 -42.19 6.81
C ALA B 310 -13.37 -41.71 5.64
N GLY B 311 -13.00 -42.10 4.43
CA GLY B 311 -13.73 -41.64 3.26
C GLY B 311 -15.20 -42.03 3.29
N LYS B 312 -15.49 -43.26 3.77
CA LYS B 312 -16.89 -43.68 3.89
C LYS B 312 -17.67 -42.78 4.84
N LEU B 313 -17.00 -42.11 5.76
CA LEU B 313 -17.64 -41.23 6.72
C LEU B 313 -17.61 -39.78 6.29
N GLY B 314 -17.17 -39.49 5.07
CA GLY B 314 -17.02 -38.13 4.59
C GLY B 314 -15.82 -37.38 5.15
N LEU B 315 -14.79 -38.08 5.62
CA LEU B 315 -13.62 -37.46 6.23
C LEU B 315 -12.45 -37.55 5.26
N GLU B 316 -11.72 -36.44 5.10
CA GLU B 316 -10.47 -36.42 4.35
C GLU B 316 -9.28 -36.46 5.31
N ILE B 317 -8.24 -37.20 4.95
CA ILE B 317 -7.06 -37.29 5.80
C ILE B 317 -6.07 -36.20 5.40
N ALA B 318 -5.58 -35.47 6.39
CA ALA B 318 -4.43 -34.59 6.24
C ALA B 318 -3.28 -35.22 7.01
N LEU B 319 -2.17 -35.48 6.32
CA LEU B 319 -0.96 -35.98 6.95
C LEU B 319 0.01 -34.84 7.26
N ASP B 320 0.70 -34.96 8.38
CA ASP B 320 1.78 -34.05 8.72
C ASP B 320 2.97 -34.31 7.80
N PHE B 321 3.57 -33.25 7.24
CA PHE B 321 4.80 -33.41 6.48
C PHE B 321 5.86 -32.55 7.17
N ALA B 322 6.81 -33.22 7.80
CA ALA B 322 7.81 -32.56 8.63
C ALA B 322 9.18 -32.86 8.00
N LEU B 323 9.75 -31.89 7.30
CA LEU B 323 11.00 -32.10 6.55
C LEU B 323 12.17 -31.94 7.52
N GLN B 324 12.50 -33.04 8.17
CA GLN B 324 13.51 -33.12 9.22
C GLN B 324 13.63 -34.61 9.52
N CYS B 325 14.56 -34.96 10.41
CA CYS B 325 14.65 -36.36 10.74
CA CYS B 325 14.94 -36.36 10.62
C CYS B 325 15.36 -36.58 12.07
N SER B 326 15.04 -37.74 12.63
CA SER B 326 15.74 -38.21 13.83
C SER B 326 17.16 -38.63 13.43
N PRO B 327 18.07 -38.75 14.38
CA PRO B 327 19.43 -39.20 14.03
C PRO B 327 19.46 -40.61 13.43
N ASP B 328 18.39 -41.37 13.54
CA ASP B 328 18.35 -42.77 13.09
C ASP B 328 17.74 -42.91 11.72
N HIS B 329 17.29 -41.82 11.13
CA HIS B 329 16.65 -41.88 9.85
C HIS B 329 17.64 -42.32 8.79
N PRO B 330 17.22 -43.17 7.84
CA PRO B 330 18.12 -43.60 6.74
C PRO B 330 18.81 -42.46 6.03
N TRP B 331 18.18 -41.27 5.92
CA TRP B 331 18.80 -40.17 5.19
C TRP B 331 20.15 -39.80 5.78
N VAL B 332 20.32 -39.95 7.09
CA VAL B 332 21.53 -39.52 7.77
C VAL B 332 22.77 -40.18 7.15
N HIS B 333 22.67 -41.44 6.77
CA HIS B 333 23.80 -42.05 6.07
C HIS B 333 23.63 -42.12 4.56
N LYS B 334 22.39 -42.12 4.04
CA LYS B 334 22.15 -42.18 2.60
C LYS B 334 22.40 -40.85 1.90
N HIS B 335 22.11 -39.74 2.57
CA HIS B 335 22.24 -38.40 1.99
C HIS B 335 22.85 -37.46 3.02
N PRO B 336 24.08 -37.70 3.43
CA PRO B 336 24.70 -36.81 4.41
C PRO B 336 24.69 -35.36 3.97
N GLU B 337 24.75 -35.11 2.66
CA GLU B 337 24.80 -33.73 2.16
C GLU B 337 23.49 -32.97 2.40
N TRP B 338 22.44 -33.63 2.89
CA TRP B 338 21.20 -32.96 3.26
C TRP B 338 21.23 -32.39 4.68
N PHE B 339 22.41 -32.40 5.34
CA PHE B 339 22.57 -31.88 6.70
C PHE B 339 23.80 -31.00 6.77
N HIS B 340 23.77 -30.02 7.68
CA HIS B 340 24.96 -29.23 7.96
C HIS B 340 25.76 -29.90 9.07
N HIS B 341 26.99 -30.28 8.74
CA HIS B 341 27.87 -30.92 9.70
C HIS B 341 28.89 -29.90 10.16
N ARG B 342 29.12 -29.85 11.46
CA ARG B 342 30.15 -29.01 12.04
C ARG B 342 31.52 -29.67 11.82
N PRO B 343 32.63 -28.98 12.15
CA PRO B 343 33.95 -29.53 11.77
C PRO B 343 34.24 -30.89 12.36
N ASP B 344 33.65 -31.24 13.50
CA ASP B 344 33.83 -32.56 14.09
C ASP B 344 32.83 -33.58 13.56
N GLY B 345 32.05 -33.24 12.52
CA GLY B 345 31.08 -34.18 11.99
C GLY B 345 29.71 -34.14 12.64
N THR B 346 29.54 -33.48 13.79
CA THR B 346 28.23 -33.49 14.44
C THR B 346 27.24 -32.60 13.69
N ILE B 347 25.97 -33.02 13.69
CA ILE B 347 24.87 -32.20 13.17
C ILE B 347 24.15 -31.59 14.37
N ALA B 348 24.15 -30.26 14.46
CA ALA B 348 23.45 -29.58 15.55
C ALA B 348 21.96 -29.93 15.51
N HIS B 349 21.39 -30.18 16.67
CA HIS B 349 19.96 -30.48 16.68
C HIS B 349 19.17 -29.23 16.30
N ALA B 350 17.98 -29.46 15.76
CA ALA B 350 17.16 -28.34 15.29
C ALA B 350 16.68 -27.50 16.47
N GLU B 351 16.38 -26.24 16.17
CA GLU B 351 15.90 -25.28 17.16
C GLU B 351 14.88 -24.36 16.50
N ASN B 352 14.02 -23.81 17.35
CA ASN B 352 13.08 -22.77 16.94
C ASN B 352 12.94 -21.85 18.14
N PRO B 353 13.95 -21.02 18.40
CA PRO B 353 14.12 -20.42 19.72
C PRO B 353 12.88 -19.65 20.13
N PRO B 354 12.46 -19.77 21.39
CA PRO B 354 13.23 -20.44 22.45
C PRO B 354 13.08 -21.97 22.54
N LYS B 355 12.36 -22.63 21.64
CA LYS B 355 12.24 -24.07 21.75
C LYS B 355 13.47 -24.78 21.19
N LYS B 356 13.79 -25.94 21.77
CA LYS B 356 14.85 -26.82 21.27
C LYS B 356 14.29 -28.19 20.92
N TYR B 357 14.79 -28.75 19.83
CA TYR B 357 14.36 -30.05 19.33
C TYR B 357 15.55 -31.02 19.36
N GLN B 358 15.98 -31.41 20.56
CA GLN B 358 17.16 -32.25 20.71
C GLN B 358 17.03 -33.60 20.00
N ASP B 359 15.82 -34.04 19.68
CA ASP B 359 15.62 -35.37 19.09
C ASP B 359 15.69 -35.38 17.56
N ILE B 360 15.92 -34.24 16.90
CA ILE B 360 15.95 -34.20 15.44
C ILE B 360 17.10 -33.35 14.91
N TYR B 361 17.47 -33.62 13.66
CA TYR B 361 18.35 -32.84 12.82
C TYR B 361 17.53 -32.01 11.85
N PRO B 362 17.87 -30.74 11.64
CA PRO B 362 17.24 -29.99 10.55
C PRO B 362 17.92 -30.28 9.21
N ILE B 363 17.17 -30.08 8.13
CA ILE B 363 17.69 -30.30 6.77
C ILE B 363 18.48 -29.07 6.32
N ALA B 364 19.57 -29.31 5.60
CA ALA B 364 20.33 -28.26 4.92
C ALA B 364 20.02 -28.36 3.44
N PHE B 365 19.79 -27.21 2.78
CA PHE B 365 19.20 -27.18 1.45
C PHE B 365 20.14 -26.79 0.31
N ASP B 366 21.37 -26.41 0.61
CA ASP B 366 22.24 -25.79 -0.39
C ASP B 366 23.31 -26.72 -0.96
N ALA B 367 23.50 -27.91 -0.41
CA ALA B 367 24.39 -28.85 -1.07
C ALA B 367 23.68 -29.63 -2.19
N ASP B 368 22.42 -30.02 -1.99
CA ASP B 368 21.70 -30.83 -2.97
C ASP B 368 20.23 -30.43 -3.01
N PRO B 369 19.94 -29.21 -3.47
CA PRO B 369 18.53 -28.78 -3.52
C PRO B 369 17.70 -29.60 -4.50
N ASP B 370 18.29 -30.07 -5.61
CA ASP B 370 17.52 -30.87 -6.55
C ASP B 370 17.16 -32.24 -5.97
N GLY B 371 18.11 -32.88 -5.29
CA GLY B 371 17.81 -34.17 -4.69
C GLY B 371 16.73 -34.08 -3.62
N LEU B 372 16.75 -33.00 -2.82
CA LEU B 372 15.75 -32.79 -1.77
C LEU B 372 14.37 -32.54 -2.36
N ALA B 373 14.29 -31.72 -3.40
CA ALA B 373 12.99 -31.48 -4.02
C ALA B 373 12.45 -32.74 -4.67
N THR B 374 13.32 -33.51 -5.33
CA THR B 374 12.91 -34.78 -5.91
C THR B 374 12.38 -35.73 -4.84
N GLU B 375 13.11 -35.85 -3.73
CA GLU B 375 12.67 -36.77 -2.69
C GLU B 375 11.40 -36.27 -1.99
N THR B 376 11.29 -34.97 -1.78
CA THR B 376 10.09 -34.43 -1.14
C THR B 376 8.83 -34.73 -1.94
N VAL B 377 8.86 -34.45 -3.25
CA VAL B 377 7.66 -34.70 -4.05
C VAL B 377 7.44 -36.20 -4.24
N ARG B 378 8.51 -36.99 -4.19
CA ARG B 378 8.32 -38.44 -4.19
C ARG B 378 7.52 -38.88 -2.98
N ILE B 379 7.88 -38.36 -1.80
CA ILE B 379 7.20 -38.75 -0.56
C ILE B 379 5.75 -38.29 -0.59
N LEU B 380 5.52 -37.05 -1.02
CA LEU B 380 4.16 -36.55 -1.13
C LEU B 380 3.33 -37.38 -2.10
N ARG B 381 3.91 -37.74 -3.24
CA ARG B 381 3.14 -38.50 -4.22
C ARG B 381 2.88 -39.93 -3.74
N HIS B 382 3.74 -40.46 -2.88
CA HIS B 382 3.44 -41.75 -2.25
C HIS B 382 2.18 -41.66 -1.40
N TRP B 383 2.08 -40.66 -0.52
CA TRP B 383 0.89 -40.56 0.32
C TRP B 383 -0.33 -40.17 -0.50
N MET B 384 -0.10 -39.34 -1.52
CA MET B 384 -1.16 -39.01 -2.47
C MET B 384 -1.72 -40.27 -3.13
N ASP B 385 -0.85 -41.23 -3.47
CA ASP B 385 -1.31 -42.47 -4.07
C ASP B 385 -2.13 -43.29 -3.09
N HIS B 386 -1.96 -43.06 -1.80
CA HIS B 386 -2.75 -43.74 -0.79
C HIS B 386 -3.90 -42.88 -0.27
N GLY B 387 -4.35 -41.92 -1.07
CA GLY B 387 -5.57 -41.19 -0.79
C GLY B 387 -5.41 -39.93 0.03
N VAL B 388 -4.18 -39.48 0.29
CA VAL B 388 -3.97 -38.28 1.10
C VAL B 388 -3.83 -37.09 0.15
N ARG B 389 -4.78 -36.16 0.19
CA ARG B 389 -4.80 -35.01 -0.71
C ARG B 389 -4.65 -33.69 0.02
N ILE B 390 -4.25 -33.73 1.29
CA ILE B 390 -4.05 -32.55 2.13
C ILE B 390 -2.84 -32.80 3.01
N PHE B 391 -1.93 -31.83 3.09
CA PHE B 391 -0.74 -31.95 3.90
C PHE B 391 -0.62 -30.75 4.82
N ARG B 392 -0.44 -31.02 6.08
CA ARG B 392 -0.15 -30.01 7.07
C ARG B 392 1.38 -29.94 7.19
N VAL B 393 1.97 -28.83 6.75
CA VAL B 393 3.43 -28.71 6.67
C VAL B 393 3.95 -28.13 7.98
N ASP B 394 4.76 -28.92 8.68
CA ASP B 394 5.32 -28.57 9.97
C ASP B 394 6.44 -27.53 9.83
N ASN B 395 6.39 -26.46 10.62
CA ASN B 395 7.38 -25.39 10.64
C ASN B 395 7.93 -25.06 9.24
N PRO B 396 7.08 -24.66 8.29
CA PRO B 396 7.63 -24.41 6.95
C PRO B 396 8.65 -23.26 6.93
N HIS B 397 8.59 -22.34 7.88
CA HIS B 397 9.45 -21.17 7.89
C HIS B 397 10.90 -21.47 8.26
N THR B 398 11.27 -22.71 8.63
CA THR B 398 12.68 -23.07 8.81
C THR B 398 13.25 -23.78 7.58
N LYS B 399 12.48 -23.85 6.51
CA LYS B 399 12.94 -24.32 5.20
C LYS B 399 12.76 -23.18 4.20
N PRO B 400 13.53 -23.16 3.11
CA PRO B 400 13.52 -21.99 2.23
C PRO B 400 12.17 -21.77 1.56
N VAL B 401 11.75 -20.51 1.54
CA VAL B 401 10.49 -20.13 0.90
C VAL B 401 10.44 -20.64 -0.53
N ALA B 402 11.53 -20.42 -1.28
CA ALA B 402 11.57 -20.86 -2.67
C ALA B 402 11.51 -22.38 -2.80
N PHE B 403 11.94 -23.12 -1.78
CA PHE B 403 11.78 -24.57 -1.81
C PHE B 403 10.31 -24.96 -1.81
N TRP B 404 9.52 -24.39 -0.90
CA TRP B 404 8.09 -24.69 -0.91
C TRP B 404 7.45 -24.20 -2.20
N GLU B 405 7.88 -23.03 -2.69
CA GLU B 405 7.35 -22.54 -3.95
C GLU B 405 7.50 -23.60 -5.03
N ARG B 406 8.71 -24.15 -5.16
CA ARG B 406 9.01 -25.19 -6.14
C ARG B 406 8.17 -26.45 -5.90
N VAL B 407 8.19 -26.96 -4.67
CA VAL B 407 7.53 -28.22 -4.33
C VAL B 407 6.03 -28.11 -4.58
N ILE B 408 5.42 -27.01 -4.15
CA ILE B 408 3.97 -26.87 -4.31
C ILE B 408 3.61 -26.75 -5.78
N ALA B 409 4.39 -25.98 -6.56
CA ALA B 409 4.13 -25.88 -7.99
C ALA B 409 4.22 -27.24 -8.67
N ASP B 410 5.21 -28.04 -8.26
CA ASP B 410 5.38 -29.38 -8.82
C ASP B 410 4.15 -30.25 -8.51
N ILE B 411 3.76 -30.33 -7.24
CA ILE B 411 2.63 -31.18 -6.85
C ILE B 411 1.36 -30.71 -7.52
N ASN B 412 1.07 -29.40 -7.43
CA ASN B 412 -0.19 -28.89 -7.96
C ASN B 412 -0.18 -28.89 -9.49
N GLY B 413 1.00 -28.95 -10.11
CA GLY B 413 1.05 -29.01 -11.57
C GLY B 413 0.45 -30.30 -12.12
N THR B 414 0.63 -31.42 -11.42
CA THR B 414 -0.02 -32.66 -11.78
C THR B 414 -1.32 -32.90 -11.01
N ASP B 415 -1.43 -32.37 -9.80
CA ASP B 415 -2.54 -32.67 -8.90
C ASP B 415 -3.00 -31.37 -8.24
N PRO B 416 -3.76 -30.53 -8.97
CA PRO B 416 -4.13 -29.22 -8.42
C PRO B 416 -5.08 -29.29 -7.23
N ASP B 417 -5.66 -30.46 -6.93
CA ASP B 417 -6.55 -30.57 -5.77
C ASP B 417 -5.80 -30.65 -4.44
N VAL B 418 -4.51 -30.94 -4.45
CA VAL B 418 -3.78 -31.12 -3.19
C VAL B 418 -3.72 -29.80 -2.43
N ILE B 419 -4.00 -29.85 -1.12
CA ILE B 419 -4.07 -28.68 -0.26
C ILE B 419 -2.90 -28.72 0.71
N PHE B 420 -2.15 -27.61 0.80
CA PHE B 420 -1.03 -27.50 1.73
C PHE B 420 -1.36 -26.45 2.79
N LEU B 421 -1.20 -26.82 4.06
CA LEU B 421 -1.45 -25.92 5.18
C LEU B 421 -0.12 -25.61 5.86
N ALA B 422 0.22 -24.31 5.94
CA ALA B 422 1.49 -23.85 6.49
C ALA B 422 1.38 -23.64 8.01
N GLU B 423 2.12 -24.42 8.80
CA GLU B 423 2.16 -24.21 10.25
C GLU B 423 3.30 -23.26 10.60
N ALA B 424 3.11 -21.99 10.25
CA ALA B 424 4.13 -20.96 10.40
C ALA B 424 3.69 -19.92 11.43
N PHE B 425 4.00 -20.19 12.70
CA PHE B 425 3.80 -19.22 13.78
C PHE B 425 5.09 -18.42 13.90
N THR B 426 5.14 -17.27 13.22
CA THR B 426 6.40 -16.56 13.08
C THR B 426 6.10 -15.10 12.75
N ARG B 427 7.09 -14.38 12.22
CA ARG B 427 6.92 -12.96 11.95
C ARG B 427 6.01 -12.77 10.73
N PRO B 428 5.37 -11.60 10.61
CA PRO B 428 4.36 -11.42 9.54
C PRO B 428 4.89 -11.57 8.12
N ALA B 429 6.11 -11.09 7.83
CA ALA B 429 6.60 -11.15 6.45
C ALA B 429 6.67 -12.60 5.96
N MET B 430 7.19 -13.49 6.80
CA MET B 430 7.33 -14.90 6.45
C MET B 430 5.97 -15.59 6.31
N MET B 431 5.07 -15.39 7.28
CA MET B 431 3.65 -15.83 7.22
C MET B 431 3.01 -15.45 5.89
N ALA B 432 3.12 -14.17 5.51
CA ALA B 432 2.48 -13.70 4.29
C ALA B 432 3.15 -14.27 3.04
N THR B 433 4.49 -14.33 3.03
CA THR B 433 5.17 -14.79 1.83
C THR B 433 4.90 -16.27 1.57
N LEU B 434 4.85 -17.08 2.63
CA LEU B 434 4.55 -18.50 2.46
C LEU B 434 3.16 -18.69 1.84
N ALA B 435 2.17 -17.95 2.32
CA ALA B 435 0.87 -17.98 1.66
C ALA B 435 0.98 -17.56 0.20
N GLN B 436 1.75 -16.51 -0.07
CA GLN B 436 1.76 -15.95 -1.41
C GLN B 436 2.47 -16.86 -2.43
N ILE B 437 3.41 -17.70 -1.99
CA ILE B 437 4.09 -18.58 -2.94
C ILE B 437 3.34 -19.89 -3.16
N GLY B 438 2.16 -20.04 -2.57
CA GLY B 438 1.35 -21.19 -2.91
C GLY B 438 0.68 -21.97 -1.79
N PHE B 439 1.01 -21.74 -0.52
CA PHE B 439 0.31 -22.50 0.53
C PHE B 439 -1.19 -22.18 0.50
N GLN B 440 -2.01 -23.19 0.27
CA GLN B 440 -3.46 -22.99 0.18
C GLN B 440 -4.04 -22.44 1.49
N GLN B 441 -3.49 -22.84 2.64
CA GLN B 441 -3.99 -22.39 3.94
C GLN B 441 -2.80 -22.08 4.85
N SER B 442 -3.08 -21.29 5.87
CA SER B 442 -2.10 -20.83 6.84
C SER B 442 -2.67 -20.92 8.25
N TYR B 443 -1.89 -21.45 9.18
CA TYR B 443 -2.15 -21.13 10.59
C TYR B 443 -1.94 -19.64 10.83
N THR B 444 -2.53 -19.14 11.93
CA THR B 444 -2.70 -17.71 12.14
C THR B 444 -2.35 -17.37 13.59
N TYR B 445 -2.48 -16.08 13.94
CA TYR B 445 -2.30 -15.64 15.32
C TYR B 445 -3.57 -15.81 16.17
N PHE B 446 -4.57 -16.55 15.67
CA PHE B 446 -5.89 -16.62 16.32
C PHE B 446 -5.80 -16.88 17.83
N THR B 447 -4.97 -17.85 18.25
CA THR B 447 -4.93 -18.23 19.67
C THR B 447 -4.44 -17.10 20.56
N TRP B 448 -3.77 -16.09 20.02
CA TRP B 448 -3.30 -14.95 20.79
C TRP B 448 -4.13 -13.70 20.52
N ARG B 449 -5.36 -13.87 20.06
CA ARG B 449 -6.29 -12.76 19.85
C ARG B 449 -7.55 -13.10 20.65
N ASN B 450 -7.66 -12.50 21.85
CA ASN B 450 -8.67 -12.91 22.81
C ASN B 450 -9.60 -11.79 23.29
N THR B 451 -9.12 -10.54 23.37
CA THR B 451 -9.98 -9.39 23.67
C THR B 451 -10.78 -8.98 22.43
N LYS B 452 -11.80 -8.14 22.65
CA LYS B 452 -12.59 -7.64 21.53
C LYS B 452 -11.72 -6.87 20.55
N GLN B 453 -10.83 -6.02 21.06
CA GLN B 453 -9.96 -5.23 20.18
C GLN B 453 -9.06 -6.13 19.34
N GLU B 454 -8.45 -7.14 19.95
CA GLU B 454 -7.55 -8.03 19.21
C GLU B 454 -8.31 -8.79 18.11
N LEU B 455 -9.48 -9.33 18.45
CA LEU B 455 -10.26 -10.10 17.49
C LEU B 455 -10.73 -9.23 16.34
N THR B 456 -11.23 -8.03 16.65
CA THR B 456 -11.75 -7.12 15.62
C THR B 456 -10.65 -6.69 14.67
N GLU B 457 -9.49 -6.32 15.21
CA GLU B 457 -8.36 -5.88 14.39
C GLU B 457 -7.81 -7.03 13.55
N TYR B 458 -7.61 -8.20 14.16
CA TYR B 458 -6.99 -9.30 13.42
C TYR B 458 -7.92 -9.81 12.33
N LEU B 459 -9.21 -9.91 12.61
CA LEU B 459 -10.12 -10.39 11.57
C LEU B 459 -10.36 -9.34 10.51
N THR B 460 -10.24 -8.04 10.87
CA THR B 460 -10.33 -7.02 9.83
C THR B 460 -9.18 -7.17 8.84
N GLU B 461 -7.97 -7.46 9.35
CA GLU B 461 -6.83 -7.78 8.50
C GLU B 461 -7.07 -9.04 7.67
N LEU B 462 -7.48 -10.14 8.31
CA LEU B 462 -7.55 -11.40 7.55
C LEU B 462 -8.68 -11.37 6.53
N SER B 463 -9.77 -10.66 6.81
CA SER B 463 -10.87 -10.62 5.85
C SER B 463 -10.69 -9.54 4.80
N GLY B 464 -9.61 -8.75 4.92
CA GLY B 464 -9.30 -7.66 4.01
C GLY B 464 -8.31 -8.07 2.94
N GLU B 465 -7.29 -7.24 2.72
CA GLU B 465 -6.40 -7.49 1.59
C GLU B 465 -5.69 -8.84 1.72
N ALA B 466 -5.40 -9.27 2.94
CA ALA B 466 -4.71 -10.55 3.16
C ALA B 466 -5.47 -11.73 2.55
N ALA B 467 -6.81 -11.64 2.47
CA ALA B 467 -7.62 -12.71 1.89
C ALA B 467 -7.34 -12.92 0.40
N SER B 468 -6.67 -12.00 -0.27
CA SER B 468 -6.31 -12.26 -1.65
C SER B 468 -5.18 -13.28 -1.78
N TYR B 469 -4.42 -13.56 -0.71
CA TYR B 469 -3.34 -14.52 -0.80
C TYR B 469 -3.29 -15.54 0.34
N MET B 470 -4.09 -15.38 1.40
CA MET B 470 -4.09 -16.27 2.56
C MET B 470 -5.49 -16.77 2.91
N ARG B 471 -5.59 -18.08 3.20
CA ARG B 471 -6.81 -18.66 3.77
C ARG B 471 -6.53 -19.13 5.19
N PRO B 472 -7.17 -18.56 6.20
CA PRO B 472 -6.82 -18.90 7.59
C PRO B 472 -7.46 -20.20 8.04
N ASN B 473 -6.69 -20.98 8.80
CA ASN B 473 -7.22 -22.15 9.48
C ASN B 473 -7.15 -21.86 10.99
N PHE B 474 -8.31 -21.54 11.60
CA PHE B 474 -8.42 -21.22 13.03
C PHE B 474 -8.50 -22.48 13.89
N PHE B 475 -7.34 -23.05 14.21
CA PHE B 475 -7.26 -24.02 15.30
C PHE B 475 -7.37 -23.31 16.64
N ALA B 476 -8.41 -23.64 17.41
CA ALA B 476 -8.58 -23.00 18.71
C ALA B 476 -7.53 -23.46 19.71
N ASN B 477 -6.94 -24.64 19.50
CA ASN B 477 -5.82 -25.13 20.28
C ASN B 477 -4.96 -25.96 19.32
N THR B 478 -3.73 -26.26 19.74
CA THR B 478 -2.88 -27.23 19.05
C THR B 478 -2.13 -27.94 20.16
N PRO B 479 -1.46 -29.07 19.90
CA PRO B 479 -0.66 -29.72 20.96
C PRO B 479 0.37 -28.81 21.60
N ASP B 480 0.73 -27.72 20.91
CA ASP B 480 1.72 -26.76 21.38
C ASP B 480 1.12 -25.49 21.96
N ILE B 481 -0.21 -25.30 21.91
CA ILE B 481 -0.78 -24.02 22.30
C ILE B 481 -2.03 -24.24 23.13
N LEU B 482 -1.86 -24.22 24.45
CA LEU B 482 -2.96 -24.12 25.41
C LEU B 482 -2.93 -22.70 26.01
N HIS B 483 -3.74 -21.81 25.45
CA HIS B 483 -3.62 -20.41 25.82
C HIS B 483 -4.13 -20.16 27.25
N ALA B 484 -3.59 -19.12 27.88
CA ALA B 484 -4.01 -18.75 29.23
C ALA B 484 -5.51 -18.45 29.31
N TYR B 485 -6.10 -17.95 28.22
CA TYR B 485 -7.54 -17.72 28.20
C TYR B 485 -8.30 -18.98 28.56
N LEU B 486 -7.89 -20.13 27.98
CA LEU B 486 -8.52 -21.41 28.28
C LEU B 486 -8.11 -21.93 29.64
N GLN B 487 -6.86 -21.71 30.02
CA GLN B 487 -6.40 -22.17 31.33
C GLN B 487 -7.20 -21.53 32.45
N HIS B 488 -7.50 -20.25 32.32
CA HIS B 488 -8.13 -19.53 33.41
C HIS B 488 -9.64 -19.53 33.32
N GLY B 489 -10.18 -19.67 32.11
CA GLY B 489 -11.61 -19.59 31.89
C GLY B 489 -12.37 -20.89 31.97
N GLY B 490 -11.69 -22.04 31.99
CA GLY B 490 -12.39 -23.32 32.00
C GLY B 490 -13.34 -23.52 30.83
N ARG B 491 -14.30 -24.42 31.05
CA ARG B 491 -15.24 -24.79 29.99
C ARG B 491 -15.95 -23.62 29.33
N PRO B 492 -16.41 -22.60 30.06
CA PRO B 492 -17.04 -21.48 29.35
C PRO B 492 -16.11 -20.81 28.36
N ALA B 493 -14.80 -20.79 28.64
CA ALA B 493 -13.83 -20.24 27.69
C ALA B 493 -13.67 -21.14 26.47
N PHE B 494 -13.64 -22.47 26.66
CA PHE B 494 -13.63 -23.38 25.53
C PHE B 494 -14.83 -23.17 24.63
N GLU B 495 -15.99 -22.90 25.23
CA GLU B 495 -17.18 -22.65 24.45
C GLU B 495 -17.07 -21.35 23.65
N VAL B 496 -16.51 -20.31 24.26
CA VAL B 496 -16.39 -19.04 23.56
C VAL B 496 -15.45 -19.17 22.37
N ARG B 497 -14.29 -19.81 22.58
CA ARG B 497 -13.31 -19.88 21.50
C ARG B 497 -13.83 -20.75 20.35
N ALA B 498 -14.62 -21.78 20.65
CA ALA B 498 -15.19 -22.60 19.59
C ALA B 498 -16.18 -21.81 18.75
N VAL B 499 -17.06 -21.03 19.41
CA VAL B 499 -17.99 -20.20 18.65
C VAL B 499 -17.24 -19.20 17.78
N LEU B 500 -16.20 -18.57 18.34
CA LEU B 500 -15.45 -17.56 17.60
C LEU B 500 -14.74 -18.19 16.41
N ALA B 501 -14.01 -19.29 16.63
CA ALA B 501 -13.27 -19.89 15.53
C ALA B 501 -14.21 -20.34 14.42
N ALA B 502 -15.34 -20.95 14.79
CA ALA B 502 -16.22 -21.58 13.79
C ALA B 502 -16.99 -20.56 12.99
N THR B 503 -17.22 -19.37 13.55
CA THR B 503 -18.00 -18.35 12.85
C THR B 503 -17.13 -17.26 12.25
N LEU B 504 -15.87 -17.11 12.69
CA LEU B 504 -15.05 -16.06 12.12
C LEU B 504 -14.20 -16.55 10.97
N SER B 505 -13.91 -17.85 10.87
CA SER B 505 -13.19 -18.35 9.71
C SER B 505 -13.97 -19.49 9.06
N PRO B 506 -14.02 -19.56 7.72
CA PRO B 506 -14.65 -20.72 7.09
C PRO B 506 -13.84 -22.00 7.30
N THR B 507 -12.62 -21.92 7.81
CA THR B 507 -11.89 -23.11 8.21
C THR B 507 -11.46 -22.95 9.66
N TRP B 508 -11.84 -23.94 10.48
CA TRP B 508 -11.44 -23.95 11.88
C TRP B 508 -11.07 -25.38 12.24
N GLY B 509 -10.45 -25.54 13.42
CA GLY B 509 -10.08 -26.85 13.91
C GLY B 509 -9.89 -26.88 15.41
N ILE B 510 -9.90 -28.10 15.95
CA ILE B 510 -9.53 -28.33 17.34
C ILE B 510 -8.61 -29.55 17.39
N TYR B 511 -7.80 -29.60 18.44
CA TYR B 511 -6.95 -30.74 18.71
C TYR B 511 -7.60 -31.55 19.84
N SER B 512 -7.72 -32.87 19.64
CA SER B 512 -8.46 -33.76 20.53
C SER B 512 -8.15 -33.50 22.01
N GLY B 513 -9.21 -33.51 22.81
CA GLY B 513 -9.14 -33.09 24.19
C GLY B 513 -9.63 -31.67 24.39
N TYR B 514 -9.60 -30.84 23.35
CA TYR B 514 -10.30 -29.56 23.42
C TYR B 514 -11.74 -29.75 23.90
N GLU B 515 -12.44 -30.73 23.33
CA GLU B 515 -13.86 -30.86 23.65
C GLU B 515 -14.08 -31.30 25.08
N LEU B 516 -13.07 -31.91 25.69
CA LEU B 516 -13.07 -32.24 27.11
C LEU B 516 -12.59 -31.10 27.99
N CYS B 517 -12.26 -29.96 27.39
CA CYS B 517 -11.83 -28.78 28.13
C CYS B 517 -10.55 -29.05 28.93
N GLU B 518 -9.69 -29.93 28.42
CA GLU B 518 -8.36 -30.12 29.02
C GLU B 518 -7.63 -28.79 29.01
N ASN B 519 -7.24 -28.32 30.21
CA ASN B 519 -6.63 -27.00 30.28
C ASN B 519 -5.58 -26.89 31.37
N THR B 520 -4.94 -28.00 31.74
CA THR B 520 -3.88 -27.96 32.74
C THR B 520 -2.54 -27.69 32.07
N PRO B 521 -1.92 -26.55 32.31
CA PRO B 521 -0.64 -26.24 31.66
C PRO B 521 0.53 -26.99 32.29
N LEU B 522 1.63 -27.00 31.55
CA LEU B 522 2.84 -27.61 32.06
C LEU B 522 3.30 -26.92 33.34
N ARG B 523 3.11 -25.61 33.41
CA ARG B 523 3.43 -24.79 34.58
C ARG B 523 2.82 -23.44 34.27
N GLU B 524 2.70 -22.61 35.32
CA GLU B 524 2.22 -21.26 35.14
C GLU B 524 3.08 -20.49 34.14
N GLY B 525 2.41 -19.77 33.24
CA GLY B 525 3.08 -19.03 32.20
C GLY B 525 3.47 -19.84 31.00
N SER B 526 3.22 -21.15 31.01
CA SER B 526 3.49 -21.97 29.84
C SER B 526 2.23 -22.03 28.97
N GLU B 527 2.43 -22.35 27.69
CA GLU B 527 1.33 -22.71 26.81
C GLU B 527 1.41 -24.17 26.39
N GLU B 528 2.28 -24.95 27.02
CA GLU B 528 2.32 -26.39 26.86
C GLU B 528 1.27 -27.04 27.76
N TYR B 529 0.74 -28.18 27.30
CA TYR B 529 -0.08 -29.04 28.16
C TYR B 529 0.80 -29.80 29.14
N LEU B 530 0.32 -29.94 30.38
CA LEU B 530 0.93 -30.91 31.27
C LEU B 530 0.75 -32.31 30.70
N ASP B 531 1.79 -33.13 30.82
CA ASP B 531 1.76 -34.51 30.34
C ASP B 531 1.37 -34.57 28.87
N SER B 532 2.05 -33.75 28.06
CA SER B 532 1.64 -33.55 26.67
C SER B 532 1.61 -34.87 25.92
N GLU B 533 0.57 -35.02 25.10
CA GLU B 533 0.40 -36.16 24.20
C GLU B 533 1.53 -36.30 23.16
N LYS B 534 2.27 -35.22 22.87
CA LYS B 534 3.41 -35.31 21.97
C LYS B 534 4.45 -36.33 22.45
N TYR B 535 4.51 -36.59 23.76
CA TYR B 535 5.55 -37.42 24.36
C TYR B 535 5.02 -38.64 25.11
N GLN B 536 3.70 -38.86 25.13
CA GLN B 536 3.17 -40.03 25.82
C GLN B 536 1.82 -40.39 25.23
N LEU B 537 1.48 -41.68 25.35
CA LEU B 537 0.13 -42.12 25.03
C LEU B 537 -0.86 -41.41 25.94
N LYS B 538 -2.00 -41.01 25.38
CA LYS B 538 -3.00 -40.23 26.11
C LYS B 538 -4.36 -40.88 25.91
N PRO B 539 -4.64 -41.98 26.60
CA PRO B 539 -5.97 -42.59 26.49
C PRO B 539 -6.99 -41.68 27.11
N ARG B 540 -8.11 -41.50 26.42
CA ARG B 540 -9.19 -40.65 26.90
C ARG B 540 -10.48 -41.47 26.96
N ASP B 541 -11.22 -41.35 28.07
CA ASP B 541 -12.46 -42.12 28.24
C ASP B 541 -13.61 -41.37 27.57
N TRP B 542 -13.73 -41.58 26.26
CA TRP B 542 -14.71 -40.83 25.48
C TRP B 542 -16.13 -41.21 25.88
N THR B 543 -16.35 -42.49 26.17
CA THR B 543 -17.67 -42.96 26.54
C THR B 543 -18.14 -42.31 27.84
N ARG B 544 -17.25 -42.23 28.82
CA ARG B 544 -17.59 -41.62 30.10
C ARG B 544 -17.85 -40.13 29.95
N ALA B 545 -16.98 -39.41 29.23
CA ALA B 545 -17.20 -37.97 29.07
C ALA B 545 -18.54 -37.69 28.39
N ALA B 546 -18.89 -38.51 27.40
CA ALA B 546 -20.16 -38.32 26.69
C ALA B 546 -21.35 -38.54 27.63
N ARG B 547 -21.32 -39.64 28.38
CA ARG B 547 -22.44 -39.99 29.27
C ARG B 547 -22.61 -38.94 30.37
N GLU B 548 -21.50 -38.45 30.93
CA GLU B 548 -21.50 -37.48 32.00
C GLU B 548 -21.62 -36.04 31.53
N GLY B 549 -21.67 -35.80 30.22
CA GLY B 549 -21.91 -34.47 29.73
C GLY B 549 -20.79 -33.50 30.00
N THR B 550 -19.59 -34.00 30.29
CA THR B 550 -18.43 -33.17 30.55
C THR B 550 -17.63 -32.88 29.28
N THR B 551 -18.25 -32.98 28.12
CA THR B 551 -17.63 -32.63 26.85
C THR B 551 -18.49 -31.59 26.15
N ILE B 552 -17.84 -30.69 25.40
CA ILE B 552 -18.56 -29.74 24.56
C ILE B 552 -18.74 -30.26 23.14
N ALA B 553 -18.56 -31.56 22.92
CA ALA B 553 -18.83 -32.13 21.61
C ALA B 553 -20.21 -31.77 21.06
N PRO B 554 -21.28 -31.69 21.85
CA PRO B 554 -22.56 -31.26 21.27
C PRO B 554 -22.54 -29.84 20.72
N LEU B 555 -21.90 -28.90 21.41
CA LEU B 555 -21.77 -27.54 20.89
C LEU B 555 -20.95 -27.53 19.61
N VAL B 556 -19.82 -28.24 19.61
CA VAL B 556 -18.99 -28.36 18.41
C VAL B 556 -19.83 -28.89 17.26
N THR B 557 -20.63 -29.94 17.52
CA THR B 557 -21.47 -30.52 16.47
C THR B 557 -22.46 -29.48 15.94
N ARG B 558 -23.11 -28.77 16.86
CA ARG B 558 -24.08 -27.76 16.45
C ARG B 558 -23.43 -26.67 15.62
N LEU B 559 -22.26 -26.21 16.03
CA LEU B 559 -21.57 -25.16 15.26
C LEU B 559 -21.25 -25.63 13.85
N ASN B 560 -20.79 -26.88 13.70
CA ASN B 560 -20.48 -27.39 12.38
C ASN B 560 -21.74 -27.56 11.56
N THR B 561 -22.85 -27.94 12.21
CA THR B 561 -24.13 -28.01 11.51
C THR B 561 -24.59 -26.62 11.06
N ILE B 562 -24.44 -25.61 11.91
CA ILE B 562 -24.81 -24.25 11.52
C ILE B 562 -23.98 -23.79 10.31
N ARG B 563 -22.68 -24.08 10.30
CA ARG B 563 -21.85 -23.72 9.16
C ARG B 563 -22.33 -24.42 7.88
N ARG B 564 -22.70 -25.69 7.99
CA ARG B 564 -23.12 -26.46 6.83
C ARG B 564 -24.45 -25.96 6.27
N GLU B 565 -25.26 -25.36 7.13
CA GLU B 565 -26.57 -24.89 6.72
C GLU B 565 -26.59 -23.43 6.30
N ASN B 566 -25.52 -22.67 6.52
CA ASN B 566 -25.54 -21.22 6.33
C ASN B 566 -24.37 -20.79 5.44
N PRO B 567 -24.62 -20.52 4.15
CA PRO B 567 -23.52 -20.16 3.25
C PRO B 567 -22.67 -18.99 3.71
N ALA B 568 -23.24 -18.08 4.51
CA ALA B 568 -22.44 -16.95 4.99
C ALA B 568 -21.24 -17.42 5.81
N LEU B 569 -21.36 -18.56 6.47
CA LEU B 569 -20.29 -19.06 7.32
C LEU B 569 -19.27 -19.90 6.56
N ARG B 570 -19.50 -20.15 5.28
CA ARG B 570 -18.57 -20.88 4.42
C ARG B 570 -17.67 -19.96 3.59
N GLN B 571 -17.62 -18.68 3.95
CA GLN B 571 -16.73 -17.74 3.27
C GLN B 571 -16.08 -16.84 4.31
N LEU B 572 -15.14 -16.04 3.86
CA LEU B 572 -14.30 -15.28 4.77
C LEU B 572 -14.46 -13.77 4.65
N ARG B 573 -14.53 -13.24 3.44
CA ARG B 573 -14.30 -11.82 3.22
C ARG B 573 -15.48 -10.94 3.59
N ASP B 574 -16.70 -11.47 3.61
CA ASP B 574 -17.88 -10.69 4.01
C ASP B 574 -18.07 -10.82 5.51
N LEU B 575 -17.73 -9.76 6.23
CA LEU B 575 -17.66 -9.77 7.68
C LEU B 575 -17.72 -8.33 8.14
N HIS B 576 -18.60 -8.03 9.10
CA HIS B 576 -18.74 -6.67 9.59
C HIS B 576 -18.96 -6.72 11.10
N PHE B 577 -18.20 -5.93 11.85
CA PHE B 577 -18.36 -5.83 13.29
C PHE B 577 -19.33 -4.72 13.64
N HIS B 578 -20.32 -5.03 14.49
CA HIS B 578 -21.28 -4.04 14.94
C HIS B 578 -20.96 -3.59 16.36
N PRO B 579 -21.12 -2.30 16.67
CA PRO B 579 -20.72 -1.81 17.99
C PRO B 579 -21.66 -2.26 19.10
N THR B 580 -21.08 -2.59 20.24
CA THR B 580 -21.79 -2.83 21.49
C THR B 580 -21.23 -1.87 22.53
N ASP B 581 -21.90 -1.76 23.67
CA ASP B 581 -21.48 -0.83 24.72
C ASP B 581 -20.77 -1.52 25.89
N LYS B 582 -20.33 -2.76 25.71
CA LYS B 582 -19.56 -3.46 26.73
C LYS B 582 -18.31 -4.04 26.09
N GLU B 583 -17.14 -3.74 26.67
CA GLU B 583 -15.87 -4.18 26.09
C GLU B 583 -15.79 -5.70 25.98
N GLU B 584 -16.49 -6.42 26.85
CA GLU B 584 -16.43 -7.88 26.82
C GLU B 584 -17.40 -8.51 25.81
N VAL B 585 -18.24 -7.74 25.13
CA VAL B 585 -19.23 -8.31 24.21
C VAL B 585 -18.95 -7.83 22.81
N ILE B 586 -18.73 -8.79 21.90
CA ILE B 586 -18.40 -8.49 20.50
C ILE B 586 -19.57 -8.95 19.64
N ALA B 587 -19.81 -8.23 18.55
CA ALA B 587 -20.88 -8.61 17.64
C ALA B 587 -20.40 -8.44 16.22
N TYR B 588 -20.83 -9.35 15.35
CA TYR B 588 -20.44 -9.28 13.95
C TYR B 588 -21.46 -10.05 13.12
N SER B 589 -21.49 -9.75 11.82
CA SER B 589 -22.36 -10.43 10.88
C SER B 589 -21.60 -10.81 9.63
N LYS B 590 -22.14 -11.79 8.90
CA LYS B 590 -21.55 -12.25 7.65
C LYS B 590 -22.69 -12.57 6.69
N ARG B 591 -22.50 -12.29 5.41
CA ARG B 591 -23.57 -12.50 4.46
C ARG B 591 -23.05 -13.18 3.21
N GLN B 592 -23.87 -14.04 2.64
CA GLN B 592 -23.62 -14.67 1.35
C GLN B 592 -24.98 -14.80 0.66
N GLY B 593 -25.15 -14.09 -0.46
CA GLY B 593 -26.47 -14.00 -1.05
C GLY B 593 -27.49 -13.55 -0.01
N SER B 594 -28.62 -14.26 0.05
CA SER B 594 -29.67 -13.89 0.99
C SER B 594 -29.44 -14.43 2.40
N ASN B 595 -28.35 -15.17 2.62
CA ASN B 595 -28.06 -15.73 3.93
C ASN B 595 -27.32 -14.70 4.77
N THR B 596 -27.82 -14.43 5.97
CA THR B 596 -27.17 -13.50 6.88
C THR B 596 -27.07 -14.15 8.25
N VAL B 597 -25.86 -14.16 8.81
CA VAL B 597 -25.64 -14.72 10.15
C VAL B 597 -25.14 -13.60 11.03
N LEU B 598 -25.72 -13.50 12.22
CA LEU B 598 -25.41 -12.45 13.17
C LEU B 598 -24.97 -13.10 14.48
N VAL B 599 -23.77 -12.76 14.94
CA VAL B 599 -23.17 -13.43 16.09
C VAL B 599 -22.90 -12.40 17.18
N VAL B 600 -23.24 -12.74 18.41
CA VAL B 600 -22.96 -11.91 19.58
C VAL B 600 -22.30 -12.82 20.61
N VAL B 601 -21.07 -12.49 21.00
CA VAL B 601 -20.30 -13.34 21.89
C VAL B 601 -19.94 -12.57 23.14
N ASN B 602 -20.10 -13.22 24.29
CA ASN B 602 -19.59 -12.71 25.55
C ASN B 602 -18.19 -13.31 25.74
N LEU B 603 -17.15 -12.46 25.61
CA LEU B 603 -15.78 -12.91 25.77
C LEU B 603 -15.40 -13.18 27.21
N ASP B 604 -16.21 -12.74 28.16
CA ASP B 604 -15.99 -12.96 29.58
C ASP B 604 -16.44 -14.36 29.96
N PRO B 605 -15.53 -15.27 30.31
CA PRO B 605 -15.92 -16.63 30.68
C PRO B 605 -16.30 -16.79 32.15
N ARG B 606 -16.23 -15.73 32.95
CA ARG B 606 -16.50 -15.84 34.38
C ARG B 606 -17.72 -15.05 34.83
N HIS B 607 -18.15 -14.02 34.11
CA HIS B 607 -19.19 -13.12 34.56
C HIS B 607 -20.26 -12.93 33.50
N THR B 608 -21.51 -12.92 33.94
CA THR B 608 -22.61 -12.57 33.06
C THR B 608 -22.43 -11.13 32.58
N GLN B 609 -22.69 -10.91 31.29
CA GLN B 609 -22.54 -9.60 30.68
C GLN B 609 -23.84 -9.23 30.01
N GLU B 610 -24.32 -8.02 30.27
CA GLU B 610 -25.44 -7.43 29.57
C GLU B 610 -24.90 -6.32 28.68
N ALA B 611 -25.50 -6.14 27.51
CA ALA B 611 -25.05 -5.03 26.67
C ALA B 611 -26.14 -4.69 25.68
N THR B 612 -26.01 -3.52 25.09
CA THR B 612 -26.81 -3.13 23.94
C THR B 612 -25.95 -3.32 22.69
N VAL B 613 -26.46 -4.09 21.74
CA VAL B 613 -25.82 -4.26 20.45
C VAL B 613 -26.53 -3.33 19.48
N SER B 614 -25.81 -2.32 19.00
CA SER B 614 -26.39 -1.37 18.07
C SER B 614 -25.98 -1.78 16.65
N LEU B 615 -26.90 -2.43 15.96
CA LEU B 615 -26.60 -2.96 14.63
C LEU B 615 -26.48 -1.83 13.60
N ASP B 616 -25.48 -1.95 12.74
CA ASP B 616 -25.37 -1.10 11.54
C ASP B 616 -26.34 -1.70 10.51
N MET B 617 -27.62 -1.33 10.65
CA MET B 617 -28.71 -1.76 9.77
C MET B 617 -28.35 -1.81 8.29
N PRO B 618 -27.79 -0.77 7.67
CA PRO B 618 -27.50 -0.87 6.22
C PRO B 618 -26.54 -1.99 5.86
N GLN B 619 -25.56 -2.29 6.72
CA GLN B 619 -24.65 -3.41 6.43
C GLN B 619 -25.34 -4.76 6.54
N LEU B 620 -26.54 -4.82 7.14
CA LEU B 620 -27.39 -6.00 7.07
C LEU B 620 -28.37 -5.93 5.92
N GLY B 621 -28.27 -4.90 5.07
CA GLY B 621 -29.24 -4.70 4.01
C GLY B 621 -30.59 -4.20 4.47
N LEU B 622 -30.62 -3.45 5.57
CA LEU B 622 -31.86 -3.07 6.21
C LEU B 622 -31.87 -1.57 6.42
N ASP B 623 -33.07 -1.01 6.62
CA ASP B 623 -33.21 0.39 6.98
C ASP B 623 -33.18 0.55 8.48
N TRP B 624 -32.75 1.74 8.92
CA TRP B 624 -32.43 1.95 10.34
C TRP B 624 -33.60 1.63 11.25
N HIS B 625 -34.83 1.77 10.77
CA HIS B 625 -36.04 1.62 11.56
C HIS B 625 -36.64 0.22 11.48
N GLU B 626 -36.17 -0.62 10.57
CA GLU B 626 -36.67 -1.98 10.45
C GLU B 626 -36.39 -2.78 11.72
N SER B 627 -37.05 -3.92 11.82
CA SER B 627 -36.77 -4.91 12.85
C SER B 627 -36.44 -6.22 12.16
N VAL B 628 -35.34 -6.85 12.58
CA VAL B 628 -34.86 -8.08 11.97
C VAL B 628 -35.38 -9.25 12.80
N PRO B 629 -36.22 -10.12 12.24
CA PRO B 629 -36.56 -11.37 12.94
C PRO B 629 -35.40 -12.36 12.82
N VAL B 630 -34.89 -12.81 13.97
CA VAL B 630 -33.73 -13.69 13.99
C VAL B 630 -34.05 -14.95 14.79
N ARG B 631 -33.37 -16.03 14.43
CA ARG B 631 -33.41 -17.27 15.19
C ARG B 631 -32.02 -17.59 15.71
N ASP B 632 -31.91 -17.83 17.01
CA ASP B 632 -30.65 -18.23 17.64
C ASP B 632 -30.44 -19.73 17.38
N GLU B 633 -29.61 -20.05 16.39
CA GLU B 633 -29.42 -21.45 15.98
C GLU B 633 -28.82 -22.31 17.07
N LEU B 634 -28.28 -21.71 18.13
CA LEU B 634 -27.76 -22.50 19.23
C LEU B 634 -28.89 -23.07 20.07
N THR B 635 -30.02 -22.38 20.14
CA THR B 635 -31.13 -22.76 21.00
C THR B 635 -32.45 -22.96 20.27
N GLY B 636 -32.62 -22.38 19.09
CA GLY B 636 -33.90 -22.40 18.44
C GLY B 636 -34.84 -21.29 18.85
N GLU B 637 -34.51 -20.53 19.90
CA GLU B 637 -35.30 -19.37 20.29
C GLU B 637 -35.32 -18.31 19.18
N THR B 638 -36.45 -17.64 19.04
CA THR B 638 -36.61 -16.57 18.06
C THR B 638 -36.63 -15.24 18.80
N TYR B 639 -36.08 -14.21 18.14
CA TYR B 639 -36.04 -12.87 18.70
C TYR B 639 -36.48 -11.89 17.63
N HIS B 640 -36.81 -10.68 18.06
CA HIS B 640 -37.14 -9.57 17.17
C HIS B 640 -36.15 -8.46 17.46
N TRP B 641 -35.27 -8.18 16.51
CA TRP B 641 -34.10 -7.35 16.75
C TRP B 641 -34.13 -6.17 15.80
N GLY B 642 -33.88 -4.98 16.34
CA GLY B 642 -33.81 -3.80 15.50
C GLY B 642 -32.44 -3.18 15.56
N ARG B 643 -32.37 -1.86 15.35
CA ARG B 643 -31.10 -1.16 15.42
C ARG B 643 -30.42 -1.31 16.78
N ALA B 644 -31.19 -1.55 17.84
CA ALA B 644 -30.61 -1.57 19.18
C ALA B 644 -31.23 -2.68 20.00
N ASN B 645 -30.40 -3.56 20.56
CA ASN B 645 -30.91 -4.80 21.13
C ASN B 645 -30.18 -5.11 22.43
N TYR B 646 -30.97 -5.37 23.48
CA TYR B 646 -30.42 -5.77 24.75
C TYR B 646 -30.10 -7.25 24.72
N VAL B 647 -28.93 -7.61 25.24
CA VAL B 647 -28.51 -9.00 25.33
C VAL B 647 -28.01 -9.25 26.73
N ARG B 648 -28.15 -10.49 27.16
CA ARG B 648 -27.65 -10.89 28.46
C ARG B 648 -27.10 -12.29 28.30
N LEU B 649 -25.79 -12.45 28.49
CA LEU B 649 -25.13 -13.72 28.20
C LEU B 649 -24.46 -14.23 29.46
N GLU B 650 -24.89 -15.42 29.91
CA GLU B 650 -24.46 -16.02 31.16
C GLU B 650 -23.49 -17.17 30.90
N PRO B 651 -22.23 -17.03 31.28
CA PRO B 651 -21.25 -18.08 30.94
C PRO B 651 -21.58 -19.42 31.58
N GLY B 652 -21.37 -20.48 30.81
CA GLY B 652 -21.79 -21.81 31.22
C GLY B 652 -23.14 -22.14 30.63
N ARG B 653 -24.09 -21.20 30.74
CA ARG B 653 -25.40 -21.39 30.15
C ARG B 653 -25.38 -21.07 28.67
N THR B 654 -24.71 -19.99 28.29
CA THR B 654 -24.62 -19.68 26.88
C THR B 654 -23.45 -18.76 26.60
N PRO B 655 -22.55 -19.17 25.70
CA PRO B 655 -21.44 -18.29 25.32
C PRO B 655 -21.86 -17.13 24.43
N ALA B 656 -22.96 -17.28 23.68
CA ALA B 656 -23.16 -16.44 22.52
C ALA B 656 -24.55 -16.67 21.96
N HIS B 657 -24.98 -15.72 21.12
CA HIS B 657 -26.06 -15.92 20.18
C HIS B 657 -25.47 -16.10 18.79
N VAL B 658 -25.87 -17.15 18.10
CA VAL B 658 -25.49 -17.39 16.71
C VAL B 658 -26.79 -17.40 15.91
N CYS B 659 -27.17 -16.25 15.36
CA CYS B 659 -28.48 -16.05 14.78
C CYS B 659 -28.44 -15.99 13.27
N THR B 660 -29.48 -16.55 12.64
CA THR B 660 -29.75 -16.28 11.24
C THR B 660 -30.90 -15.29 11.15
N VAL B 661 -30.81 -14.37 10.19
CA VAL B 661 -31.89 -13.44 9.92
C VAL B 661 -32.93 -14.16 9.07
N LEU B 662 -34.20 -14.05 9.45
CA LEU B 662 -35.28 -14.78 8.81
C LEU B 662 -35.99 -13.90 7.79
N ARG B 663 -36.64 -14.55 6.82
CA ARG B 663 -37.37 -13.82 5.79
C ARG B 663 -38.76 -13.38 6.28
C02 ZD1 C . -6.65 28.17 -13.81
C03 ZD1 C . -7.56 27.95 -14.99
C04 ZD1 C . -8.03 28.91 -15.80
C05 ZD1 C . -8.65 28.60 -17.16
C07 ZD1 C . -7.70 30.36 -15.60
C09 ZD1 C . -8.85 32.48 -15.87
C10 ZD1 C . -9.95 33.35 -15.21
C12 ZD1 C . -11.36 32.96 -15.73
C14 ZD1 C . -11.39 33.05 -17.29
C16 ZD1 C . -10.29 32.05 -17.78
C17 ZD1 C . -10.19 32.01 -19.38
C20 ZD1 C . -6.67 30.63 -14.41
C22 ZD1 C . -6.83 29.61 -13.29
N01 ZD1 C . -7.02 27.20 -12.80
O06 ZD1 C . -7.70 28.83 -18.18
O08 ZD1 C . -8.87 31.14 -15.35
O11 ZD1 C . -9.89 33.10 -13.82
O13 ZD1 C . -12.30 33.89 -15.25
O15 ZD1 C . -12.67 32.60 -17.72
O18 ZD1 C . -9.63 33.26 -19.77
O19 ZD1 C . -9.02 32.45 -17.26
O21 ZD1 C . -5.39 30.37 -14.93
O23 ZD1 C . -8.10 29.83 -12.75
C1 PGE D . -10.50 19.30 -4.52
O1 PGE D . -11.19 18.31 -3.78
C2 PGE D . -9.65 20.10 -3.54
O2 PGE D . -9.77 21.48 -3.79
C3 PGE D . -9.55 22.22 -2.61
C4 PGE D . -10.17 23.62 -2.71
O4 PGE D . -10.14 22.44 1.80
C6 PGE D . -10.93 22.89 0.73
C5 PGE D . -10.01 23.47 -0.35
O3 PGE D . -10.72 23.96 -1.46
C1 PGE E . 28.38 -4.86 -9.53
O1 PGE E . 29.52 -5.67 -9.74
C2 PGE E . 28.46 -4.27 -8.13
O2 PGE E . 27.67 -5.08 -7.29
C3 PGE E . 27.66 -4.69 -5.95
C4 PGE E . 27.77 -5.91 -5.02
O4 PGE E . 31.23 -5.29 -2.92
C6 PGE E . 30.69 -6.60 -2.84
C5 PGE E . 29.76 -6.84 -4.04
O3 PGE E . 28.92 -5.73 -4.21
C1 PEG F . 20.56 13.73 7.80
O1 PEG F . 22.02 13.77 8.06
C2 PEG F . 20.34 13.09 6.39
O2 PEG F . 21.22 13.81 5.45
C3 PEG F . 21.42 13.15 4.15
C4 PEG F . 22.50 13.97 3.38
O4 PEG F . 23.79 13.26 3.47
C02 ZD1 G . 5.80 -27.48 15.42
C03 ZD1 G . 7.24 -27.90 15.18
C04 ZD1 G . 7.82 -28.99 15.72
C05 ZD1 G . 9.19 -29.47 15.31
C07 ZD1 G . 7.08 -29.97 16.61
C09 ZD1 G . 7.57 -31.32 18.54
C10 ZD1 G . 7.82 -31.21 20.08
C12 ZD1 G . 9.31 -30.96 20.35
C14 ZD1 G . 10.13 -32.10 19.72
C16 ZD1 G . 9.83 -32.08 18.19
C17 ZD1 G . 10.64 -33.18 17.37
C20 ZD1 G . 5.53 -29.57 16.81
C22 ZD1 G . 5.28 -28.06 16.76
N01 ZD1 G . 5.80 -26.03 15.54
O06 ZD1 G . 9.06 -30.60 14.46
O08 ZD1 G . 7.71 -30.08 17.90
O11 ZD1 G . 7.06 -30.13 20.56
O13 ZD1 G . 9.49 -31.05 21.76
O15 ZD1 G . 11.50 -31.81 19.94
O18 ZD1 G . 10.24 -34.48 17.81
O19 ZD1 G . 8.46 -32.26 17.96
O21 ZD1 G . 4.89 -29.94 15.63
O23 ZD1 G . 5.91 -27.45 17.88
C1 PGE H . -23.33 -13.59 -3.91
O1 PGE H . -24.50 -13.71 -4.68
C2 PGE H . -23.55 -12.44 -2.93
O2 PGE H . -22.56 -12.46 -1.94
C3 PGE H . -22.89 -11.79 -0.74
C4 PGE H . -23.85 -10.64 -1.03
O4 PGE H . -26.75 -8.20 -1.38
C6 PGE H . -26.24 -9.39 -0.83
C5 PGE H . -25.07 -8.97 0.04
O3 PGE H . -24.20 -10.05 0.19
C1 PGE I . 5.55 -13.16 16.45
O1 PGE I . 6.81 -12.69 16.85
C2 PGE I . 5.47 -14.64 16.79
O2 PGE I . 4.16 -14.90 17.19
C3 PGE I . 4.04 -15.94 18.13
C4 PGE I . 2.87 -15.53 19.04
O4 PGE I . 1.25 -12.70 21.19
C6 PGE I . 2.51 -13.31 21.15
C5 PGE I . 2.35 -14.82 21.20
O3 PGE I . 3.30 -15.46 20.38
#